data_9N39
#
_entry.id   9N39
#
_cell.length_a   93.479
_cell.length_b   93.479
_cell.length_c   410.378
_cell.angle_alpha   90.000
_cell.angle_beta   90.000
_cell.angle_gamma   120.000
#
_symmetry.space_group_name_H-M   'P 61'
#
loop_
_entity.id
_entity.type
_entity.pdbx_description
1 polymer 'DNA gyrase subunit B fusion with DNA gyrase subunit A'
2 polymer "DNA (5'-D(P*AP*GP*CP*CP*GP*TP*AP*GP*GP*GP*CP*CP*CP*TP*AP*CP*GP*GP*CP*T)-3')"
3 non-polymer 'MANGANESE (II) ION'
4 non-polymer N-{(2r,5r)-2-[2-(6-methoxyquinolin-4-yl)ethyl]-1,3-dioxan-5-yl}-3-oxo-3,4-dihydro-2H-1,4-benzoxazine-6-carboxamide
5 water water
#
loop_
_entity_poly.entity_id
_entity_poly.type
_entity_poly.pdbx_seq_one_letter_code
_entity_poly.pdbx_strand_id
1 'polypeptide(L)'
;GMDVASLPGKLADCSSKSPEECEIFLVEGDSAGGSTKSGRDSRTQAILPLRGKILNVEKARLDRILNNNEIRQMITAFGT
GIGGDFDLAKARYHKIVIMTDADVDGAHIRTLLLTFFYRFMRPLIEAGYVYIAQPPTGYKGLGEMNADQLWETTMNPEHR
ALLQVKLEDAIEADQTFEMLMGDVVENRRQFIEDNAVYANLDFAELPQSRINERNITSEMRESFLDYAMSVIVARALPDV
RDGLKPVHRRILYGLNEQGMTPDKSYKKSARIVGDVMGKYHPHGDSSIYEAMVRMAQDFSYRYPLVDGQGNFGSMDGDGA
AAMRFTEARMTKITLELLRDINKDTIDFIDNYDGNEREPSVLPARFPNLLANGASGIAVGMATNIPPHNLTELINGVLSL
SKNPDISIAELMEDIEGPDFPTAGLILGKSGIRRAYETGRGSIQMRSRAVIEERGGGRQRIVVTEIPFQVNKARMIEKIA
ELVRDKKIDGITDLRDETSLRTGVRVVIDVRKDANASVILNNLYKQTPLQTSFGVNMIALVNGRPKLINLKEALVHYLEH
QKTVVRRRTQYNLRKAKDRAHILEGLRIALDHIDEIISTIRESDTDKVAMESLQQRFKLSEKQAQAILDMRLRRLTGLER
DKIEAEYNELLNYISELETILADEEVLLQLVRDELTEIRDRFGDDRRTEIQLG
;
A,B
2 'polydeoxyribonucleotide' (DA)(DG)(DC)(DC)(DG)(DT)(DA)(DG)(DG)(DG)(DC)(DC)(DC)(DT)(DA)(DC)(DG)(DG)(DC)(DT) C,D
#
loop_
_chem_comp.id
_chem_comp.type
_chem_comp.name
_chem_comp.formula
A1BVQ non-polymer N-{(2r,5r)-2-[2-(6-methoxyquinolin-4-yl)ethyl]-1,3-dioxan-5-yl}-3-oxo-3,4-dihydro-2H-1,4-benzoxazine-6-carboxamide 'C25 H25 N3 O6'
DA DNA linking 2'-DEOXYADENOSINE-5'-MONOPHOSPHATE 'C10 H14 N5 O6 P'
DC DNA linking 2'-DEOXYCYTIDINE-5'-MONOPHOSPHATE 'C9 H14 N3 O7 P'
DG DNA linking 2'-DEOXYGUANOSINE-5'-MONOPHOSPHATE 'C10 H14 N5 O7 P'
DT DNA linking THYMIDINE-5'-MONOPHOSPHATE 'C10 H15 N2 O8 P'
MN non-polymer 'MANGANESE (II) ION' 'Mn 2'
#
# COMPACT_ATOMS: atom_id res chain seq x y z
N GLY A 9 -9.69 4.19 27.90
CA GLY A 9 -10.22 3.39 26.78
C GLY A 9 -11.05 4.25 25.82
N LYS A 10 -11.18 3.79 24.57
CA LYS A 10 -11.79 4.58 23.54
C LYS A 10 -13.31 4.57 23.67
N LEU A 11 -13.85 4.29 24.88
CA LEU A 11 -15.29 4.35 25.16
C LEU A 11 -15.79 5.75 24.84
N ALA A 12 -16.78 5.86 23.95
CA ALA A 12 -17.46 7.13 23.71
C ALA A 12 -18.86 7.01 24.28
N ASP A 13 -19.04 7.47 25.51
CA ASP A 13 -20.32 7.23 26.18
C ASP A 13 -21.38 8.15 25.60
N CYS A 14 -22.64 7.86 25.90
CA CYS A 14 -23.73 8.75 25.54
C CYS A 14 -24.00 9.73 26.69
N SER A 15 -24.95 10.64 26.51
CA SER A 15 -25.21 11.70 27.48
C SER A 15 -26.34 11.34 28.48
N SER A 16 -27.47 10.78 28.02
CA SER A 16 -28.42 10.18 28.96
C SER A 16 -27.70 9.22 29.91
N LYS A 17 -28.31 8.93 31.06
CA LYS A 17 -27.71 8.00 32.02
C LYS A 17 -28.64 6.82 32.24
N SER A 18 -29.91 7.10 32.52
CA SER A 18 -30.88 6.06 32.75
C SER A 18 -30.74 4.97 31.67
N PRO A 19 -30.19 3.78 32.06
CA PRO A 19 -29.90 2.71 31.12
C PRO A 19 -31.10 2.13 30.37
N GLU A 20 -32.33 2.40 30.82
CA GLU A 20 -33.44 1.78 30.11
C GLU A 20 -33.40 2.18 28.64
N GLU A 21 -32.83 3.35 28.32
CA GLU A 21 -32.90 3.91 26.97
C GLU A 21 -31.51 4.06 26.33
N CYS A 22 -30.47 3.49 26.94
CA CYS A 22 -29.09 3.64 26.47
C CYS A 22 -28.56 2.33 25.88
N GLU A 23 -27.76 2.44 24.80
CA GLU A 23 -27.28 1.28 24.06
C GLU A 23 -25.76 1.41 23.94
N ILE A 24 -25.04 0.28 23.90
CA ILE A 24 -23.60 0.33 23.58
C ILE A 24 -23.27 -0.61 22.42
N PHE A 25 -22.57 -0.06 21.42
CA PHE A 25 -22.20 -0.80 20.23
C PHE A 25 -20.72 -1.18 20.38
N LEU A 26 -20.46 -2.50 20.32
CA LEU A 26 -19.11 -3.02 20.27
C LEU A 26 -18.71 -3.22 18.81
N VAL A 27 -17.56 -2.69 18.42
CA VAL A 27 -17.05 -2.78 17.06
C VAL A 27 -15.58 -3.23 17.12
N GLU A 28 -14.96 -3.54 15.96
CA GLU A 28 -13.72 -4.30 15.94
C GLU A 28 -12.53 -3.43 16.28
N GLY A 29 -12.58 -2.16 15.85
CA GLY A 29 -11.56 -1.19 16.22
C GLY A 29 -11.97 0.22 15.82
N ASP A 30 -11.00 1.14 15.75
CA ASP A 30 -11.27 2.57 15.67
C ASP A 30 -11.76 2.97 14.27
N SER A 31 -11.36 2.25 13.23
CA SER A 31 -11.82 2.51 11.87
C SER A 31 -13.34 2.36 11.78
N ALA A 32 -13.86 1.31 12.43
CA ALA A 32 -15.28 1.08 12.51
C ALA A 32 -15.90 2.09 13.46
N GLY A 33 -15.15 2.39 14.52
CA GLY A 33 -15.58 3.29 15.57
C GLY A 33 -15.97 4.66 15.02
N GLY A 34 -15.12 5.21 14.14
CA GLY A 34 -15.29 6.56 13.65
C GLY A 34 -16.58 6.70 12.83
N SER A 35 -16.78 5.78 11.88
CA SER A 35 -18.04 5.73 11.16
C SER A 35 -19.21 5.57 12.11
N THR A 36 -19.01 4.84 13.22
CA THR A 36 -20.09 4.55 14.16
C THR A 36 -20.38 5.80 15.00
N LYS A 37 -19.32 6.47 15.46
CA LYS A 37 -19.37 7.70 16.24
C LYS A 37 -19.92 8.87 15.45
N SER A 38 -19.56 9.04 14.17
CA SER A 38 -20.15 10.07 13.33
C SER A 38 -21.61 9.76 12.98
N GLY A 39 -21.97 8.48 12.96
CA GLY A 39 -23.30 8.10 12.51
C GLY A 39 -24.32 8.20 13.62
N ARG A 40 -23.90 7.86 14.85
CA ARG A 40 -24.84 7.50 15.90
C ARG A 40 -25.60 8.71 16.41
N ASP A 41 -26.68 8.45 17.17
CA ASP A 41 -27.34 9.44 18.01
C ASP A 41 -26.74 9.32 19.40
N SER A 42 -25.92 10.31 19.76
CA SER A 42 -25.05 10.21 20.94
C SER A 42 -25.80 10.52 22.24
N ARG A 43 -27.10 10.81 22.19
CA ARG A 43 -27.84 10.95 23.43
C ARG A 43 -28.05 9.56 24.07
N THR A 44 -28.23 8.51 23.26
CA THR A 44 -28.58 7.20 23.78
C THR A 44 -27.62 6.09 23.36
N GLN A 45 -26.57 6.38 22.58
CA GLN A 45 -25.77 5.36 21.93
C GLN A 45 -24.31 5.53 22.27
N ALA A 46 -23.79 4.64 23.11
CA ALA A 46 -22.37 4.61 23.39
C ALA A 46 -21.69 3.67 22.39
N ILE A 47 -20.39 3.91 22.16
CA ILE A 47 -19.61 3.07 21.26
C ILE A 47 -18.33 2.62 21.96
N LEU A 48 -18.09 1.30 21.94
CA LEU A 48 -16.83 0.80 22.42
C LEU A 48 -16.12 -0.01 21.33
N PRO A 49 -15.05 0.53 20.75
CA PRO A 49 -14.19 -0.24 19.87
C PRO A 49 -13.30 -1.22 20.64
N LEU A 50 -13.15 -2.46 20.13
CA LEU A 50 -12.17 -3.40 20.64
C LEU A 50 -10.86 -3.25 19.84
N ARG A 51 -10.08 -4.34 19.73
CA ARG A 51 -8.89 -4.39 18.89
C ARG A 51 -8.78 -5.77 18.23
N GLY A 52 -9.59 -6.02 17.22
CA GLY A 52 -9.50 -7.29 16.50
C GLY A 52 -9.90 -8.48 17.37
N LYS A 53 -9.26 -9.61 17.12
CA LYS A 53 -9.67 -10.84 17.77
C LYS A 53 -9.47 -10.64 19.28
N ILE A 54 -10.54 -10.88 20.06
CA ILE A 54 -10.47 -10.93 21.51
C ILE A 54 -10.05 -12.33 21.98
N LEU A 55 -9.62 -12.40 23.23
CA LEU A 55 -9.28 -13.65 23.88
C LEU A 55 -10.44 -14.64 23.89
N ASN A 56 -10.10 -15.93 23.69
CA ASN A 56 -11.03 -17.02 23.86
C ASN A 56 -11.04 -17.46 25.32
N VAL A 57 -12.11 -17.12 26.04
CA VAL A 57 -12.13 -17.30 27.49
C VAL A 57 -12.29 -18.79 27.82
N GLU A 58 -13.10 -19.49 27.03
CA GLU A 58 -13.21 -20.95 27.10
C GLU A 58 -11.84 -21.64 27.15
N LYS A 59 -10.80 -21.11 26.50
CA LYS A 59 -9.49 -21.73 26.47
C LYS A 59 -8.44 -21.01 27.33
N ALA A 60 -8.80 -19.94 28.04
CA ALA A 60 -7.81 -19.27 28.88
C ALA A 60 -8.17 -19.43 30.36
N ARG A 61 -7.13 -19.43 31.21
CA ARG A 61 -7.31 -19.35 32.66
C ARG A 61 -7.55 -17.91 33.11
N LEU A 62 -8.01 -17.75 34.36
CA LEU A 62 -8.62 -16.54 34.84
C LEU A 62 -7.57 -15.44 34.97
N ASP A 63 -6.32 -15.78 35.35
CA ASP A 63 -5.30 -14.74 35.49
C ASP A 63 -5.21 -13.95 34.18
N ARG A 64 -5.24 -14.67 33.06
CA ARG A 64 -5.05 -14.09 31.74
C ARG A 64 -6.29 -13.31 31.27
N ILE A 65 -7.49 -13.86 31.50
CA ILE A 65 -8.71 -13.16 31.14
C ILE A 65 -8.66 -11.75 31.76
N LEU A 66 -8.47 -11.66 33.09
CA LEU A 66 -8.65 -10.42 33.84
C LEU A 66 -7.49 -9.46 33.61
N ASN A 67 -6.36 -9.93 33.05
CA ASN A 67 -5.31 -9.05 32.52
C ASN A 67 -5.66 -8.40 31.17
N ASN A 68 -6.59 -8.98 30.43
CA ASN A 68 -6.87 -8.55 29.07
C ASN A 68 -7.58 -7.19 29.04
N ASN A 69 -6.98 -6.24 28.31
CA ASN A 69 -7.48 -4.88 28.20
C ASN A 69 -8.93 -4.83 27.73
N GLU A 70 -9.19 -5.48 26.60
CA GLU A 70 -10.50 -5.40 25.99
C GLU A 70 -11.53 -5.97 26.94
N ILE A 71 -11.20 -7.07 27.62
CA ILE A 71 -12.11 -7.65 28.59
C ILE A 71 -12.39 -6.62 29.69
N ARG A 72 -11.33 -6.00 30.21
CA ARG A 72 -11.48 -5.06 31.29
C ARG A 72 -12.39 -3.92 30.88
N GLN A 73 -12.06 -3.29 29.76
CA GLN A 73 -12.87 -2.23 29.23
C GLN A 73 -14.33 -2.66 29.16
N MET A 74 -14.62 -3.86 28.70
CA MET A 74 -16.02 -4.21 28.56
C MET A 74 -16.69 -4.26 29.94
N ILE A 75 -15.95 -4.79 30.93
CA ILE A 75 -16.50 -4.96 32.26
C ILE A 75 -16.83 -3.59 32.86
N THR A 76 -15.81 -2.72 32.97
CA THR A 76 -16.01 -1.34 33.38
C THR A 76 -17.26 -0.74 32.71
N ALA A 77 -17.25 -0.77 31.38
CA ALA A 77 -18.26 -0.08 30.60
C ALA A 77 -19.65 -0.55 31.01
N PHE A 78 -19.82 -1.84 31.30
CA PHE A 78 -21.17 -2.40 31.48
C PHE A 78 -21.65 -2.23 32.92
N GLY A 79 -20.69 -2.20 33.85
CA GLY A 79 -20.93 -1.89 35.26
C GLY A 79 -21.59 -3.00 36.08
N THR A 80 -21.74 -4.22 35.54
CA THR A 80 -22.38 -5.31 36.27
C THR A 80 -21.39 -6.13 37.10
N GLY A 81 -20.07 -5.96 36.92
CA GLY A 81 -19.12 -6.93 37.43
C GLY A 81 -19.28 -8.27 36.69
N ILE A 82 -18.68 -9.34 37.24
CA ILE A 82 -18.62 -10.64 36.55
C ILE A 82 -18.78 -11.80 37.56
N GLY A 83 -19.21 -12.96 37.04
CA GLY A 83 -19.33 -14.17 37.86
C GLY A 83 -20.51 -14.09 38.82
N GLY A 84 -20.25 -14.46 40.09
CA GLY A 84 -21.22 -14.32 41.16
C GLY A 84 -21.35 -12.86 41.60
N ASP A 85 -20.28 -12.07 41.41
CA ASP A 85 -20.32 -10.63 41.63
C ASP A 85 -21.18 -9.92 40.59
N PHE A 86 -21.70 -10.66 39.60
CA PHE A 86 -22.55 -10.07 38.57
C PHE A 86 -23.79 -9.41 39.20
N ASP A 87 -24.34 -8.41 38.52
CA ASP A 87 -25.43 -7.61 39.06
C ASP A 87 -26.15 -6.81 37.97
N LEU A 88 -27.32 -7.32 37.58
CA LEU A 88 -28.14 -6.74 36.52
C LEU A 88 -28.59 -5.32 36.88
N ALA A 89 -28.76 -5.03 38.18
CA ALA A 89 -29.11 -3.71 38.66
C ALA A 89 -28.13 -2.66 38.12
N LYS A 90 -26.83 -2.96 38.16
CA LYS A 90 -25.79 -1.97 37.91
C LYS A 90 -25.47 -1.82 36.42
N ALA A 91 -26.24 -2.48 35.56
CA ALA A 91 -26.13 -2.31 34.12
C ALA A 91 -26.25 -0.83 33.75
N ARG A 92 -25.31 -0.36 32.93
CA ARG A 92 -25.30 1.00 32.40
C ARG A 92 -26.03 1.11 31.06
N TYR A 93 -26.43 -0.04 30.48
CA TYR A 93 -27.12 -0.11 29.21
C TYR A 93 -28.04 -1.32 29.23
N HIS A 94 -29.25 -1.18 28.69
CA HIS A 94 -30.19 -2.27 28.59
C HIS A 94 -30.11 -2.92 27.21
N LYS A 95 -29.29 -2.37 26.30
CA LYS A 95 -28.96 -3.06 25.06
C LYS A 95 -27.46 -3.00 24.81
N ILE A 96 -26.82 -4.19 24.77
CA ILE A 96 -25.45 -4.33 24.33
C ILE A 96 -25.46 -4.92 22.92
N VAL A 97 -24.93 -4.16 21.97
CA VAL A 97 -25.12 -4.51 20.57
C VAL A 97 -23.77 -4.91 19.96
N ILE A 98 -23.71 -6.16 19.50
CA ILE A 98 -22.52 -6.64 18.82
C ILE A 98 -22.62 -6.27 17.35
N MET A 99 -21.70 -5.42 16.90
CA MET A 99 -21.63 -4.95 15.53
C MET A 99 -20.22 -5.17 14.98
N THR A 100 -19.91 -6.40 14.61
CA THR A 100 -18.64 -6.67 13.98
C THR A 100 -18.81 -6.50 12.48
N ASP A 101 -17.66 -6.53 11.78
CA ASP A 101 -17.60 -6.33 10.34
C ASP A 101 -18.43 -7.44 9.68
N ALA A 102 -18.99 -7.16 8.50
CA ALA A 102 -19.81 -8.13 7.80
C ALA A 102 -18.96 -9.13 7.00
N ASP A 103 -17.94 -9.73 7.62
CA ASP A 103 -17.10 -10.74 6.99
C ASP A 103 -16.96 -11.98 7.91
N VAL A 104 -16.14 -12.96 7.50
CA VAL A 104 -16.01 -14.20 8.25
C VAL A 104 -15.22 -13.95 9.56
N ASP A 105 -14.19 -13.10 9.51
CA ASP A 105 -13.46 -12.79 10.72
C ASP A 105 -14.42 -12.12 11.70
N GLY A 106 -15.46 -11.46 11.18
CA GLY A 106 -16.46 -10.86 12.05
C GLY A 106 -17.43 -11.89 12.67
N ALA A 107 -17.77 -12.95 11.96
CA ALA A 107 -18.45 -14.04 12.61
C ALA A 107 -17.58 -14.54 13.77
N HIS A 108 -16.26 -14.65 13.53
CA HIS A 108 -15.43 -15.30 14.53
C HIS A 108 -15.41 -14.46 15.80
N ILE A 109 -15.20 -13.14 15.67
CA ILE A 109 -15.15 -12.22 16.81
C ILE A 109 -16.50 -12.17 17.51
N ARG A 110 -17.60 -12.37 16.77
CA ARG A 110 -18.90 -12.54 17.39
C ARG A 110 -18.91 -13.78 18.30
N THR A 111 -18.27 -14.87 17.86
CA THR A 111 -18.39 -16.11 18.62
C THR A 111 -17.58 -15.99 19.89
N LEU A 112 -16.45 -15.26 19.81
CA LEU A 112 -15.55 -15.01 20.92
C LEU A 112 -16.19 -14.11 21.98
N LEU A 113 -16.97 -13.13 21.51
CA LEU A 113 -17.64 -12.19 22.38
C LEU A 113 -18.77 -12.89 23.10
N LEU A 114 -19.63 -13.62 22.39
CA LEU A 114 -20.67 -14.42 23.01
C LEU A 114 -20.12 -15.45 24.01
N THR A 115 -18.93 -16.02 23.75
CA THR A 115 -18.28 -16.97 24.66
C THR A 115 -17.93 -16.26 25.97
N PHE A 116 -17.50 -15.00 25.88
CA PHE A 116 -17.19 -14.22 27.07
C PHE A 116 -18.45 -13.96 27.91
N PHE A 117 -19.56 -13.56 27.28
CA PHE A 117 -20.77 -13.16 27.99
C PHE A 117 -21.45 -14.37 28.62
N TYR A 118 -21.44 -15.51 27.93
CA TYR A 118 -22.07 -16.73 28.42
C TYR A 118 -21.35 -17.27 29.66
N ARG A 119 -20.03 -17.12 29.73
CA ARG A 119 -19.24 -17.73 30.80
C ARG A 119 -19.05 -16.78 31.98
N PHE A 120 -19.31 -15.48 31.77
CA PHE A 120 -19.03 -14.48 32.78
C PHE A 120 -20.22 -13.55 33.05
N MET A 121 -21.24 -13.56 32.18
CA MET A 121 -22.31 -12.59 32.27
C MET A 121 -23.61 -13.19 31.75
N ARG A 122 -23.83 -14.46 32.10
CA ARG A 122 -24.94 -15.21 31.55
C ARG A 122 -26.29 -14.55 31.85
N PRO A 123 -26.51 -13.92 33.02
CA PRO A 123 -27.80 -13.29 33.30
C PRO A 123 -28.15 -12.13 32.35
N LEU A 124 -27.10 -11.46 31.87
CA LEU A 124 -27.22 -10.45 30.84
C LEU A 124 -27.96 -11.05 29.63
N ILE A 125 -27.59 -12.27 29.25
CA ILE A 125 -28.22 -12.95 28.13
C ILE A 125 -29.62 -13.39 28.55
N GLU A 126 -29.76 -14.01 29.74
CA GLU A 126 -31.05 -14.48 30.27
C GLU A 126 -32.09 -13.36 30.28
N ALA A 127 -31.62 -12.12 30.43
CA ALA A 127 -32.47 -10.95 30.57
C ALA A 127 -32.71 -10.20 29.25
N GLY A 128 -32.09 -10.63 28.14
CA GLY A 128 -32.43 -10.05 26.84
C GLY A 128 -31.63 -8.79 26.50
N TYR A 129 -30.55 -8.52 27.21
CA TYR A 129 -29.78 -7.30 27.00
C TYR A 129 -28.78 -7.41 25.85
N VAL A 130 -28.56 -8.60 25.29
CA VAL A 130 -27.53 -8.77 24.27
C VAL A 130 -28.18 -8.84 22.88
N TYR A 131 -27.50 -8.24 21.89
CA TYR A 131 -28.03 -8.08 20.56
C TYR A 131 -26.93 -8.24 19.52
N ILE A 132 -27.36 -8.56 18.29
CA ILE A 132 -26.51 -8.62 17.11
C ILE A 132 -27.07 -7.68 16.07
N ALA A 133 -26.27 -6.67 15.73
CA ALA A 133 -26.59 -5.76 14.66
C ALA A 133 -26.41 -6.50 13.36
N GLN A 134 -27.00 -5.98 12.27
CA GLN A 134 -26.89 -6.63 10.97
C GLN A 134 -26.46 -5.64 9.88
N PRO A 135 -25.17 -5.24 9.82
CA PRO A 135 -24.72 -4.35 8.77
C PRO A 135 -24.85 -5.01 7.39
N PRO A 136 -24.79 -4.25 6.27
CA PRO A 136 -24.70 -4.87 4.95
C PRO A 136 -23.30 -5.39 4.63
N THR A 137 -23.25 -6.46 3.83
CA THR A 137 -22.02 -6.97 3.26
C THR A 137 -21.64 -6.08 2.08
N GLY A 138 -20.55 -6.44 1.41
CA GLY A 138 -20.00 -5.60 0.36
C GLY A 138 -18.88 -4.70 0.88
N TYR A 139 -18.82 -4.53 2.21
CA TYR A 139 -17.84 -3.63 2.81
C TYR A 139 -16.91 -4.42 3.72
N LYS A 140 -15.58 -4.25 3.52
CA LYS A 140 -14.59 -5.02 4.26
C LYS A 140 -14.89 -4.88 5.75
N GLY A 141 -14.87 -3.62 6.20
CA GLY A 141 -15.28 -3.26 7.54
C GLY A 141 -16.15 -2.01 7.49
N LEU A 142 -16.67 -1.59 8.65
CA LEU A 142 -17.61 -0.47 8.71
C LEU A 142 -16.89 0.82 8.31
N GLY A 143 -15.55 0.82 8.45
CA GLY A 143 -14.69 1.94 8.07
C GLY A 143 -14.79 2.30 6.59
N GLU A 144 -15.31 1.37 5.76
CA GLU A 144 -15.57 1.61 4.35
C GLU A 144 -16.98 2.18 4.13
N MET A 145 -17.75 2.39 5.21
CA MET A 145 -19.09 2.92 5.07
C MET A 145 -19.13 4.38 5.49
N ASN A 146 -19.97 5.16 4.82
CA ASN A 146 -20.22 6.51 5.27
C ASN A 146 -21.20 6.42 6.44
N ALA A 147 -21.04 7.40 7.35
CA ALA A 147 -21.79 7.47 8.60
C ALA A 147 -23.29 7.58 8.36
N ASP A 148 -23.71 8.29 7.31
CA ASP A 148 -25.11 8.43 6.93
C ASP A 148 -25.76 7.06 6.69
N GLN A 149 -25.02 6.18 6.00
CA GLN A 149 -25.51 4.88 5.58
C GLN A 149 -25.53 3.87 6.74
N LEU A 150 -24.53 3.96 7.62
CA LEU A 150 -24.41 3.07 8.77
C LEU A 150 -25.47 3.44 9.78
N TRP A 151 -25.94 4.70 9.73
CA TRP A 151 -27.08 5.11 10.53
C TRP A 151 -28.37 4.50 10.00
N GLU A 152 -28.59 4.54 8.68
CA GLU A 152 -29.86 4.13 8.12
C GLU A 152 -30.08 2.62 8.29
N THR A 153 -29.08 1.86 7.87
CA THR A 153 -29.15 0.41 7.79
C THR A 153 -29.21 -0.21 9.19
N THR A 154 -28.37 0.27 10.10
CA THR A 154 -27.87 -0.57 11.19
C THR A 154 -28.23 -0.02 12.57
N MET A 155 -28.18 1.30 12.72
CA MET A 155 -28.11 1.90 14.04
C MET A 155 -29.39 2.63 14.41
N ASN A 156 -30.12 3.14 13.41
CA ASN A 156 -31.29 3.95 13.62
C ASN A 156 -32.45 3.05 14.03
N PRO A 157 -33.07 3.26 15.20
CA PRO A 157 -34.06 2.34 15.73
C PRO A 157 -35.42 2.35 15.02
N GLU A 158 -35.58 3.23 14.03
CA GLU A 158 -36.81 3.23 13.24
C GLU A 158 -36.67 2.33 12.02
N HIS A 159 -35.44 1.94 11.67
CA HIS A 159 -35.19 1.19 10.44
C HIS A 159 -34.50 -0.15 10.70
N ARG A 160 -33.40 -0.15 11.45
CA ARG A 160 -32.51 -1.30 11.61
C ARG A 160 -33.25 -2.58 12.00
N ALA A 161 -32.67 -3.73 11.65
CA ALA A 161 -33.06 -5.04 12.16
C ALA A 161 -32.02 -5.55 13.17
N LEU A 162 -32.42 -5.56 14.44
CA LEU A 162 -31.65 -6.17 15.52
C LEU A 162 -32.08 -7.59 15.81
N LEU A 163 -31.10 -8.45 16.00
CA LEU A 163 -31.34 -9.76 16.58
C LEU A 163 -31.15 -9.67 18.08
N GLN A 164 -32.06 -10.29 18.81
CA GLN A 164 -31.92 -10.36 20.25
C GLN A 164 -31.58 -11.80 20.64
N VAL A 165 -30.44 -11.98 21.33
CA VAL A 165 -29.86 -13.29 21.60
C VAL A 165 -30.69 -13.91 22.72
N LYS A 166 -31.06 -15.20 22.58
CA LYS A 166 -31.92 -15.93 23.51
C LYS A 166 -31.26 -17.25 23.93
N LEU A 167 -31.26 -17.55 25.24
CA LEU A 167 -30.75 -18.82 25.74
C LEU A 167 -31.95 -19.71 26.03
N GLU A 168 -31.94 -20.97 25.56
CA GLU A 168 -33.05 -21.88 25.73
C GLU A 168 -32.63 -23.05 26.64
N ASP A 169 -32.12 -24.13 26.04
CA ASP A 169 -31.52 -25.19 26.82
C ASP A 169 -30.10 -24.76 27.21
N ALA A 170 -29.92 -24.46 28.50
CA ALA A 170 -28.60 -24.09 28.99
C ALA A 170 -27.63 -25.27 28.94
N ILE A 171 -28.14 -26.50 28.90
CA ILE A 171 -27.30 -27.69 28.84
C ILE A 171 -26.74 -27.81 27.43
N GLU A 172 -27.60 -27.56 26.44
CA GLU A 172 -27.17 -27.60 25.06
C GLU A 172 -26.10 -26.54 24.85
N ALA A 173 -26.39 -25.33 25.36
CA ALA A 173 -25.50 -24.19 25.22
C ALA A 173 -24.13 -24.53 25.80
N ASP A 174 -24.08 -25.14 27.00
CA ASP A 174 -22.81 -25.47 27.61
C ASP A 174 -22.06 -26.42 26.68
N GLN A 175 -22.77 -27.41 26.14
CA GLN A 175 -22.15 -28.42 25.28
C GLN A 175 -21.54 -27.70 24.08
N THR A 176 -22.29 -26.74 23.52
CA THR A 176 -21.90 -26.02 22.33
C THR A 176 -20.65 -25.16 22.55
N PHE A 177 -20.67 -24.35 23.60
CA PHE A 177 -19.53 -23.52 23.91
C PHE A 177 -18.33 -24.42 24.10
N GLU A 178 -18.55 -25.55 24.78
CA GLU A 178 -17.48 -26.49 25.11
C GLU A 178 -16.91 -27.07 23.82
N MET A 179 -17.79 -27.56 22.96
CA MET A 179 -17.39 -28.21 21.72
C MET A 179 -16.71 -27.22 20.77
N LEU A 180 -17.38 -26.08 20.56
CA LEU A 180 -16.95 -25.14 19.54
C LEU A 180 -15.67 -24.44 19.98
N MET A 181 -15.59 -24.04 21.25
CA MET A 181 -14.59 -23.07 21.68
C MET A 181 -13.60 -23.66 22.68
N GLY A 182 -13.86 -24.88 23.15
CA GLY A 182 -12.95 -25.51 24.10
C GLY A 182 -11.61 -25.95 23.50
N ASP A 183 -10.77 -26.48 24.39
CA ASP A 183 -9.40 -26.86 24.11
C ASP A 183 -9.34 -28.21 23.37
N VAL A 184 -10.40 -29.03 23.44
CA VAL A 184 -10.39 -30.32 22.74
C VAL A 184 -10.73 -30.12 21.26
N VAL A 185 -9.72 -30.30 20.40
CA VAL A 185 -9.80 -30.04 18.96
C VAL A 185 -10.74 -31.02 18.25
N GLU A 186 -10.81 -32.26 18.73
CA GLU A 186 -11.35 -33.38 17.96
C GLU A 186 -12.86 -33.28 17.81
N ASN A 187 -13.56 -32.78 18.84
CA ASN A 187 -15.01 -32.63 18.80
C ASN A 187 -15.39 -31.54 17.80
N ARG A 188 -14.53 -30.52 17.72
CA ARG A 188 -14.70 -29.40 16.79
C ARG A 188 -14.51 -29.90 15.36
N ARG A 189 -13.42 -30.65 15.13
CA ARG A 189 -13.15 -31.29 13.86
C ARG A 189 -14.34 -32.15 13.43
N GLN A 190 -14.85 -32.96 14.36
CA GLN A 190 -15.99 -33.83 14.12
C GLN A 190 -17.23 -33.00 13.75
N PHE A 191 -17.45 -31.89 14.46
CA PHE A 191 -18.60 -31.03 14.18
C PHE A 191 -18.48 -30.40 12.78
N ILE A 192 -17.24 -30.06 12.39
CA ILE A 192 -16.99 -29.52 11.07
C ILE A 192 -17.28 -30.60 10.02
N GLU A 193 -16.64 -31.76 10.10
CA GLU A 193 -16.90 -32.86 9.17
C GLU A 193 -18.40 -33.18 9.08
N ASP A 194 -19.16 -33.06 10.16
CA ASP A 194 -20.57 -33.44 10.13
C ASP A 194 -21.46 -32.34 9.55
N ASN A 195 -21.04 -31.08 9.56
CA ASN A 195 -21.93 -30.00 9.15
C ASN A 195 -21.49 -29.29 7.87
N ALA A 196 -20.23 -29.43 7.48
CA ALA A 196 -19.70 -28.69 6.35
C ALA A 196 -20.40 -29.10 5.06
N VAL A 197 -20.57 -28.13 4.15
CA VAL A 197 -21.19 -28.30 2.85
C VAL A 197 -20.31 -27.61 1.81
N TYR A 198 -19.41 -28.38 1.18
CA TYR A 198 -18.45 -27.88 0.21
C TYR A 198 -19.02 -27.91 -1.22
N ALA A 199 -18.50 -27.05 -2.10
CA ALA A 199 -18.67 -27.19 -3.54
C ALA A 199 -17.33 -26.93 -4.22
N ASN A 212 -36.81 -9.06 17.16
CA ASN A 212 -37.09 -10.53 17.06
C ASN A 212 -35.83 -11.37 17.36
N GLU A 213 -36.04 -12.67 17.63
CA GLU A 213 -35.14 -13.44 18.47
C GLU A 213 -34.24 -14.35 17.65
N ARG A 214 -33.16 -14.80 18.30
CA ARG A 214 -32.10 -15.59 17.70
C ARG A 214 -31.56 -16.55 18.76
N ASN A 215 -31.69 -17.86 18.56
CA ASN A 215 -31.17 -18.84 19.51
C ASN A 215 -29.64 -18.77 19.54
N ILE A 216 -29.05 -18.75 20.74
CA ILE A 216 -27.61 -18.54 20.87
C ILE A 216 -26.83 -19.76 20.38
N THR A 217 -27.44 -20.94 20.49
CA THR A 217 -26.76 -22.16 20.08
C THR A 217 -26.67 -22.19 18.54
N SER A 218 -27.74 -21.75 17.87
CA SER A 218 -27.80 -21.67 16.43
C SER A 218 -26.83 -20.65 15.88
N GLU A 219 -26.77 -19.49 16.54
CA GLU A 219 -25.82 -18.45 16.20
C GLU A 219 -24.38 -18.96 16.37
N MET A 220 -24.08 -19.54 17.51
CA MET A 220 -22.74 -20.06 17.72
C MET A 220 -22.38 -21.08 16.63
N ARG A 221 -23.26 -22.08 16.42
CA ARG A 221 -22.97 -23.14 15.47
C ARG A 221 -22.80 -22.59 14.05
N GLU A 222 -23.65 -21.65 13.64
CA GLU A 222 -23.63 -21.17 12.26
C GLU A 222 -22.48 -20.19 12.05
N SER A 223 -22.23 -19.31 13.03
CA SER A 223 -21.17 -18.34 12.88
C SER A 223 -19.80 -19.03 12.90
N PHE A 224 -19.63 -19.99 13.82
CA PHE A 224 -18.35 -20.62 13.98
C PHE A 224 -18.04 -21.44 12.73
N LEU A 225 -19.09 -22.09 12.20
CA LEU A 225 -18.95 -23.04 11.11
C LEU A 225 -18.51 -22.30 9.86
N ASP A 226 -19.15 -21.16 9.62
CA ASP A 226 -18.72 -20.22 8.60
C ASP A 226 -17.23 -19.94 8.66
N TYR A 227 -16.78 -19.54 9.85
CA TYR A 227 -15.40 -19.14 10.06
C TYR A 227 -14.53 -20.35 9.71
N ALA A 228 -14.95 -21.48 10.24
CA ALA A 228 -14.11 -22.66 10.20
C ALA A 228 -13.88 -23.05 8.74
N MET A 229 -14.97 -23.07 7.99
CA MET A 229 -14.90 -23.57 6.62
C MET A 229 -14.20 -22.57 5.73
N SER A 230 -14.28 -21.29 6.12
CA SER A 230 -13.55 -20.25 5.43
C SER A 230 -12.04 -20.39 5.59
N VAL A 231 -11.58 -20.72 6.80
CA VAL A 231 -10.15 -20.84 7.03
C VAL A 231 -9.62 -22.07 6.30
N ILE A 232 -10.46 -23.12 6.28
CA ILE A 232 -10.06 -24.44 5.79
C ILE A 232 -9.92 -24.42 4.27
N VAL A 233 -11.01 -24.01 3.58
CA VAL A 233 -11.08 -24.06 2.12
C VAL A 233 -10.42 -22.82 1.51
N ALA A 234 -10.13 -21.76 2.30
CA ALA A 234 -9.83 -20.46 1.71
C ALA A 234 -8.93 -19.58 2.58
N ARG A 235 -7.90 -20.18 3.18
CA ARG A 235 -6.94 -19.42 3.96
C ARG A 235 -5.70 -20.27 4.23
N ALA A 236 -5.86 -21.33 5.02
CA ALA A 236 -4.72 -21.92 5.73
C ALA A 236 -4.16 -23.20 5.07
N LEU A 237 -4.90 -23.79 4.13
CA LEU A 237 -4.55 -25.07 3.57
C LEU A 237 -4.27 -24.98 2.07
N PRO A 238 -3.19 -25.64 1.58
CA PRO A 238 -2.88 -25.68 0.16
C PRO A 238 -3.83 -26.53 -0.67
N ASP A 239 -3.93 -26.18 -1.95
CA ASP A 239 -4.51 -27.05 -2.96
C ASP A 239 -3.46 -28.08 -3.39
N VAL A 240 -3.91 -29.33 -3.55
CA VAL A 240 -3.05 -30.44 -3.93
C VAL A 240 -2.46 -30.25 -5.32
N ARG A 241 -3.21 -29.57 -6.21
CA ARG A 241 -2.86 -29.44 -7.61
C ARG A 241 -1.71 -28.47 -7.80
N ASP A 242 -1.75 -27.31 -7.12
CA ASP A 242 -0.75 -26.28 -7.38
C ASP A 242 0.16 -26.02 -6.18
N GLY A 243 -0.17 -26.57 -5.01
CA GLY A 243 0.66 -26.42 -3.82
C GLY A 243 0.46 -25.06 -3.16
N LEU A 244 -0.65 -24.36 -3.46
CA LEU A 244 -0.76 -22.96 -3.11
C LEU A 244 -1.99 -22.68 -2.24
N LYS A 245 -1.83 -21.74 -1.29
CA LYS A 245 -2.93 -21.11 -0.58
C LYS A 245 -3.43 -19.89 -1.34
N PRO A 246 -4.71 -19.47 -1.12
CA PRO A 246 -5.29 -18.30 -1.80
C PRO A 246 -4.38 -17.08 -1.86
N VAL A 247 -3.69 -16.75 -0.77
CA VAL A 247 -2.84 -15.57 -0.75
C VAL A 247 -1.67 -15.73 -1.72
N HIS A 248 -1.03 -16.90 -1.82
CA HIS A 248 0.14 -17.03 -2.68
C HIS A 248 -0.28 -17.03 -4.14
N ARG A 249 -1.48 -17.59 -4.37
CA ARG A 249 -2.01 -17.70 -5.73
C ARG A 249 -2.35 -16.32 -6.26
N ARG A 250 -2.97 -15.51 -5.40
CA ARG A 250 -3.37 -14.17 -5.82
C ARG A 250 -2.14 -13.28 -6.06
N ILE A 251 -1.06 -13.50 -5.29
CA ILE A 251 0.15 -12.72 -5.42
C ILE A 251 0.81 -13.07 -6.74
N LEU A 252 0.89 -14.38 -7.02
CA LEU A 252 1.56 -14.81 -8.23
C LEU A 252 0.73 -14.39 -9.46
N TYR A 253 -0.61 -14.49 -9.37
CA TYR A 253 -1.47 -14.04 -10.45
C TYR A 253 -1.33 -12.54 -10.66
N GLY A 254 -1.21 -11.79 -9.55
CA GLY A 254 -0.94 -10.37 -9.56
C GLY A 254 0.34 -10.05 -10.33
N LEU A 255 1.46 -10.67 -9.94
CA LEU A 255 2.73 -10.48 -10.62
C LEU A 255 2.55 -10.69 -12.13
N ASN A 256 1.77 -11.72 -12.48
CA ASN A 256 1.60 -12.07 -13.87
C ASN A 256 0.77 -11.02 -14.60
N GLU A 257 -0.40 -10.67 -14.07
CA GLU A 257 -1.31 -9.77 -14.76
C GLU A 257 -0.60 -8.44 -15.01
N GLN A 258 0.47 -8.12 -14.26
CA GLN A 258 1.20 -6.88 -14.44
C GLN A 258 2.57 -7.16 -15.06
N GLY A 259 2.69 -8.31 -15.71
CA GLY A 259 3.90 -8.71 -16.42
C GLY A 259 5.16 -8.36 -15.62
N MET A 260 5.22 -8.81 -14.36
CA MET A 260 6.40 -8.54 -13.56
C MET A 260 7.34 -9.75 -13.72
N THR A 261 7.73 -10.01 -14.96
CA THR A 261 8.47 -11.21 -15.29
C THR A 261 9.95 -10.98 -15.01
N PRO A 262 10.78 -12.06 -15.02
CA PRO A 262 12.17 -11.95 -14.60
C PRO A 262 13.08 -11.29 -15.62
N ASP A 263 12.59 -11.17 -16.86
CA ASP A 263 13.29 -10.47 -17.93
C ASP A 263 13.12 -8.97 -17.71
N LYS A 264 11.94 -8.58 -17.22
CA LYS A 264 11.67 -7.20 -16.82
C LYS A 264 12.41 -6.91 -15.51
N SER A 265 12.41 -5.63 -15.10
CA SER A 265 13.04 -5.26 -13.83
C SER A 265 11.97 -5.21 -12.73
N TYR A 266 12.42 -4.87 -11.51
CA TYR A 266 11.62 -5.05 -10.31
C TYR A 266 10.54 -3.99 -10.20
N LYS A 267 9.36 -4.37 -9.72
CA LYS A 267 8.35 -3.41 -9.32
C LYS A 267 8.44 -3.18 -7.82
N LYS A 268 7.77 -2.15 -7.35
CA LYS A 268 7.87 -1.74 -5.96
C LYS A 268 6.90 -2.60 -5.17
N SER A 269 7.36 -3.03 -3.99
CA SER A 269 6.56 -3.93 -3.18
C SER A 269 5.18 -3.33 -2.87
N ALA A 270 5.11 -2.01 -2.63
CA ALA A 270 3.85 -1.44 -2.15
C ALA A 270 2.81 -1.42 -3.25
N ARG A 271 3.28 -1.30 -4.50
CA ARG A 271 2.40 -1.27 -5.64
C ARG A 271 1.74 -2.65 -5.73
N ILE A 272 2.57 -3.71 -5.64
CA ILE A 272 2.19 -5.09 -5.86
C ILE A 272 1.16 -5.48 -4.81
N VAL A 273 1.49 -5.14 -3.56
CA VAL A 273 0.58 -5.43 -2.47
C VAL A 273 -0.72 -4.66 -2.61
N GLY A 274 -0.63 -3.40 -3.04
CA GLY A 274 -1.80 -2.57 -3.26
C GLY A 274 -2.70 -3.14 -4.35
N ASP A 275 -2.09 -3.49 -5.50
CA ASP A 275 -2.80 -4.12 -6.60
C ASP A 275 -3.61 -5.31 -6.02
N VAL A 276 -2.90 -6.22 -5.36
CA VAL A 276 -3.45 -7.49 -4.96
C VAL A 276 -4.53 -7.27 -3.91
N MET A 277 -4.29 -6.29 -3.03
CA MET A 277 -5.27 -6.02 -1.98
C MET A 277 -6.58 -5.57 -2.63
N GLY A 278 -6.50 -4.73 -3.66
CA GLY A 278 -7.70 -4.22 -4.30
C GLY A 278 -8.43 -5.26 -5.13
N LYS A 279 -7.66 -6.00 -5.95
CA LYS A 279 -8.25 -6.81 -7.00
C LYS A 279 -8.74 -8.15 -6.48
N TYR A 280 -7.92 -8.82 -5.65
CA TYR A 280 -8.10 -10.24 -5.38
C TYR A 280 -8.18 -10.57 -3.88
N HIS A 281 -7.51 -9.82 -2.98
CA HIS A 281 -7.29 -10.30 -1.61
C HIS A 281 -7.67 -9.29 -0.53
N PRO A 282 -8.94 -9.28 -0.06
CA PRO A 282 -9.43 -8.23 0.83
C PRO A 282 -9.08 -8.42 2.31
N HIS A 283 -7.81 -8.19 2.65
CA HIS A 283 -7.23 -8.50 3.95
C HIS A 283 -6.00 -7.62 4.19
N GLY A 284 -5.43 -7.68 5.40
CA GLY A 284 -4.41 -6.73 5.76
C GLY A 284 -3.19 -6.85 4.85
N ASP A 285 -2.55 -5.67 4.64
CA ASP A 285 -1.28 -5.47 3.96
C ASP A 285 -0.19 -6.45 4.40
N SER A 286 -0.07 -6.65 5.70
CA SER A 286 1.06 -7.39 6.23
C SER A 286 0.90 -8.89 5.91
N SER A 287 -0.34 -9.41 5.87
CA SER A 287 -0.59 -10.81 5.47
C SER A 287 -0.10 -11.02 4.04
N ILE A 288 -0.35 -10.04 3.20
CA ILE A 288 0.05 -10.13 1.82
C ILE A 288 1.56 -9.97 1.72
N TYR A 289 2.09 -8.90 2.30
CA TYR A 289 3.50 -8.63 2.13
C TYR A 289 4.34 -9.75 2.73
N GLU A 290 3.88 -10.30 3.88
CA GLU A 290 4.67 -11.32 4.54
C GLU A 290 4.65 -12.62 3.73
N ALA A 291 3.49 -12.90 3.12
CA ALA A 291 3.39 -14.10 2.32
C ALA A 291 4.36 -13.99 1.14
N MET A 292 4.44 -12.78 0.57
CA MET A 292 5.31 -12.51 -0.55
C MET A 292 6.77 -12.62 -0.10
N VAL A 293 7.06 -12.08 1.07
CA VAL A 293 8.42 -12.09 1.54
C VAL A 293 8.93 -13.54 1.68
N ARG A 294 8.13 -14.41 2.26
CA ARG A 294 8.59 -15.76 2.54
C ARG A 294 8.91 -16.43 1.21
N MET A 295 8.04 -16.19 0.22
CA MET A 295 8.17 -16.79 -1.10
C MET A 295 9.51 -16.36 -1.71
N ALA A 296 10.11 -15.30 -1.16
CA ALA A 296 11.37 -14.80 -1.68
C ALA A 296 12.57 -15.29 -0.87
N GLN A 297 12.36 -16.02 0.22
CA GLN A 297 13.49 -16.33 1.09
C GLN A 297 14.03 -17.70 0.70
N ASP A 298 15.34 -17.79 0.46
CA ASP A 298 15.90 -19.04 -0.03
C ASP A 298 16.18 -20.00 1.13
N PHE A 299 15.96 -19.54 2.37
CA PHE A 299 16.01 -20.41 3.54
C PHE A 299 14.61 -20.90 3.93
N SER A 300 13.57 -20.48 3.19
CA SER A 300 12.19 -20.85 3.49
C SER A 300 11.63 -21.71 2.38
N TYR A 301 11.84 -21.29 1.14
CA TYR A 301 11.37 -22.00 -0.04
C TYR A 301 12.54 -22.71 -0.73
N ARG A 302 12.37 -24.03 -0.89
CA ARG A 302 13.30 -24.87 -1.61
C ARG A 302 13.48 -24.37 -3.04
N TYR A 303 12.36 -23.96 -3.67
CA TYR A 303 12.36 -23.36 -4.99
C TYR A 303 11.65 -22.01 -4.90
N PRO A 304 12.37 -20.90 -4.63
CA PRO A 304 11.72 -19.62 -4.40
C PRO A 304 10.85 -19.18 -5.57
N LEU A 305 9.61 -18.71 -5.26
CA LEU A 305 8.65 -18.27 -6.27
C LEU A 305 8.74 -16.76 -6.57
N VAL A 306 9.41 -16.02 -5.69
CA VAL A 306 9.59 -14.57 -5.81
C VAL A 306 11.08 -14.20 -5.75
N ASP A 307 11.41 -13.21 -6.58
CA ASP A 307 12.74 -12.63 -6.70
C ASP A 307 12.66 -11.24 -6.07
N GLY A 308 13.40 -11.04 -4.98
CA GLY A 308 13.28 -9.83 -4.18
C GLY A 308 14.60 -9.06 -4.15
N GLN A 309 14.47 -7.74 -3.97
CA GLN A 309 15.56 -6.79 -4.00
C GLN A 309 15.40 -5.93 -2.76
N GLY A 310 16.45 -5.91 -1.93
CA GLY A 310 16.44 -5.27 -0.61
C GLY A 310 16.46 -6.27 0.54
N ASN A 311 16.18 -5.77 1.76
CA ASN A 311 16.15 -6.61 2.95
C ASN A 311 14.85 -7.42 2.96
N PHE A 312 14.98 -8.74 2.71
CA PHE A 312 13.82 -9.64 2.75
C PHE A 312 13.91 -10.59 3.95
N GLY A 313 14.77 -10.29 4.93
CA GLY A 313 14.82 -11.08 6.15
C GLY A 313 16.09 -11.93 6.27
N SER A 314 16.24 -12.56 7.45
CA SER A 314 17.32 -13.50 7.74
C SER A 314 16.84 -14.71 8.55
N MET A 315 17.74 -15.69 8.62
CA MET A 315 17.54 -16.91 9.39
C MET A 315 17.43 -16.58 10.87
N ASP A 316 17.91 -15.40 11.27
CA ASP A 316 17.83 -14.92 12.64
C ASP A 316 16.47 -14.31 12.94
N GLY A 317 15.55 -14.27 11.97
CA GLY A 317 14.16 -13.97 12.25
C GLY A 317 13.90 -12.47 12.27
N ASP A 318 14.87 -11.67 11.80
CA ASP A 318 14.62 -10.34 11.30
C ASP A 318 13.56 -10.43 10.20
N GLY A 319 12.60 -9.49 10.21
CA GLY A 319 11.64 -9.41 9.12
C GLY A 319 12.21 -8.59 7.96
N ALA A 320 11.48 -8.55 6.85
CA ALA A 320 11.89 -7.75 5.71
C ALA A 320 11.93 -6.28 6.14
N ALA A 321 12.63 -5.44 5.38
CA ALA A 321 12.35 -4.01 5.35
C ALA A 321 10.85 -3.79 5.17
N ALA A 322 10.36 -2.64 5.61
CA ALA A 322 8.99 -2.28 5.31
C ALA A 322 8.82 -2.15 3.82
N MET A 323 7.57 -2.26 3.37
CA MET A 323 7.34 -2.49 1.96
C MET A 323 7.58 -1.25 1.10
N ARG A 324 7.85 -0.08 1.70
CA ARG A 324 8.27 1.08 0.91
C ARG A 324 9.69 0.87 0.37
N PHE A 325 10.48 -0.05 0.95
CA PHE A 325 11.90 -0.15 0.61
C PHE A 325 12.17 -1.25 -0.40
N THR A 326 11.35 -2.30 -0.43
CA THR A 326 11.69 -3.48 -1.21
C THR A 326 10.98 -3.53 -2.57
N GLU A 327 11.64 -4.20 -3.49
CA GLU A 327 11.09 -4.44 -4.81
C GLU A 327 11.12 -5.94 -5.05
N ALA A 328 10.32 -6.39 -6.04
CA ALA A 328 10.07 -7.81 -6.28
C ALA A 328 9.63 -8.06 -7.72
N ARG A 329 9.82 -9.31 -8.18
CA ARG A 329 9.25 -9.84 -9.41
C ARG A 329 9.16 -11.38 -9.32
N MET A 330 8.73 -12.06 -10.38
CA MET A 330 8.77 -13.52 -10.40
C MET A 330 10.21 -14.05 -10.53
N THR A 331 10.35 -15.36 -10.24
CA THR A 331 11.57 -16.07 -10.60
C THR A 331 11.25 -16.84 -11.87
N LYS A 332 12.32 -17.26 -12.59
CA LYS A 332 12.24 -18.16 -13.73
C LYS A 332 11.18 -19.24 -13.50
N ILE A 333 11.27 -19.93 -12.36
CA ILE A 333 10.47 -21.13 -12.18
C ILE A 333 9.02 -20.76 -11.87
N THR A 334 8.71 -19.51 -11.53
CA THR A 334 7.32 -19.18 -11.34
C THR A 334 6.60 -19.14 -12.69
N LEU A 335 7.33 -18.81 -13.75
CA LEU A 335 6.73 -18.82 -15.09
C LEU A 335 6.14 -20.21 -15.40
N GLU A 336 6.76 -21.25 -14.81
CA GLU A 336 6.28 -22.61 -14.99
C GLU A 336 5.02 -22.89 -14.18
N LEU A 337 4.72 -22.12 -13.13
CA LEU A 337 3.48 -22.28 -12.40
C LEU A 337 2.32 -21.71 -13.20
N LEU A 338 2.68 -20.74 -14.05
CA LEU A 338 1.71 -19.89 -14.72
C LEU A 338 1.57 -20.21 -16.20
N ARG A 339 2.54 -20.99 -16.75
CA ARG A 339 2.52 -21.36 -18.14
C ARG A 339 1.17 -21.94 -18.55
N ASP A 340 0.57 -21.31 -19.58
CA ASP A 340 -0.63 -21.78 -20.28
C ASP A 340 -1.90 -21.39 -19.54
N ILE A 341 -1.81 -20.38 -18.66
CA ILE A 341 -2.96 -19.97 -17.85
C ILE A 341 -3.98 -19.30 -18.75
N ASN A 342 -3.52 -18.80 -19.90
CA ASN A 342 -4.36 -18.05 -20.83
C ASN A 342 -4.97 -18.94 -21.92
N LYS A 343 -4.69 -20.25 -21.90
CA LYS A 343 -5.16 -21.18 -22.91
C LYS A 343 -6.27 -22.05 -22.36
N ASP A 344 -7.08 -21.49 -21.45
CA ASP A 344 -8.24 -22.18 -20.90
C ASP A 344 -7.78 -23.46 -20.23
N THR A 345 -6.68 -23.41 -19.48
CA THR A 345 -6.24 -24.62 -18.82
C THR A 345 -6.98 -24.76 -17.49
N ILE A 346 -7.44 -23.65 -16.92
CA ILE A 346 -7.96 -23.66 -15.56
C ILE A 346 -9.19 -22.75 -15.53
N ASP A 347 -10.14 -23.08 -14.66
CA ASP A 347 -11.35 -22.29 -14.53
C ASP A 347 -11.03 -21.02 -13.77
N PHE A 348 -11.39 -19.87 -14.37
CA PHE A 348 -11.38 -18.58 -13.68
C PHE A 348 -12.69 -18.48 -12.88
N ILE A 349 -12.68 -17.65 -11.82
CA ILE A 349 -13.85 -17.35 -11.01
C ILE A 349 -13.90 -15.84 -10.73
N ASP A 350 -15.04 -15.41 -10.24
CA ASP A 350 -15.21 -14.04 -9.79
C ASP A 350 -14.33 -13.79 -8.56
N ASN A 351 -13.73 -12.59 -8.50
CA ASN A 351 -13.13 -12.09 -7.27
C ASN A 351 -14.23 -11.78 -6.26
N TYR A 352 -13.83 -11.25 -5.09
CA TYR A 352 -14.70 -11.10 -3.93
C TYR A 352 -15.82 -10.10 -4.16
N ASP A 353 -15.67 -9.13 -5.07
CA ASP A 353 -16.63 -8.05 -5.21
C ASP A 353 -17.36 -8.06 -6.55
N GLY A 354 -17.06 -9.01 -7.46
CA GLY A 354 -17.70 -9.05 -8.75
C GLY A 354 -16.95 -8.29 -9.86
N ASN A 355 -15.91 -7.52 -9.56
CA ASN A 355 -15.30 -6.68 -10.57
C ASN A 355 -13.99 -7.20 -11.15
N GLU A 356 -13.62 -8.45 -10.85
CA GLU A 356 -12.40 -9.00 -11.38
C GLU A 356 -12.62 -10.47 -11.69
N ARG A 357 -11.59 -11.09 -12.28
CA ARG A 357 -11.55 -12.52 -12.46
C ARG A 357 -10.24 -13.04 -11.88
N GLU A 358 -10.32 -14.17 -11.19
CA GLU A 358 -9.13 -14.75 -10.59
C GLU A 358 -9.08 -16.22 -10.96
N PRO A 359 -7.87 -16.79 -11.03
CA PRO A 359 -7.71 -18.24 -11.19
C PRO A 359 -8.10 -18.96 -9.91
N SER A 360 -8.91 -20.01 -10.07
CA SER A 360 -9.21 -20.91 -9.00
C SER A 360 -8.01 -21.82 -8.72
N VAL A 361 -7.12 -21.99 -9.71
CA VAL A 361 -5.94 -22.82 -9.53
C VAL A 361 -4.96 -22.48 -10.64
N LEU A 362 -3.67 -22.77 -10.44
CA LEU A 362 -2.69 -22.49 -11.48
C LEU A 362 -2.40 -23.75 -12.29
N PRO A 363 -1.98 -23.56 -13.55
CA PRO A 363 -1.50 -24.68 -14.36
C PRO A 363 -0.51 -25.59 -13.62
N ALA A 364 0.56 -25.01 -13.07
CA ALA A 364 1.49 -25.73 -12.19
C ALA A 364 2.23 -26.84 -12.92
N ARG A 365 3.18 -26.45 -13.76
CA ARG A 365 3.82 -27.41 -14.65
C ARG A 365 4.96 -28.13 -13.91
N PHE A 366 5.19 -27.79 -12.64
CA PHE A 366 6.00 -28.64 -11.75
C PHE A 366 5.16 -28.91 -10.50
N PRO A 367 5.47 -30.01 -9.72
CA PRO A 367 4.69 -30.42 -8.53
C PRO A 367 5.01 -29.69 -7.22
N ASN A 368 4.27 -28.59 -6.98
CA ASN A 368 4.72 -27.51 -6.13
C ASN A 368 4.39 -27.81 -4.67
N LEU A 369 3.32 -28.60 -4.46
CA LEU A 369 2.96 -28.98 -3.11
C LEU A 369 4.16 -29.64 -2.41
N LEU A 370 4.74 -30.65 -3.05
CA LEU A 370 5.81 -31.40 -2.42
C LEU A 370 7.16 -30.71 -2.61
N ALA A 371 7.28 -29.85 -3.62
CA ALA A 371 8.56 -29.24 -3.96
C ALA A 371 8.96 -28.20 -2.92
N ASN A 372 8.04 -27.30 -2.61
CA ASN A 372 8.25 -26.21 -1.68
C ASN A 372 7.60 -26.51 -0.32
N GLY A 373 6.62 -27.42 -0.29
CA GLY A 373 6.07 -27.88 0.96
C GLY A 373 5.06 -26.84 1.40
N ALA A 374 4.41 -27.05 2.56
CA ALA A 374 3.33 -26.21 3.05
C ALA A 374 3.15 -26.41 4.56
N SER A 375 2.86 -25.34 5.30
CA SER A 375 2.43 -25.50 6.69
C SER A 375 1.36 -24.47 7.01
N GLY A 376 0.33 -24.89 7.76
CA GLY A 376 -0.81 -24.03 8.00
C GLY A 376 -1.64 -24.53 9.19
N ILE A 377 -2.08 -23.57 9.99
CA ILE A 377 -2.94 -23.83 11.11
C ILE A 377 -4.33 -23.40 10.71
N ALA A 378 -5.29 -24.30 10.73
CA ALA A 378 -6.64 -23.97 10.29
C ALA A 378 -7.57 -24.00 11.50
N VAL A 379 -8.77 -24.55 11.31
CA VAL A 379 -9.67 -24.77 12.43
C VAL A 379 -10.15 -26.22 12.39
N GLY A 380 -9.81 -26.96 13.45
CA GLY A 380 -10.12 -28.36 13.56
C GLY A 380 -8.98 -29.23 13.03
N MET A 381 -7.93 -28.58 12.51
CA MET A 381 -6.88 -29.32 11.82
C MET A 381 -5.72 -28.42 11.40
N ALA A 382 -4.66 -29.03 10.90
CA ALA A 382 -3.48 -28.30 10.47
C ALA A 382 -2.85 -29.10 9.35
N THR A 383 -1.83 -28.53 8.72
CA THR A 383 -1.07 -29.23 7.69
C THR A 383 0.40 -28.98 7.98
N ASN A 384 1.24 -29.94 7.58
CA ASN A 384 2.67 -29.76 7.67
C ASN A 384 3.32 -30.72 6.69
N ILE A 385 3.77 -30.16 5.56
CA ILE A 385 4.28 -30.92 4.44
C ILE A 385 5.68 -30.43 4.13
N PRO A 386 6.70 -31.29 4.19
CA PRO A 386 8.07 -30.82 4.06
C PRO A 386 8.39 -30.55 2.60
N PRO A 387 9.43 -29.76 2.28
CA PRO A 387 9.89 -29.64 0.90
C PRO A 387 10.69 -30.85 0.46
N HIS A 388 10.85 -30.97 -0.87
CA HIS A 388 11.40 -32.12 -1.57
C HIS A 388 12.30 -31.65 -2.71
N ASN A 389 13.16 -32.55 -3.19
CA ASN A 389 13.98 -32.28 -4.36
C ASN A 389 13.12 -32.50 -5.60
N LEU A 390 13.28 -31.60 -6.57
CA LEU A 390 12.40 -31.52 -7.74
C LEU A 390 12.81 -32.57 -8.79
N THR A 391 14.11 -32.88 -8.86
CA THR A 391 14.61 -33.91 -9.74
C THR A 391 14.03 -35.23 -9.29
N GLU A 392 14.00 -35.44 -7.97
CA GLU A 392 13.42 -36.66 -7.40
C GLU A 392 11.92 -36.66 -7.64
N LEU A 393 11.24 -35.54 -7.32
CA LEU A 393 9.79 -35.50 -7.45
C LEU A 393 9.41 -35.90 -8.86
N ILE A 394 10.16 -35.40 -9.83
CA ILE A 394 9.72 -35.53 -11.21
C ILE A 394 9.95 -36.96 -11.69
N ASN A 395 11.12 -37.54 -11.36
CA ASN A 395 11.35 -38.96 -11.62
C ASN A 395 10.23 -39.80 -11.01
N GLY A 396 9.80 -39.38 -9.82
CA GLY A 396 8.66 -39.99 -9.16
C GLY A 396 7.43 -40.00 -10.06
N VAL A 397 6.99 -38.82 -10.51
CA VAL A 397 5.73 -38.73 -11.25
C VAL A 397 5.82 -39.50 -12.58
N LEU A 398 6.99 -39.46 -13.24
CA LEU A 398 7.28 -40.26 -14.43
C LEU A 398 7.10 -41.76 -14.16
N SER A 399 7.75 -42.24 -13.09
CA SER A 399 7.60 -43.61 -12.67
C SER A 399 6.14 -43.98 -12.44
N LEU A 400 5.38 -43.09 -11.80
CA LEU A 400 3.96 -43.34 -11.52
C LEU A 400 3.20 -43.41 -12.84
N SER A 401 3.58 -42.56 -13.81
CA SER A 401 2.90 -42.46 -15.09
C SER A 401 3.16 -43.69 -15.95
N LYS A 402 4.25 -44.39 -15.67
CA LYS A 402 4.54 -45.63 -16.34
C LYS A 402 3.88 -46.80 -15.62
N ASN A 403 3.23 -46.58 -14.47
CA ASN A 403 2.77 -47.71 -13.68
C ASN A 403 1.82 -47.26 -12.57
N PRO A 404 0.51 -47.14 -12.85
CA PRO A 404 -0.45 -46.69 -11.85
C PRO A 404 -0.44 -47.47 -10.56
N ASP A 405 0.16 -48.67 -10.55
CA ASP A 405 0.13 -49.54 -9.38
C ASP A 405 1.46 -49.48 -8.62
N ILE A 406 2.32 -48.51 -8.94
CA ILE A 406 3.59 -48.36 -8.27
C ILE A 406 3.38 -48.19 -6.76
N SER A 407 4.23 -48.85 -5.98
CA SER A 407 4.11 -48.87 -4.54
C SER A 407 4.90 -47.72 -3.94
N ILE A 408 4.58 -47.35 -2.69
CA ILE A 408 5.33 -46.35 -1.95
C ILE A 408 6.82 -46.74 -1.97
N ALA A 409 7.10 -48.02 -1.78
CA ALA A 409 8.49 -48.42 -1.64
C ALA A 409 9.27 -48.16 -2.94
N GLU A 410 8.67 -48.54 -4.09
CA GLU A 410 9.25 -48.29 -5.39
C GLU A 410 9.38 -46.78 -5.61
N LEU A 411 8.39 -46.00 -5.16
CA LEU A 411 8.37 -44.55 -5.34
C LEU A 411 9.55 -43.92 -4.63
N MET A 412 10.01 -44.58 -3.55
CA MET A 412 11.07 -44.09 -2.70
C MET A 412 12.45 -44.41 -3.24
N GLU A 413 12.48 -45.06 -4.42
CA GLU A 413 13.71 -45.30 -5.17
C GLU A 413 14.07 -44.03 -5.92
N ASP A 414 13.05 -43.21 -6.21
CA ASP A 414 13.26 -41.87 -6.71
C ASP A 414 13.31 -40.86 -5.57
N ILE A 415 12.29 -40.91 -4.69
CA ILE A 415 12.03 -39.88 -3.69
C ILE A 415 12.59 -40.33 -2.34
N GLU A 416 13.88 -40.04 -2.12
CA GLU A 416 14.56 -40.56 -0.96
C GLU A 416 13.94 -40.02 0.32
N GLY A 417 13.40 -38.79 0.27
CA GLY A 417 12.75 -38.17 1.40
C GLY A 417 12.80 -36.64 1.29
N PRO A 418 12.28 -35.87 2.28
CA PRO A 418 12.31 -34.43 2.17
C PRO A 418 13.71 -33.96 1.82
N ASP A 419 13.75 -32.82 1.10
CA ASP A 419 14.94 -32.04 0.85
C ASP A 419 14.64 -30.59 1.25
N PHE A 420 15.31 -30.15 2.32
CA PHE A 420 15.08 -28.85 2.91
C PHE A 420 16.01 -27.79 2.31
N PRO A 421 15.52 -26.54 2.13
CA PRO A 421 16.35 -25.44 1.64
C PRO A 421 17.65 -25.26 2.41
N THR A 422 17.57 -25.53 3.73
CA THR A 422 18.58 -25.28 4.74
C THR A 422 19.55 -26.45 4.89
N ALA A 423 19.29 -27.52 4.12
CA ALA A 423 20.17 -28.68 4.03
C ALA A 423 20.04 -29.55 5.28
N GLY A 424 21.18 -29.78 5.95
CA GLY A 424 21.21 -30.54 7.18
C GLY A 424 21.14 -32.06 6.95
N LEU A 425 20.72 -32.78 7.98
CA LEU A 425 20.70 -34.23 8.01
C LEU A 425 19.33 -34.69 8.47
N ILE A 426 18.87 -35.82 7.90
CA ILE A 426 17.80 -36.61 8.47
C ILE A 426 18.39 -37.94 8.94
N LEU A 427 18.05 -38.31 10.20
CA LEU A 427 18.38 -39.58 10.83
C LEU A 427 17.37 -40.65 10.40
N GLY A 428 17.78 -41.52 9.46
CA GLY A 428 17.08 -42.75 9.17
C GLY A 428 15.83 -42.54 8.32
N LYS A 429 15.28 -43.67 7.87
CA LYS A 429 14.29 -43.71 6.81
C LYS A 429 12.92 -44.07 7.36
N SER A 430 12.79 -44.27 8.68
CA SER A 430 11.60 -44.93 9.14
C SER A 430 10.44 -43.93 9.34
N GLY A 431 10.75 -42.70 9.76
CA GLY A 431 9.79 -41.62 9.81
C GLY A 431 9.35 -41.23 8.40
N ILE A 432 10.34 -41.17 7.49
CA ILE A 432 10.08 -40.86 6.11
C ILE A 432 9.07 -41.87 5.59
N ARG A 433 9.36 -43.16 5.81
CA ARG A 433 8.55 -44.23 5.26
C ARG A 433 7.11 -44.18 5.81
N ARG A 434 6.99 -43.88 7.11
CA ARG A 434 5.70 -43.85 7.77
C ARG A 434 4.88 -42.68 7.20
N ALA A 435 5.56 -41.55 7.07
CA ALA A 435 4.96 -40.34 6.56
C ALA A 435 4.43 -40.54 5.14
N TYR A 436 5.22 -41.17 4.28
CA TYR A 436 4.82 -41.36 2.89
C TYR A 436 3.75 -42.45 2.78
N GLU A 437 3.68 -43.35 3.75
CA GLU A 437 2.68 -44.42 3.71
C GLU A 437 1.33 -43.89 4.17
N THR A 438 1.31 -42.99 5.16
CA THR A 438 0.07 -42.73 5.86
C THR A 438 -0.27 -41.25 5.89
N GLY A 439 0.72 -40.43 5.53
CA GLY A 439 0.57 -38.99 5.56
C GLY A 439 0.94 -38.41 6.92
N ARG A 440 1.27 -39.26 7.92
CA ARG A 440 1.76 -38.82 9.23
C ARG A 440 3.05 -39.55 9.57
N GLY A 441 3.98 -38.80 10.15
CA GLY A 441 5.23 -39.38 10.63
C GLY A 441 6.10 -38.29 11.21
N SER A 442 7.06 -38.69 12.05
CA SER A 442 8.01 -37.75 12.61
C SER A 442 9.42 -37.99 12.05
N ILE A 443 10.03 -36.91 11.53
CA ILE A 443 11.33 -37.00 10.88
C ILE A 443 12.36 -36.21 11.66
N GLN A 444 13.44 -36.87 12.08
CA GLN A 444 14.45 -36.22 12.92
C GLN A 444 15.47 -35.48 12.04
N MET A 445 15.50 -34.15 12.15
CA MET A 445 16.44 -33.32 11.42
C MET A 445 17.53 -32.89 12.38
N ARG A 446 18.76 -32.86 11.90
CA ARG A 446 19.87 -32.51 12.76
C ARG A 446 20.87 -31.61 12.05
N SER A 447 21.50 -30.70 12.80
CA SER A 447 22.48 -29.81 12.20
C SER A 447 23.63 -30.60 11.58
N ARG A 448 24.33 -29.96 10.63
CA ARG A 448 25.61 -30.46 10.16
C ARG A 448 26.69 -29.82 11.02
N ALA A 449 27.36 -30.64 11.81
CA ALA A 449 28.32 -30.19 12.80
C ALA A 449 29.53 -31.10 12.69
N VAL A 450 30.71 -30.51 12.81
CA VAL A 450 31.93 -31.29 12.80
C VAL A 450 32.76 -30.86 14.01
N ILE A 451 33.74 -31.68 14.38
CA ILE A 451 34.62 -31.33 15.48
C ILE A 451 36.01 -31.09 14.90
N GLU A 452 36.67 -30.04 15.39
CA GLU A 452 37.91 -29.66 14.75
C GLU A 452 38.83 -29.03 15.78
N GLU A 453 40.14 -29.12 15.50
CA GLU A 453 41.14 -28.55 16.39
C GLU A 453 41.19 -27.04 16.20
N ARG A 454 41.62 -26.32 17.25
CA ARG A 454 41.61 -24.86 17.26
C ARG A 454 42.92 -24.26 17.78
N GLY A 455 43.86 -25.09 18.20
CA GLY A 455 45.15 -24.61 18.67
C GLY A 455 45.35 -24.92 20.14
N GLY A 456 46.58 -25.32 20.48
CA GLY A 456 46.94 -25.55 21.87
C GLY A 456 46.24 -26.79 22.40
N GLY A 457 45.96 -27.74 21.52
CA GLY A 457 45.38 -29.03 21.92
C GLY A 457 43.92 -28.92 22.32
N ARG A 458 43.31 -27.76 22.13
CA ARG A 458 41.89 -27.58 22.35
C ARG A 458 41.18 -27.93 21.05
N GLN A 459 39.85 -28.04 21.11
CA GLN A 459 39.00 -28.28 19.95
C GLN A 459 37.77 -27.38 19.99
N ARG A 460 37.02 -27.36 18.87
CA ARG A 460 35.69 -26.75 18.83
C ARG A 460 34.73 -27.52 17.91
N ILE A 461 33.46 -27.30 18.16
CA ILE A 461 32.37 -27.79 17.34
C ILE A 461 32.06 -26.67 16.34
N VAL A 462 32.02 -27.00 15.04
CA VAL A 462 31.60 -26.06 14.02
C VAL A 462 30.29 -26.52 13.39
N VAL A 463 29.25 -25.68 13.46
CA VAL A 463 27.95 -26.01 12.91
C VAL A 463 27.77 -25.17 11.64
N THR A 464 27.40 -25.77 10.49
CA THR A 464 27.36 -25.02 9.25
C THR A 464 26.02 -25.17 8.57
N GLU A 465 25.15 -26.05 9.07
CA GLU A 465 23.80 -26.13 8.54
C GLU A 465 22.92 -26.35 9.76
N ILE A 466 21.74 -25.74 9.75
CA ILE A 466 20.80 -25.96 10.82
C ILE A 466 19.47 -26.46 10.25
N PRO A 467 18.60 -27.05 11.10
CA PRO A 467 17.33 -27.56 10.62
C PRO A 467 16.42 -26.49 10.06
N PHE A 468 15.52 -26.93 9.20
CA PHE A 468 14.47 -26.12 8.60
C PHE A 468 13.61 -25.53 9.73
N GLN A 469 13.36 -24.20 9.66
CA GLN A 469 12.40 -23.44 10.46
C GLN A 469 12.93 -23.14 11.86
N VAL A 470 14.22 -23.36 12.04
CA VAL A 470 14.87 -23.10 13.29
C VAL A 470 15.57 -21.77 13.15
N ASN A 471 15.11 -20.80 13.93
CA ASN A 471 15.71 -19.48 14.01
C ASN A 471 17.12 -19.63 14.57
N LYS A 472 18.14 -19.12 13.86
CA LYS A 472 19.54 -19.36 14.24
C LYS A 472 19.88 -18.61 15.54
N ALA A 473 19.54 -17.33 15.63
CA ALA A 473 19.85 -16.56 16.83
C ALA A 473 19.18 -17.16 18.07
N ARG A 474 17.90 -17.57 17.94
CA ARG A 474 17.13 -18.07 19.07
C ARG A 474 17.71 -19.42 19.51
N MET A 475 18.28 -20.18 18.57
CA MET A 475 18.98 -21.41 18.88
C MET A 475 20.27 -21.12 19.62
N ILE A 476 20.99 -20.06 19.25
CA ILE A 476 22.27 -19.76 19.89
C ILE A 476 22.02 -19.36 21.33
N GLU A 477 20.89 -18.66 21.55
CA GLU A 477 20.47 -18.20 22.87
C GLU A 477 20.07 -19.39 23.76
N LYS A 478 19.54 -20.49 23.20
CA LYS A 478 19.19 -21.63 24.05
C LYS A 478 20.46 -22.37 24.50
N ILE A 479 21.56 -22.24 23.74
CA ILE A 479 22.84 -22.81 24.10
C ILE A 479 23.47 -21.99 25.22
N ALA A 480 23.43 -20.66 25.08
CA ALA A 480 23.91 -19.76 26.13
C ALA A 480 23.17 -20.04 27.44
N GLU A 481 21.82 -20.18 27.39
CA GLU A 481 21.01 -20.49 28.56
C GLU A 481 21.54 -21.72 29.29
N LEU A 482 21.78 -22.79 28.55
CA LEU A 482 22.29 -24.03 29.14
C LEU A 482 23.63 -23.80 29.83
N VAL A 483 24.51 -22.98 29.22
CA VAL A 483 25.84 -22.78 29.77
C VAL A 483 25.69 -21.98 31.06
N ARG A 484 24.87 -20.92 31.00
CA ARG A 484 24.70 -19.99 32.10
C ARG A 484 24.16 -20.75 33.30
N ASP A 485 23.10 -21.54 33.08
CA ASP A 485 22.34 -22.22 34.12
C ASP A 485 22.92 -23.60 34.40
N LYS A 486 24.18 -23.80 33.95
CA LYS A 486 25.00 -24.95 34.29
C LYS A 486 24.27 -26.27 34.05
N LYS A 487 23.60 -26.42 32.90
CA LYS A 487 23.01 -27.70 32.52
C LYS A 487 23.81 -28.35 31.41
N ILE A 488 25.00 -27.82 31.09
CA ILE A 488 25.86 -28.51 30.15
C ILE A 488 27.31 -28.31 30.57
N ASP A 489 28.07 -29.40 30.61
CA ASP A 489 29.48 -29.30 30.92
C ASP A 489 30.29 -29.01 29.65
N GLY A 490 31.26 -28.10 29.73
CA GLY A 490 32.46 -28.17 28.90
C GLY A 490 32.55 -27.13 27.77
N ILE A 491 31.56 -26.23 27.68
CA ILE A 491 31.58 -25.19 26.67
C ILE A 491 32.21 -23.92 27.25
N THR A 492 33.23 -23.38 26.55
CA THR A 492 33.97 -22.20 27.00
C THR A 492 33.56 -20.95 26.22
N ASP A 493 33.00 -21.08 25.01
CA ASP A 493 32.64 -19.90 24.23
C ASP A 493 31.63 -20.27 23.16
N LEU A 494 30.92 -19.27 22.64
CA LEU A 494 29.86 -19.46 21.68
C LEU A 494 29.86 -18.24 20.76
N ARG A 495 30.00 -18.47 19.45
CA ARG A 495 30.06 -17.38 18.48
C ARG A 495 29.35 -17.74 17.17
N ASP A 496 28.61 -16.77 16.65
CA ASP A 496 28.13 -16.80 15.29
C ASP A 496 29.18 -16.12 14.43
N GLU A 497 29.85 -16.91 13.59
CA GLU A 497 30.74 -16.36 12.58
C GLU A 497 30.07 -16.43 11.21
N THR A 498 28.73 -16.51 11.16
CA THR A 498 27.99 -16.47 9.91
C THR A 498 28.35 -15.20 9.14
N SER A 499 28.58 -15.32 7.82
CA SER A 499 28.79 -14.17 6.95
C SER A 499 28.30 -14.52 5.54
N LEU A 500 28.15 -13.49 4.71
CA LEU A 500 27.81 -13.68 3.32
C LEU A 500 28.91 -14.52 2.66
N ARG A 501 30.18 -14.20 2.96
CA ARG A 501 31.34 -14.79 2.31
C ARG A 501 31.60 -16.22 2.80
N THR A 502 31.15 -16.51 4.02
CA THR A 502 31.54 -17.72 4.73
C THR A 502 30.38 -18.72 4.82
N GLY A 503 29.12 -18.27 4.64
CA GLY A 503 27.97 -19.13 4.88
C GLY A 503 27.73 -19.25 6.39
N VAL A 504 26.67 -19.97 6.78
CA VAL A 504 26.40 -20.25 8.17
C VAL A 504 27.65 -20.86 8.83
N ARG A 505 28.05 -20.32 9.98
CA ARG A 505 29.10 -20.91 10.79
C ARG A 505 28.96 -20.52 12.28
N VAL A 506 28.61 -21.51 13.10
CA VAL A 506 28.44 -21.31 14.53
C VAL A 506 29.49 -22.18 15.23
N VAL A 507 30.32 -21.51 16.03
CA VAL A 507 31.44 -22.13 16.71
C VAL A 507 31.14 -22.26 18.20
N ILE A 508 31.51 -23.41 18.76
CA ILE A 508 31.32 -23.71 20.17
C ILE A 508 32.65 -24.24 20.68
N ASP A 509 33.38 -23.43 21.46
CA ASP A 509 34.66 -23.83 22.02
C ASP A 509 34.44 -24.86 23.13
N VAL A 510 35.27 -25.90 23.14
CA VAL A 510 35.17 -26.95 24.13
C VAL A 510 36.36 -26.81 25.06
N ARG A 511 36.18 -27.13 26.35
CA ARG A 511 37.24 -26.98 27.35
C ARG A 511 38.33 -28.02 27.10
N LYS A 512 39.58 -27.58 27.20
CA LYS A 512 40.68 -28.51 27.03
C LYS A 512 40.44 -29.79 27.82
N ASP A 513 40.40 -30.92 27.11
CA ASP A 513 40.38 -32.28 27.67
C ASP A 513 38.97 -32.85 27.82
N ALA A 514 37.92 -32.03 27.76
CA ALA A 514 36.55 -32.54 27.72
C ALA A 514 36.27 -33.23 26.38
N ASN A 515 35.39 -34.25 26.36
CA ASN A 515 35.09 -34.96 25.12
C ASN A 515 34.05 -34.20 24.30
N ALA A 516 34.51 -33.72 23.14
CA ALA A 516 33.69 -32.84 22.31
C ALA A 516 32.44 -33.55 21.80
N SER A 517 32.59 -34.81 21.41
CA SER A 517 31.49 -35.59 20.87
C SER A 517 30.38 -35.70 21.91
N VAL A 518 30.78 -35.90 23.16
CA VAL A 518 29.83 -36.01 24.25
C VAL A 518 29.04 -34.71 24.30
N ILE A 519 29.77 -33.60 24.27
CA ILE A 519 29.14 -32.30 24.38
C ILE A 519 28.13 -32.14 23.25
N LEU A 520 28.55 -32.48 22.03
CA LEU A 520 27.74 -32.32 20.84
C LEU A 520 26.46 -33.15 20.99
N ASN A 521 26.58 -34.35 21.53
CA ASN A 521 25.42 -35.20 21.76
C ASN A 521 24.47 -34.59 22.77
N ASN A 522 25.01 -33.90 23.77
CA ASN A 522 24.16 -33.27 24.74
C ASN A 522 23.42 -32.14 24.04
N LEU A 523 24.14 -31.37 23.23
CA LEU A 523 23.51 -30.29 22.50
C LEU A 523 22.34 -30.78 21.64
N TYR A 524 22.50 -31.95 21.01
CA TYR A 524 21.42 -32.50 20.20
C TYR A 524 20.22 -32.84 21.08
N LYS A 525 20.44 -33.34 22.30
CA LYS A 525 19.33 -33.78 23.14
C LYS A 525 18.60 -32.57 23.70
N GLN A 526 19.30 -31.44 23.80
CA GLN A 526 18.87 -30.38 24.69
C GLN A 526 18.60 -29.08 23.94
N THR A 527 18.77 -29.04 22.61
CA THR A 527 18.69 -27.79 21.87
C THR A 527 17.99 -28.02 20.54
N PRO A 528 17.41 -26.98 19.89
CA PRO A 528 16.97 -27.07 18.51
C PRO A 528 18.05 -27.42 17.48
N LEU A 529 19.31 -27.61 17.90
CA LEU A 529 20.36 -28.14 17.03
C LEU A 529 19.93 -29.48 16.43
N GLN A 530 18.94 -30.11 17.05
CA GLN A 530 18.21 -31.22 16.47
C GLN A 530 16.75 -30.97 16.73
N THR A 531 15.89 -31.31 15.76
CA THR A 531 14.52 -30.85 15.77
C THR A 531 13.69 -31.83 14.95
N SER A 532 12.47 -32.09 15.41
CA SER A 532 11.58 -33.00 14.71
C SER A 532 10.74 -32.20 13.72
N PHE A 533 10.52 -32.77 12.53
CA PHE A 533 9.52 -32.25 11.63
C PHE A 533 8.33 -33.21 11.67
N GLY A 534 7.16 -32.71 12.09
CA GLY A 534 6.00 -33.54 12.28
C GLY A 534 5.12 -33.51 11.03
N VAL A 535 5.25 -34.53 10.20
CA VAL A 535 4.57 -34.51 8.92
C VAL A 535 3.09 -34.74 9.16
N ASN A 536 2.24 -33.97 8.48
CA ASN A 536 0.80 -34.17 8.56
C ASN A 536 0.17 -33.67 7.27
N MET A 537 0.21 -34.50 6.21
CA MET A 537 -0.06 -34.07 4.84
C MET A 537 -1.56 -33.89 4.61
N ILE A 538 -2.10 -32.80 5.14
CA ILE A 538 -3.44 -32.39 4.77
C ILE A 538 -3.37 -31.37 3.62
N ALA A 539 -4.22 -31.61 2.62
CA ALA A 539 -4.41 -30.68 1.51
C ALA A 539 -5.87 -30.74 1.07
N LEU A 540 -6.24 -29.77 0.23
CA LEU A 540 -7.54 -29.70 -0.40
C LEU A 540 -7.57 -30.54 -1.69
N VAL A 541 -8.57 -31.42 -1.73
CA VAL A 541 -8.83 -32.29 -2.87
C VAL A 541 -10.32 -32.13 -3.21
N ASN A 542 -10.60 -31.74 -4.45
CA ASN A 542 -11.90 -31.17 -4.78
C ASN A 542 -12.35 -30.22 -3.69
N GLY A 543 -11.49 -29.26 -3.32
CA GLY A 543 -11.77 -28.29 -2.27
C GLY A 543 -12.37 -28.87 -0.97
N ARG A 544 -11.91 -30.05 -0.54
CA ARG A 544 -12.27 -30.53 0.78
C ARG A 544 -10.97 -31.00 1.42
N PRO A 545 -10.76 -30.81 2.72
CA PRO A 545 -9.51 -31.24 3.35
C PRO A 545 -9.37 -32.75 3.36
N LYS A 546 -8.16 -33.25 3.10
CA LYS A 546 -7.89 -34.68 3.14
C LYS A 546 -6.44 -34.92 3.56
N LEU A 547 -6.25 -35.88 4.47
CA LEU A 547 -4.93 -36.45 4.78
C LEU A 547 -4.52 -37.36 3.63
N ILE A 548 -3.40 -37.07 2.97
CA ILE A 548 -3.01 -37.85 1.80
C ILE A 548 -1.58 -38.37 1.94
N ASN A 549 -1.32 -39.58 1.41
CA ASN A 549 0.01 -40.14 1.44
C ASN A 549 0.77 -39.67 0.19
N LEU A 550 2.07 -40.04 0.10
CA LEU A 550 2.95 -39.62 -0.98
C LEU A 550 2.30 -39.95 -2.33
N LYS A 551 1.77 -41.16 -2.46
CA LYS A 551 1.33 -41.63 -3.76
C LYS A 551 0.07 -40.84 -4.13
N GLU A 552 -0.86 -40.67 -3.18
CA GLU A 552 -2.11 -39.99 -3.49
C GLU A 552 -1.84 -38.54 -3.91
N ALA A 553 -0.74 -37.97 -3.42
CA ALA A 553 -0.35 -36.62 -3.81
C ALA A 553 0.12 -36.63 -5.27
N LEU A 554 1.10 -37.48 -5.60
CA LEU A 554 1.59 -37.53 -6.96
C LEU A 554 0.46 -37.76 -7.97
N VAL A 555 -0.56 -38.55 -7.61
CA VAL A 555 -1.62 -38.98 -8.52
C VAL A 555 -2.54 -37.81 -8.86
N HIS A 556 -3.08 -37.14 -7.84
CA HIS A 556 -3.82 -35.91 -8.05
C HIS A 556 -2.99 -34.92 -8.87
N TYR A 557 -1.69 -34.95 -8.67
CA TYR A 557 -0.85 -33.98 -9.33
C TYR A 557 -0.78 -34.32 -10.81
N LEU A 558 -0.63 -35.61 -11.10
CA LEU A 558 -0.51 -36.11 -12.46
C LEU A 558 -1.83 -35.87 -13.18
N GLU A 559 -2.95 -36.09 -12.48
CA GLU A 559 -4.27 -35.90 -13.04
C GLU A 559 -4.46 -34.44 -13.49
N HIS A 560 -3.94 -33.49 -12.70
CA HIS A 560 -4.10 -32.08 -13.01
C HIS A 560 -3.36 -31.78 -14.29
N GLN A 561 -2.17 -32.38 -14.48
CA GLN A 561 -1.31 -32.09 -15.62
C GLN A 561 -1.95 -32.55 -16.93
N LYS A 562 -2.53 -33.75 -16.89
CA LYS A 562 -3.19 -34.32 -18.05
C LYS A 562 -4.32 -33.38 -18.44
N THR A 563 -5.09 -32.94 -17.44
CA THR A 563 -6.22 -32.05 -17.70
C THR A 563 -5.68 -30.77 -18.33
N VAL A 564 -4.58 -30.26 -17.80
CA VAL A 564 -4.05 -29.01 -18.28
C VAL A 564 -3.66 -29.19 -19.75
N VAL A 565 -2.85 -30.21 -20.06
CA VAL A 565 -2.28 -30.39 -21.38
C VAL A 565 -3.41 -30.66 -22.38
N ARG A 566 -4.45 -31.39 -21.92
CA ARG A 566 -5.60 -31.70 -22.74
C ARG A 566 -6.44 -30.45 -23.02
N ARG A 567 -6.72 -29.65 -21.99
CA ARG A 567 -7.46 -28.42 -22.17
C ARG A 567 -6.68 -27.43 -23.03
N ARG A 568 -5.34 -27.48 -22.93
CA ARG A 568 -4.43 -26.64 -23.68
C ARG A 568 -4.50 -27.02 -25.16
N THR A 569 -4.48 -28.33 -25.43
CA THR A 569 -4.58 -28.86 -26.77
C THR A 569 -5.97 -28.58 -27.35
N GLN A 570 -7.05 -28.85 -26.60
CA GLN A 570 -8.36 -28.45 -27.06
C GLN A 570 -8.45 -26.96 -27.41
N TYR A 571 -7.73 -26.07 -26.71
CA TYR A 571 -7.85 -24.63 -26.92
C TYR A 571 -7.16 -24.27 -28.24
N ASN A 572 -5.90 -24.67 -28.39
CA ASN A 572 -5.15 -24.41 -29.62
C ASN A 572 -5.87 -24.95 -30.85
N LEU A 573 -6.72 -25.97 -30.67
CA LEU A 573 -7.47 -26.54 -31.77
C LEU A 573 -8.56 -25.56 -32.15
N ARG A 574 -9.48 -25.22 -31.23
CA ARG A 574 -10.53 -24.25 -31.51
C ARG A 574 -9.96 -23.03 -32.23
N LYS A 575 -8.80 -22.57 -31.74
CA LYS A 575 -8.18 -21.33 -32.16
C LYS A 575 -7.61 -21.44 -33.58
N ALA A 576 -6.92 -22.55 -33.89
CA ALA A 576 -6.35 -22.79 -35.20
C ALA A 576 -7.45 -23.02 -36.26
N LYS A 577 -8.54 -23.70 -35.88
CA LYS A 577 -9.68 -23.83 -36.75
C LYS A 577 -10.38 -22.50 -36.97
N ASP A 578 -10.44 -21.66 -35.93
CA ASP A 578 -11.05 -20.35 -36.10
C ASP A 578 -10.21 -19.54 -37.12
N ARG A 579 -8.90 -19.72 -37.10
CA ARG A 579 -7.99 -18.86 -37.83
C ARG A 579 -7.96 -19.28 -39.30
N ALA A 580 -7.99 -20.59 -39.50
CA ALA A 580 -8.15 -21.19 -40.80
C ALA A 580 -9.40 -20.65 -41.51
N HIS A 581 -10.56 -20.68 -40.82
CA HIS A 581 -11.82 -20.13 -41.31
C HIS A 581 -11.67 -18.68 -41.76
N ILE A 582 -10.92 -17.90 -40.98
CA ILE A 582 -10.68 -16.51 -41.36
C ILE A 582 -9.88 -16.50 -42.65
N LEU A 583 -8.81 -17.31 -42.70
CA LEU A 583 -7.89 -17.36 -43.84
C LEU A 583 -8.55 -17.84 -45.14
N GLU A 584 -9.66 -18.59 -45.01
CA GLU A 584 -10.46 -19.05 -46.14
C GLU A 584 -11.35 -17.94 -46.68
N GLY A 585 -11.76 -17.01 -45.81
CA GLY A 585 -12.39 -15.77 -46.23
C GLY A 585 -11.40 -14.82 -46.89
N LEU A 586 -10.18 -14.72 -46.36
CA LEU A 586 -9.15 -13.84 -46.89
C LEU A 586 -8.62 -14.34 -48.23
N ARG A 587 -8.51 -15.67 -48.39
CA ARG A 587 -8.17 -16.25 -49.69
C ARG A 587 -9.16 -15.74 -50.75
N ILE A 588 -10.46 -15.81 -50.44
CA ILE A 588 -11.54 -15.50 -51.36
C ILE A 588 -11.45 -14.02 -51.77
N ALA A 589 -11.22 -13.18 -50.78
CA ALA A 589 -11.21 -11.73 -50.95
C ALA A 589 -10.04 -11.29 -51.82
N LEU A 590 -8.82 -11.77 -51.55
CA LEU A 590 -7.64 -11.37 -52.31
C LEU A 590 -7.77 -11.86 -53.75
N ASP A 591 -8.40 -13.02 -53.92
CA ASP A 591 -8.71 -13.58 -55.22
C ASP A 591 -9.84 -12.85 -55.97
N HIS A 592 -10.66 -12.05 -55.29
CA HIS A 592 -11.79 -11.41 -55.93
C HIS A 592 -11.82 -9.93 -55.55
N ILE A 593 -10.63 -9.33 -55.48
CA ILE A 593 -10.43 -8.12 -54.71
C ILE A 593 -11.25 -6.95 -55.27
N ASP A 594 -11.42 -6.89 -56.58
CA ASP A 594 -12.13 -5.77 -57.18
C ASP A 594 -13.62 -5.85 -56.86
N GLU A 595 -14.22 -7.02 -57.09
CA GLU A 595 -15.63 -7.18 -56.83
C GLU A 595 -15.88 -6.93 -55.34
N ILE A 596 -14.92 -7.34 -54.50
CA ILE A 596 -14.97 -7.05 -53.08
C ILE A 596 -15.08 -5.53 -52.88
N ILE A 597 -14.19 -4.77 -53.50
CA ILE A 597 -14.09 -3.35 -53.23
C ILE A 597 -15.32 -2.63 -53.80
N SER A 598 -15.76 -3.00 -55.00
CA SER A 598 -17.01 -2.45 -55.51
C SER A 598 -18.17 -2.79 -54.58
N THR A 599 -18.25 -4.05 -54.15
CA THR A 599 -19.33 -4.42 -53.26
C THR A 599 -19.36 -3.41 -52.12
N ILE A 600 -18.19 -3.10 -51.55
CA ILE A 600 -18.14 -2.24 -50.39
C ILE A 600 -18.43 -0.79 -50.78
N ARG A 601 -17.71 -0.28 -51.80
CA ARG A 601 -17.87 1.06 -52.32
C ARG A 601 -19.31 1.39 -52.61
N GLU A 602 -20.12 0.40 -53.05
CA GLU A 602 -21.52 0.63 -53.40
C GLU A 602 -22.40 0.64 -52.16
N SER A 603 -21.84 0.40 -50.96
CA SER A 603 -22.65 0.13 -49.78
C SER A 603 -22.66 1.37 -48.89
N ASP A 604 -23.87 1.83 -48.55
CA ASP A 604 -24.13 2.95 -47.66
C ASP A 604 -23.50 2.74 -46.29
N THR A 605 -23.78 1.59 -45.65
CA THR A 605 -23.39 1.32 -44.27
C THR A 605 -22.54 0.04 -44.16
N ASP A 606 -21.91 -0.15 -42.99
CA ASP A 606 -21.08 -1.30 -42.70
C ASP A 606 -21.95 -2.55 -42.64
N LYS A 607 -23.22 -2.38 -42.27
CA LYS A 607 -24.20 -3.46 -42.19
C LYS A 607 -24.45 -4.07 -43.57
N VAL A 608 -24.83 -3.22 -44.52
CA VAL A 608 -25.20 -3.63 -45.86
C VAL A 608 -24.05 -4.33 -46.57
N ALA A 609 -22.80 -3.94 -46.24
CA ALA A 609 -21.59 -4.48 -46.86
C ALA A 609 -21.34 -5.93 -46.42
N MET A 610 -21.44 -6.17 -45.11
CA MET A 610 -21.49 -7.50 -44.53
C MET A 610 -22.51 -8.37 -45.28
N GLU A 611 -23.78 -7.94 -45.33
CA GLU A 611 -24.83 -8.69 -46.02
C GLU A 611 -24.44 -8.98 -47.49
N SER A 612 -23.95 -7.97 -48.21
CA SER A 612 -23.59 -8.18 -49.61
C SER A 612 -22.39 -9.13 -49.71
N LEU A 613 -21.32 -8.84 -49.00
CA LEU A 613 -20.15 -9.70 -49.02
C LEU A 613 -20.56 -11.16 -48.81
N GLN A 614 -21.51 -11.41 -47.89
CA GLN A 614 -21.89 -12.74 -47.44
C GLN A 614 -22.71 -13.49 -48.50
N GLN A 615 -23.65 -12.79 -49.14
CA GLN A 615 -24.45 -13.39 -50.18
C GLN A 615 -23.59 -13.75 -51.39
N ARG A 616 -22.72 -12.83 -51.80
CA ARG A 616 -22.08 -12.86 -53.10
C ARG A 616 -20.89 -13.82 -53.14
N PHE A 617 -20.22 -14.04 -51.99
CA PHE A 617 -18.98 -14.82 -51.97
C PHE A 617 -18.99 -15.95 -50.95
N LYS A 618 -20.20 -16.31 -50.48
CA LYS A 618 -20.39 -17.39 -49.53
C LYS A 618 -19.49 -17.20 -48.31
N LEU A 619 -19.65 -16.09 -47.59
CA LEU A 619 -18.82 -15.79 -46.44
C LEU A 619 -19.68 -15.78 -45.19
N SER A 620 -19.09 -16.21 -44.05
CA SER A 620 -19.74 -16.07 -42.76
C SER A 620 -19.64 -14.64 -42.27
N GLU A 621 -20.43 -14.34 -41.25
CA GLU A 621 -20.40 -13.04 -40.60
C GLU A 621 -18.97 -12.70 -40.20
N LYS A 622 -18.26 -13.67 -39.61
CA LYS A 622 -16.92 -13.40 -39.10
C LYS A 622 -15.89 -13.30 -40.23
N GLN A 623 -16.21 -13.86 -41.41
CA GLN A 623 -15.31 -13.77 -42.54
C GLN A 623 -15.46 -12.38 -43.18
N ALA A 624 -16.71 -11.93 -43.28
CA ALA A 624 -17.06 -10.61 -43.78
C ALA A 624 -16.43 -9.52 -42.91
N GLN A 625 -16.49 -9.70 -41.59
CA GLN A 625 -15.93 -8.78 -40.63
C GLN A 625 -14.41 -8.68 -40.77
N ALA A 626 -13.72 -9.82 -40.93
CA ALA A 626 -12.27 -9.87 -41.08
C ALA A 626 -11.81 -9.12 -42.33
N ILE A 627 -12.67 -9.13 -43.35
CA ILE A 627 -12.38 -8.50 -44.62
C ILE A 627 -12.54 -7.00 -44.48
N LEU A 628 -13.67 -6.60 -43.92
CA LEU A 628 -13.92 -5.19 -43.68
C LEU A 628 -12.84 -4.60 -42.76
N ASP A 629 -12.17 -5.41 -41.92
CA ASP A 629 -11.16 -4.88 -41.01
C ASP A 629 -9.77 -4.96 -41.61
N MET A 630 -9.63 -5.63 -42.77
CA MET A 630 -8.40 -5.68 -43.52
C MET A 630 -7.90 -4.29 -43.90
N ARG A 631 -6.62 -4.04 -43.63
CA ARG A 631 -6.03 -2.79 -44.08
C ARG A 631 -5.53 -2.93 -45.51
N LEU A 632 -5.48 -1.79 -46.22
CA LEU A 632 -4.99 -1.71 -47.58
C LEU A 632 -3.56 -2.26 -47.72
N ARG A 633 -2.72 -2.28 -46.67
CA ARG A 633 -1.35 -2.77 -46.86
C ARG A 633 -1.31 -4.29 -47.11
N ARG A 634 -2.41 -5.00 -46.80
CA ARG A 634 -2.54 -6.44 -47.08
C ARG A 634 -2.77 -6.79 -48.55
N LEU A 635 -2.83 -5.80 -49.45
CA LEU A 635 -3.06 -6.10 -50.84
C LEU A 635 -1.73 -6.03 -51.57
N THR A 636 -0.63 -5.77 -50.86
CA THR A 636 0.68 -5.82 -51.50
C THR A 636 0.86 -7.21 -52.09
N GLY A 637 1.96 -7.37 -52.84
CA GLY A 637 2.10 -8.42 -53.84
C GLY A 637 2.25 -9.82 -53.25
N LEU A 638 3.03 -9.96 -52.18
CA LEU A 638 3.43 -11.28 -51.70
C LEU A 638 2.54 -11.71 -50.54
N GLU A 639 1.29 -11.24 -50.52
CA GLU A 639 0.37 -11.46 -49.41
C GLU A 639 -0.60 -12.61 -49.71
N ARG A 640 -0.99 -12.80 -50.97
CA ARG A 640 -1.82 -13.95 -51.32
C ARG A 640 -1.04 -15.22 -50.99
N ASP A 641 0.30 -15.12 -50.96
CA ASP A 641 1.22 -16.24 -50.78
C ASP A 641 1.48 -16.54 -49.31
N LYS A 642 1.74 -15.49 -48.50
CA LYS A 642 1.77 -15.64 -47.04
C LYS A 642 0.49 -16.31 -46.52
N ILE A 643 -0.69 -15.76 -46.86
CA ILE A 643 -1.95 -16.38 -46.47
C ILE A 643 -1.90 -17.88 -46.76
N GLU A 644 -1.50 -18.27 -47.99
CA GLU A 644 -1.40 -19.68 -48.35
C GLU A 644 -0.37 -20.44 -47.52
N ALA A 645 0.85 -19.89 -47.34
CA ALA A 645 1.85 -20.50 -46.46
C ALA A 645 1.25 -20.78 -45.09
N GLU A 646 0.76 -19.72 -44.42
CA GLU A 646 0.09 -19.79 -43.11
C GLU A 646 -0.98 -20.88 -43.13
N TYR A 647 -1.86 -20.84 -44.12
CA TYR A 647 -3.06 -21.65 -44.12
C TYR A 647 -2.72 -23.13 -44.22
N ASN A 648 -1.62 -23.46 -44.91
CA ASN A 648 -1.22 -24.84 -45.10
C ASN A 648 -0.51 -25.36 -43.85
N GLU A 649 0.23 -24.47 -43.16
CA GLU A 649 0.88 -24.83 -41.92
C GLU A 649 -0.19 -24.99 -40.84
N LEU A 650 -1.28 -24.23 -40.93
CA LEU A 650 -2.37 -24.33 -39.97
C LEU A 650 -3.05 -25.69 -40.03
N LEU A 651 -3.31 -26.17 -41.26
CA LEU A 651 -4.02 -27.42 -41.47
C LEU A 651 -3.18 -28.58 -40.96
N ASN A 652 -1.85 -28.41 -41.10
CA ASN A 652 -0.87 -29.37 -40.60
C ASN A 652 -0.93 -29.46 -39.08
N TYR A 653 -0.73 -28.32 -38.40
CA TYR A 653 -0.95 -28.17 -36.96
C TYR A 653 -2.31 -28.74 -36.53
N ILE A 654 -3.41 -28.35 -37.19
CA ILE A 654 -4.73 -28.81 -36.78
C ILE A 654 -4.71 -30.33 -36.57
N SER A 655 -4.05 -31.06 -37.48
CA SER A 655 -4.12 -32.51 -37.43
C SER A 655 -3.13 -33.05 -36.40
N GLU A 656 -1.92 -32.47 -36.31
CA GLU A 656 -1.00 -32.77 -35.22
C GLU A 656 -1.71 -32.73 -33.86
N LEU A 657 -2.61 -31.72 -33.69
CA LEU A 657 -3.42 -31.51 -32.48
C LEU A 657 -4.48 -32.59 -32.34
N GLU A 658 -5.11 -33.00 -33.45
CA GLU A 658 -6.16 -34.00 -33.41
C GLU A 658 -5.59 -35.38 -33.08
N THR A 659 -4.39 -35.68 -33.61
CA THR A 659 -3.59 -36.82 -33.18
C THR A 659 -3.64 -36.94 -31.67
N ILE A 660 -3.22 -35.86 -31.01
CA ILE A 660 -2.97 -35.84 -29.58
C ILE A 660 -4.28 -36.09 -28.83
N LEU A 661 -5.35 -35.44 -29.26
CA LEU A 661 -6.61 -35.54 -28.55
C LEU A 661 -7.24 -36.92 -28.67
N ALA A 662 -6.83 -37.72 -29.67
CA ALA A 662 -7.55 -38.96 -29.93
C ALA A 662 -6.79 -40.17 -29.36
N ASP A 663 -5.56 -39.97 -28.87
CA ASP A 663 -4.74 -41.04 -28.34
C ASP A 663 -4.16 -40.62 -26.99
N GLU A 664 -4.60 -41.31 -25.93
CA GLU A 664 -4.30 -40.95 -24.56
C GLU A 664 -2.84 -41.23 -24.24
N GLU A 665 -2.23 -42.17 -24.98
CA GLU A 665 -0.84 -42.49 -24.79
C GLU A 665 0.02 -41.40 -25.42
N VAL A 666 -0.55 -40.66 -26.36
CA VAL A 666 0.21 -39.58 -26.98
C VAL A 666 0.17 -38.36 -26.06
N LEU A 667 -1.02 -38.04 -25.49
CA LEU A 667 -1.17 -36.97 -24.52
C LEU A 667 -0.26 -37.18 -23.30
N LEU A 668 -0.29 -38.42 -22.77
CA LEU A 668 0.44 -38.78 -21.57
C LEU A 668 1.94 -38.63 -21.81
N GLN A 669 2.38 -39.04 -22.99
CA GLN A 669 3.78 -38.94 -23.38
C GLN A 669 4.15 -37.47 -23.56
N LEU A 670 3.21 -36.68 -24.10
CA LEU A 670 3.37 -35.24 -24.17
C LEU A 670 3.59 -34.65 -22.77
N VAL A 671 2.78 -35.13 -21.78
CA VAL A 671 2.90 -34.72 -20.39
C VAL A 671 4.26 -35.13 -19.85
N ARG A 672 4.65 -36.38 -20.11
CA ARG A 672 5.94 -36.89 -19.68
C ARG A 672 7.05 -35.97 -20.21
N ASP A 673 6.86 -35.48 -21.43
CA ASP A 673 7.93 -34.82 -22.15
C ASP A 673 8.17 -33.44 -21.56
N GLU A 674 7.08 -32.70 -21.31
CA GLU A 674 7.19 -31.35 -20.77
C GLU A 674 7.78 -31.40 -19.36
N LEU A 675 7.44 -32.44 -18.58
CA LEU A 675 7.94 -32.58 -17.23
C LEU A 675 9.45 -32.81 -17.29
N THR A 676 9.90 -33.63 -18.24
CA THR A 676 11.30 -34.00 -18.37
C THR A 676 12.11 -32.74 -18.66
N GLU A 677 11.54 -31.82 -19.44
CA GLU A 677 12.22 -30.59 -19.83
C GLU A 677 12.37 -29.71 -18.58
N ILE A 678 11.29 -29.64 -17.79
CA ILE A 678 11.27 -28.86 -16.58
C ILE A 678 12.31 -29.42 -15.63
N ARG A 679 12.34 -30.75 -15.50
CA ARG A 679 13.36 -31.43 -14.70
C ARG A 679 14.76 -31.02 -15.18
N ASP A 680 14.95 -30.96 -16.50
CA ASP A 680 16.29 -30.72 -17.03
C ASP A 680 16.70 -29.29 -16.74
N ARG A 681 15.76 -28.36 -16.69
CA ARG A 681 16.12 -26.95 -16.63
C ARG A 681 16.20 -26.46 -15.18
N PHE A 682 15.48 -27.11 -14.26
CA PHE A 682 15.28 -26.58 -12.91
C PHE A 682 15.78 -27.54 -11.83
N GLY A 683 15.80 -28.83 -12.10
CA GLY A 683 16.38 -29.83 -11.22
C GLY A 683 17.80 -29.49 -10.74
N ASP A 684 18.04 -29.74 -9.46
CA ASP A 684 19.26 -29.39 -8.78
C ASP A 684 19.59 -30.55 -7.87
N ASP A 685 20.73 -30.49 -7.20
CA ASP A 685 21.13 -31.59 -6.34
C ASP A 685 20.31 -31.56 -5.05
N ARG A 686 20.22 -32.74 -4.44
CA ARG A 686 19.86 -32.89 -3.04
C ARG A 686 20.82 -32.08 -2.18
N ARG A 687 20.25 -31.43 -1.15
CA ARG A 687 21.01 -30.70 -0.15
C ARG A 687 20.99 -31.42 1.20
N THR A 688 19.85 -31.99 1.57
CA THR A 688 19.70 -32.69 2.83
C THR A 688 20.28 -34.09 2.66
N GLU A 689 21.14 -34.53 3.58
CA GLU A 689 21.71 -35.86 3.57
C GLU A 689 20.91 -36.78 4.48
N ILE A 690 20.57 -37.96 3.99
CA ILE A 690 19.77 -38.90 4.77
C ILE A 690 20.70 -39.98 5.32
N GLN A 691 20.99 -39.96 6.63
CA GLN A 691 21.90 -40.92 7.26
C GLN A 691 21.12 -42.10 7.83
N LEU A 692 21.50 -43.33 7.42
CA LEU A 692 21.07 -44.56 8.07
C LEU A 692 22.32 -45.25 8.60
N LYS B 10 18.69 -3.25 20.87
CA LYS B 10 18.93 -2.61 19.56
C LYS B 10 20.32 -2.98 19.05
N LEU B 11 21.36 -2.74 19.86
CA LEU B 11 22.74 -3.03 19.50
C LEU B 11 22.87 -4.45 18.95
N ALA B 12 23.59 -4.61 17.84
CA ALA B 12 24.09 -5.91 17.43
C ALA B 12 25.60 -5.83 17.41
N ASP B 13 26.23 -6.33 18.48
CA ASP B 13 27.62 -6.04 18.75
C ASP B 13 28.53 -6.92 17.90
N CYS B 14 29.84 -6.69 17.99
CA CYS B 14 30.81 -7.53 17.29
C CYS B 14 31.39 -8.55 18.29
N SER B 15 32.16 -9.50 17.76
CA SER B 15 32.87 -10.50 18.57
C SER B 15 34.01 -9.83 19.32
N SER B 16 35.10 -9.53 18.60
CA SER B 16 36.20 -8.76 19.12
C SER B 16 35.72 -7.74 20.15
N LYS B 17 36.36 -7.74 21.33
CA LYS B 17 36.22 -6.70 22.34
C LYS B 17 37.37 -5.71 22.26
N SER B 18 38.32 -5.92 21.34
CA SER B 18 39.46 -5.03 21.17
C SER B 18 39.02 -3.78 20.41
N PRO B 19 38.76 -2.64 21.08
CA PRO B 19 38.18 -1.49 20.40
C PRO B 19 39.05 -0.92 19.30
N GLU B 20 40.36 -1.22 19.36
CA GLU B 20 41.34 -0.81 18.35
C GLU B 20 40.80 -1.04 16.94
N GLU B 21 40.23 -2.23 16.71
CA GLU B 21 39.88 -2.68 15.37
C GLU B 21 38.37 -2.76 15.18
N CYS B 22 37.60 -2.17 16.10
CA CYS B 22 36.15 -2.30 16.09
C CYS B 22 35.44 -1.04 15.59
N GLU B 23 34.40 -1.24 14.79
CA GLU B 23 33.58 -0.18 14.22
C GLU B 23 32.15 -0.40 14.68
N ILE B 24 31.41 0.70 14.92
CA ILE B 24 29.97 0.65 15.12
C ILE B 24 29.26 1.52 14.07
N PHE B 25 28.25 0.98 13.40
CA PHE B 25 27.52 1.71 12.38
C PHE B 25 26.15 2.17 12.90
N LEU B 26 25.89 3.48 12.80
CA LEU B 26 24.60 4.04 13.15
C LEU B 26 23.76 4.14 11.87
N VAL B 27 22.57 3.53 11.93
CA VAL B 27 21.66 3.53 10.79
C VAL B 27 20.29 3.97 11.30
N GLU B 28 19.36 4.27 10.37
CA GLU B 28 18.18 5.02 10.75
C GLU B 28 17.09 4.17 11.43
N GLY B 29 17.10 2.84 11.20
CA GLY B 29 16.06 1.95 11.69
C GLY B 29 16.32 0.51 11.25
N ASP B 30 15.47 -0.43 11.67
CA ASP B 30 15.67 -1.86 11.45
C ASP B 30 15.61 -2.22 9.95
N SER B 31 15.03 -1.36 9.10
CA SER B 31 14.91 -1.68 7.68
C SER B 31 16.29 -1.61 7.05
N ALA B 32 17.06 -0.60 7.41
CA ALA B 32 18.45 -0.53 7.01
C ALA B 32 19.28 -1.47 7.86
N GLY B 33 18.91 -1.57 9.15
CA GLY B 33 19.60 -2.43 10.09
C GLY B 33 19.81 -3.83 9.52
N GLY B 34 18.75 -4.38 8.92
CA GLY B 34 18.75 -5.74 8.43
C GLY B 34 19.79 -5.97 7.32
N SER B 35 19.72 -5.14 6.28
CA SER B 35 20.72 -5.16 5.23
C SER B 35 22.15 -5.03 5.77
N THR B 36 22.32 -4.18 6.79
CA THR B 36 23.64 -3.85 7.32
C THR B 36 24.23 -5.06 8.05
N LYS B 37 23.37 -5.68 8.87
CA LYS B 37 23.67 -6.88 9.65
C LYS B 37 24.09 -8.01 8.71
N SER B 38 23.33 -8.18 7.61
CA SER B 38 23.50 -9.31 6.70
C SER B 38 24.80 -9.18 5.93
N GLY B 39 25.30 -7.96 5.76
CA GLY B 39 26.44 -7.73 4.91
C GLY B 39 27.69 -7.42 5.71
N ARG B 40 27.57 -7.25 7.03
CA ARG B 40 28.73 -6.83 7.82
C ARG B 40 29.74 -7.95 7.96
N ASP B 41 30.92 -7.61 8.48
CA ASP B 41 31.87 -8.53 9.08
C ASP B 41 31.64 -8.51 10.59
N SER B 42 30.97 -9.53 11.15
CA SER B 42 30.45 -9.42 12.50
C SER B 42 31.51 -9.62 13.58
N ARG B 43 32.79 -9.77 13.18
CA ARG B 43 33.92 -9.85 14.10
C ARG B 43 34.36 -8.47 14.59
N THR B 44 34.42 -7.50 13.66
CA THR B 44 34.90 -6.16 13.98
C THR B 44 33.77 -5.11 13.93
N GLN B 45 32.58 -5.42 13.38
CA GLN B 45 31.61 -4.42 12.96
C GLN B 45 30.27 -4.53 13.68
N ALA B 46 30.02 -3.59 14.60
CA ALA B 46 28.77 -3.53 15.32
C ALA B 46 27.78 -2.63 14.59
N ILE B 47 26.50 -2.75 14.95
CA ILE B 47 25.44 -2.01 14.28
C ILE B 47 24.42 -1.56 15.32
N LEU B 48 24.13 -0.26 15.30
CA LEU B 48 23.11 0.29 16.17
C LEU B 48 22.05 0.94 15.28
N PRO B 49 20.88 0.32 15.12
CA PRO B 49 19.74 1.03 14.55
C PRO B 49 19.14 2.03 15.54
N LEU B 50 18.85 3.23 15.04
CA LEU B 50 18.13 4.26 15.76
C LEU B 50 16.66 4.18 15.37
N ARG B 51 15.92 5.29 15.49
CA ARG B 51 14.49 5.27 15.16
C ARG B 51 14.05 6.59 14.57
N GLY B 52 14.60 6.95 13.42
CA GLY B 52 14.19 8.16 12.71
C GLY B 52 14.97 9.39 13.15
N LYS B 53 14.29 10.52 13.14
CA LYS B 53 14.89 11.76 13.60
C LYS B 53 15.25 11.56 15.09
N ILE B 54 16.52 11.83 15.43
CA ILE B 54 16.93 11.92 16.81
C ILE B 54 16.65 13.34 17.31
N LEU B 55 16.54 13.47 18.63
CA LEU B 55 16.33 14.74 19.32
C LEU B 55 17.37 15.78 18.94
N ASN B 56 16.95 17.06 18.82
CA ASN B 56 17.89 18.15 18.63
C ASN B 56 18.42 18.66 19.98
N VAL B 57 19.67 18.31 20.31
CA VAL B 57 20.20 18.58 21.64
C VAL B 57 20.44 20.08 21.89
N GLU B 58 20.72 20.85 20.82
CA GLU B 58 20.89 22.29 20.85
C GLU B 58 19.59 23.06 21.13
N LYS B 59 18.41 22.45 21.07
CA LYS B 59 17.17 23.16 21.33
C LYS B 59 16.45 22.54 22.51
N ALA B 60 16.96 21.43 23.04
CA ALA B 60 16.22 20.68 24.03
C ALA B 60 16.82 20.88 25.42
N ARG B 61 15.94 20.75 26.42
CA ARG B 61 16.32 20.74 27.82
C ARG B 61 17.09 19.45 28.13
N LEU B 62 18.04 19.56 29.07
CA LEU B 62 18.93 18.48 29.44
C LEU B 62 18.16 17.33 30.12
N ASP B 63 17.06 17.63 30.82
CA ASP B 63 16.25 16.60 31.45
C ASP B 63 15.99 15.50 30.43
N ARG B 64 15.64 15.90 29.20
CA ARG B 64 15.08 14.98 28.23
C ARG B 64 16.14 14.54 27.22
N ILE B 65 17.24 15.31 27.10
CA ILE B 65 18.43 14.78 26.45
C ILE B 65 18.84 13.48 27.14
N LEU B 66 18.82 13.46 28.48
CA LEU B 66 19.37 12.31 29.19
C LEU B 66 18.31 11.22 29.34
N ASN B 67 17.03 11.51 29.10
CA ASN B 67 15.99 10.48 29.14
C ASN B 67 15.76 9.79 27.80
N ASN B 68 16.02 10.51 26.70
CA ASN B 68 15.73 10.02 25.37
C ASN B 68 16.44 8.68 25.14
N ASN B 69 15.66 7.65 24.80
CA ASN B 69 16.18 6.32 24.51
C ASN B 69 17.43 6.31 23.62
N GLU B 70 17.31 6.90 22.43
CA GLU B 70 18.32 6.69 21.41
C GLU B 70 19.60 7.38 21.83
N ILE B 71 19.48 8.54 22.47
CA ILE B 71 20.60 9.19 23.10
C ILE B 71 21.23 8.23 24.11
N ARG B 72 20.38 7.67 24.97
CA ARG B 72 20.83 6.81 26.04
C ARG B 72 21.64 5.65 25.46
N GLN B 73 21.12 5.01 24.40
CA GLN B 73 21.69 3.77 23.90
C GLN B 73 23.02 4.04 23.19
N MET B 74 23.08 5.19 22.56
CA MET B 74 24.34 5.61 21.99
C MET B 74 25.36 5.75 23.10
N ILE B 75 24.94 6.27 24.25
CA ILE B 75 25.87 6.47 25.34
C ILE B 75 26.35 5.10 25.80
N THR B 76 25.42 4.25 26.20
CA THR B 76 25.78 2.89 26.55
C THR B 76 26.76 2.30 25.55
N ALA B 77 26.42 2.26 24.26
CA ALA B 77 27.23 1.55 23.30
C ALA B 77 28.67 2.08 23.26
N PHE B 78 28.86 3.39 23.38
CA PHE B 78 30.20 3.93 23.20
C PHE B 78 30.99 3.71 24.49
N GLY B 79 30.26 3.68 25.61
CA GLY B 79 30.80 3.28 26.90
C GLY B 79 31.82 4.28 27.44
N THR B 80 31.71 5.54 27.02
CA THR B 80 32.68 6.56 27.40
C THR B 80 32.05 7.67 28.25
N GLY B 81 30.73 7.61 28.50
CA GLY B 81 30.04 8.63 29.29
C GLY B 81 30.07 10.01 28.63
N ILE B 82 29.27 10.94 29.16
CA ILE B 82 29.02 12.22 28.50
C ILE B 82 29.70 13.36 29.26
N GLY B 83 30.02 14.41 28.49
CA GLY B 83 30.40 15.72 29.00
C GLY B 83 31.68 15.66 29.82
N GLY B 84 31.57 16.01 31.11
CA GLY B 84 32.69 16.06 32.04
C GLY B 84 33.26 14.67 32.31
N ASP B 85 32.39 13.71 32.64
CA ASP B 85 32.78 12.37 33.06
C ASP B 85 32.98 11.48 31.84
N PHE B 86 33.80 11.95 30.89
CA PHE B 86 33.91 11.35 29.56
C PHE B 86 35.30 10.76 29.34
N ASP B 87 35.41 9.43 29.34
CA ASP B 87 36.72 8.83 29.21
C ASP B 87 36.90 8.30 27.80
N LEU B 88 37.70 9.02 27.02
CA LEU B 88 38.18 8.54 25.74
C LEU B 88 38.74 7.12 25.85
N ALA B 89 39.57 6.87 26.85
CA ALA B 89 40.20 5.57 27.03
C ALA B 89 39.15 4.45 27.05
N LYS B 90 37.91 4.75 27.45
CA LYS B 90 36.87 3.74 27.58
C LYS B 90 35.98 3.57 26.33
N ALA B 91 36.37 4.16 25.20
CA ALA B 91 35.65 3.92 23.96
C ALA B 91 35.69 2.42 23.63
N ARG B 92 34.50 1.82 23.49
CA ARG B 92 34.39 0.43 23.08
C ARG B 92 34.66 0.29 21.57
N TYR B 93 34.78 1.41 20.84
CA TYR B 93 35.05 1.42 19.40
C TYR B 93 35.93 2.62 19.06
N HIS B 94 36.85 2.46 18.10
CA HIS B 94 37.69 3.55 17.62
C HIS B 94 37.16 4.06 16.27
N LYS B 95 35.98 3.58 15.85
CA LYS B 95 35.28 4.10 14.69
C LYS B 95 33.76 4.08 14.93
N ILE B 96 33.18 5.27 15.13
CA ILE B 96 31.73 5.50 15.07
C ILE B 96 31.41 6.03 13.67
N VAL B 97 30.68 5.24 12.88
CA VAL B 97 30.40 5.56 11.49
C VAL B 97 28.91 5.88 11.33
N ILE B 98 28.66 7.14 10.92
CA ILE B 98 27.33 7.59 10.60
C ILE B 98 27.00 7.14 9.18
N MET B 99 25.93 6.35 9.07
CA MET B 99 25.46 5.79 7.81
C MET B 99 23.95 5.91 7.76
N THR B 100 23.46 7.14 7.58
CA THR B 100 22.05 7.35 7.37
C THR B 100 21.74 7.09 5.90
N ASP B 101 20.47 7.21 5.52
CA ASP B 101 20.06 6.97 4.15
C ASP B 101 20.64 8.07 3.28
N ALA B 102 20.94 7.75 2.02
CA ALA B 102 21.41 8.75 1.07
C ALA B 102 20.26 9.57 0.49
N ASP B 103 19.32 10.02 1.33
CA ASP B 103 18.30 11.01 0.96
C ASP B 103 18.46 12.26 1.85
N VAL B 104 17.58 13.26 1.70
CA VAL B 104 17.75 14.55 2.37
C VAL B 104 17.45 14.43 3.85
N ASP B 105 16.43 13.63 4.19
CA ASP B 105 16.15 13.37 5.58
C ASP B 105 17.35 12.65 6.23
N GLY B 106 18.18 11.97 5.45
CA GLY B 106 19.39 11.35 5.98
C GLY B 106 20.45 12.40 6.31
N ALA B 107 20.63 13.36 5.40
CA ALA B 107 21.45 14.53 5.68
C ALA B 107 21.00 15.21 6.97
N HIS B 108 19.68 15.38 7.17
CA HIS B 108 19.18 16.03 8.39
C HIS B 108 19.48 15.21 9.66
N ILE B 109 19.22 13.89 9.63
CA ILE B 109 19.55 13.04 10.75
C ILE B 109 21.07 13.05 10.99
N ARG B 110 21.87 13.25 9.95
CA ARG B 110 23.30 13.37 10.15
C ARG B 110 23.61 14.66 10.91
N THR B 111 22.95 15.77 10.59
CA THR B 111 23.27 17.01 11.28
C THR B 111 22.90 16.84 12.74
N LEU B 112 21.80 16.14 13.02
CA LEU B 112 21.31 16.02 14.37
C LEU B 112 22.32 15.24 15.22
N LEU B 113 22.98 14.26 14.60
CA LEU B 113 23.89 13.39 15.32
C LEU B 113 25.20 14.14 15.58
N LEU B 114 25.74 14.81 14.55
CA LEU B 114 26.98 15.56 14.71
C LEU B 114 26.82 16.59 15.83
N THR B 115 25.61 17.15 15.97
CA THR B 115 25.29 18.13 16.99
C THR B 115 25.39 17.51 18.37
N PHE B 116 24.71 16.37 18.57
CA PHE B 116 24.83 15.57 19.79
C PHE B 116 26.30 15.29 20.13
N PHE B 117 27.09 14.76 19.18
CA PHE B 117 28.48 14.43 19.43
C PHE B 117 29.30 15.67 19.77
N TYR B 118 29.09 16.77 19.03
CA TYR B 118 29.86 17.96 19.28
C TYR B 118 29.63 18.49 20.69
N ARG B 119 28.38 18.41 21.17
CA ARG B 119 27.98 19.10 22.39
C ARG B 119 28.03 18.18 23.59
N PHE B 120 28.38 16.91 23.38
CA PHE B 120 28.34 15.97 24.49
C PHE B 120 29.51 15.00 24.44
N MET B 121 30.16 14.86 23.29
CA MET B 121 31.24 13.92 23.14
C MET B 121 32.33 14.56 22.30
N ARG B 122 32.53 15.86 22.55
CA ARG B 122 33.40 16.66 21.72
C ARG B 122 34.70 15.89 21.55
N PRO B 123 35.35 15.40 22.63
CA PRO B 123 36.66 14.74 22.51
C PRO B 123 36.71 13.60 21.50
N LEU B 124 35.59 12.84 21.45
CA LEU B 124 35.34 11.78 20.48
C LEU B 124 35.61 12.28 19.05
N ILE B 125 35.12 13.48 18.72
CA ILE B 125 35.37 14.10 17.42
C ILE B 125 36.83 14.56 17.33
N GLU B 126 37.33 15.24 18.39
CA GLU B 126 38.71 15.66 18.47
C GLU B 126 39.63 14.46 18.24
N ALA B 127 39.31 13.33 18.88
CA ALA B 127 40.17 12.15 18.86
C ALA B 127 40.19 11.51 17.48
N GLY B 128 39.20 11.84 16.62
CA GLY B 128 39.17 11.40 15.24
C GLY B 128 38.42 10.07 15.07
N TYR B 129 37.48 9.81 15.98
CA TYR B 129 36.78 8.53 16.06
C TYR B 129 35.47 8.53 15.26
N VAL B 130 34.93 9.71 14.92
CA VAL B 130 33.67 9.83 14.19
C VAL B 130 33.96 9.91 12.69
N TYR B 131 33.10 9.23 11.90
CA TYR B 131 33.26 9.08 10.45
C TYR B 131 31.89 9.14 9.78
N ILE B 132 31.90 9.30 8.45
CA ILE B 132 30.68 9.33 7.66
C ILE B 132 30.84 8.38 6.48
N ALA B 133 29.95 7.37 6.46
CA ALA B 133 29.86 6.41 5.38
C ALA B 133 29.24 7.05 4.15
N GLN B 134 29.53 6.48 2.97
CA GLN B 134 29.07 6.99 1.69
C GLN B 134 28.34 5.94 0.86
N PRO B 135 27.10 5.56 1.25
CA PRO B 135 26.28 4.65 0.46
C PRO B 135 25.85 5.24 -0.89
N PRO B 136 25.59 4.45 -1.96
CA PRO B 136 25.22 5.00 -3.27
C PRO B 136 23.87 5.72 -3.22
N THR B 137 23.68 6.71 -4.10
CA THR B 137 22.44 7.48 -4.17
C THR B 137 21.41 6.71 -5.01
N GLY B 138 20.21 7.29 -5.20
CA GLY B 138 19.12 6.60 -5.86
C GLY B 138 18.69 5.36 -5.07
N TYR B 139 18.30 5.58 -3.81
CA TYR B 139 17.93 4.54 -2.87
C TYR B 139 17.21 5.24 -1.72
N LYS B 140 15.95 4.89 -1.44
CA LYS B 140 15.21 5.56 -0.38
C LYS B 140 15.95 5.37 0.94
N GLY B 141 16.25 4.10 1.24
CA GLY B 141 17.05 3.74 2.39
C GLY B 141 17.89 2.50 2.10
N LEU B 142 18.74 2.10 3.07
CA LEU B 142 19.65 0.99 2.84
C LEU B 142 18.87 -0.35 2.78
N GLY B 143 17.61 -0.35 3.26
CA GLY B 143 16.72 -1.50 3.16
C GLY B 143 16.40 -1.91 1.71
N GLU B 144 16.60 -0.99 0.76
CA GLU B 144 16.39 -1.28 -0.65
C GLU B 144 17.63 -1.91 -1.30
N MET B 145 18.79 -1.88 -0.62
CA MET B 145 20.00 -2.51 -1.13
C MET B 145 20.08 -3.94 -0.65
N ASN B 146 20.62 -4.81 -1.50
CA ASN B 146 21.02 -6.14 -1.07
C ASN B 146 22.29 -6.03 -0.25
N ALA B 147 22.44 -6.97 0.69
CA ALA B 147 23.50 -6.95 1.67
C ALA B 147 24.88 -6.95 1.03
N ASP B 148 25.03 -7.66 -0.09
CA ASP B 148 26.30 -7.76 -0.79
C ASP B 148 26.73 -6.41 -1.34
N GLN B 149 25.78 -5.67 -1.94
CA GLN B 149 26.00 -4.33 -2.46
C GLN B 149 26.42 -3.38 -1.33
N LEU B 150 25.65 -3.41 -0.24
CA LEU B 150 25.90 -2.55 0.89
C LEU B 150 27.32 -2.80 1.40
N TRP B 151 27.76 -4.06 1.33
CA TRP B 151 29.09 -4.42 1.79
C TRP B 151 30.18 -3.89 0.86
N GLU B 152 30.08 -4.19 -0.44
CA GLU B 152 31.08 -3.82 -1.44
C GLU B 152 31.29 -2.30 -1.48
N THR B 153 30.18 -1.55 -1.65
CA THR B 153 30.19 -0.11 -1.78
C THR B 153 30.68 0.56 -0.50
N THR B 154 30.06 0.22 0.64
CA THR B 154 30.00 1.12 1.78
C THR B 154 30.76 0.62 3.01
N MET B 155 30.76 -0.70 3.28
CA MET B 155 31.20 -1.23 4.57
C MET B 155 32.52 -1.97 4.47
N ASN B 156 32.96 -2.33 3.26
CA ASN B 156 34.07 -3.24 3.18
C ASN B 156 35.35 -2.42 3.32
N PRO B 157 36.20 -2.71 4.32
CA PRO B 157 37.38 -1.88 4.58
C PRO B 157 38.30 -1.69 3.38
N GLU B 158 38.18 -2.57 2.37
CA GLU B 158 39.05 -2.49 1.21
C GLU B 158 38.56 -1.45 0.23
N HIS B 159 37.38 -1.67 -0.37
CA HIS B 159 36.98 -0.89 -1.52
C HIS B 159 35.81 0.01 -1.16
N ARG B 160 35.99 0.79 -0.07
CA ARG B 160 35.01 1.75 0.38
C ARG B 160 35.67 3.08 0.73
N ALA B 161 34.85 4.11 0.93
CA ALA B 161 35.35 5.48 1.11
C ALA B 161 34.66 6.13 2.32
N LEU B 162 35.42 6.28 3.40
CA LEU B 162 34.97 6.99 4.58
C LEU B 162 35.55 8.41 4.64
N LEU B 163 34.75 9.29 5.23
CA LEU B 163 35.18 10.63 5.57
C LEU B 163 35.39 10.61 7.07
N GLN B 164 36.58 11.06 7.49
CA GLN B 164 36.85 11.23 8.91
C GLN B 164 36.62 12.70 9.24
N VAL B 165 35.85 12.94 10.31
CA VAL B 165 35.40 14.26 10.71
C VAL B 165 36.56 14.94 11.46
N LYS B 166 37.11 16.03 10.87
CA LYS B 166 38.08 16.90 11.52
C LYS B 166 37.35 18.17 11.98
N LEU B 167 37.59 18.52 13.26
CA LEU B 167 37.24 19.80 13.84
C LEU B 167 38.46 20.72 13.75
N GLU B 168 38.38 21.80 12.95
CA GLU B 168 39.41 22.83 12.89
C GLU B 168 39.10 23.93 13.93
N ASP B 169 38.72 25.14 13.50
CA ASP B 169 38.40 26.20 14.44
C ASP B 169 37.18 25.80 15.25
N ALA B 170 37.33 25.80 16.59
CA ALA B 170 36.22 25.59 17.52
C ALA B 170 35.22 26.73 17.45
N ILE B 171 35.70 27.97 17.68
CA ILE B 171 34.83 29.15 17.74
C ILE B 171 33.81 29.11 16.60
N GLU B 172 34.32 28.96 15.37
CA GLU B 172 33.50 28.79 14.18
C GLU B 172 32.54 27.61 14.27
N ALA B 173 33.03 26.44 14.69
CA ALA B 173 32.14 25.32 14.93
C ALA B 173 31.01 25.73 15.87
N ASP B 174 31.35 26.35 17.02
CA ASP B 174 30.32 26.72 17.98
C ASP B 174 29.25 27.63 17.35
N GLN B 175 29.68 28.59 16.53
CA GLN B 175 28.74 29.49 15.89
C GLN B 175 27.86 28.72 14.92
N THR B 176 28.47 27.81 14.15
CA THR B 176 27.75 27.05 13.14
C THR B 176 26.63 26.26 13.83
N PHE B 177 26.99 25.48 14.86
CA PHE B 177 25.98 24.67 15.53
C PHE B 177 24.89 25.60 16.08
N GLU B 178 25.29 26.77 16.59
CA GLU B 178 24.35 27.70 17.22
C GLU B 178 23.35 28.19 16.16
N MET B 179 23.88 28.59 15.00
CA MET B 179 23.10 29.17 13.91
C MET B 179 22.18 28.14 13.27
N LEU B 180 22.75 26.98 12.94
CA LEU B 180 22.04 25.97 12.19
C LEU B 180 20.98 25.28 13.06
N MET B 181 21.32 25.03 14.33
CA MET B 181 20.58 24.06 15.12
C MET B 181 19.90 24.73 16.32
N GLY B 182 20.22 26.01 16.58
CA GLY B 182 19.70 26.68 17.76
C GLY B 182 18.30 27.21 17.49
N ASP B 183 17.71 27.93 18.46
CA ASP B 183 16.30 28.32 18.37
C ASP B 183 16.10 29.73 17.82
N VAL B 184 17.15 30.42 17.37
CA VAL B 184 16.92 31.70 16.71
C VAL B 184 16.78 31.47 15.20
N VAL B 185 15.50 31.48 14.76
CA VAL B 185 15.14 31.20 13.37
C VAL B 185 15.80 32.21 12.43
N GLU B 186 15.85 33.49 12.79
CA GLU B 186 16.33 34.49 11.86
C GLU B 186 17.79 34.20 11.45
N ASN B 187 18.60 33.66 12.36
CA ASN B 187 19.98 33.39 11.99
C ASN B 187 20.01 32.38 10.85
N ARG B 188 19.24 31.30 11.04
CA ARG B 188 19.10 30.22 10.08
C ARG B 188 18.53 30.71 8.75
N ARG B 189 17.43 31.48 8.83
CA ARG B 189 16.82 32.03 7.63
C ARG B 189 17.80 32.82 6.80
N GLN B 190 18.68 33.58 7.46
CA GLN B 190 19.64 34.41 6.74
C GLN B 190 20.64 33.54 5.99
N PHE B 191 21.12 32.49 6.64
CA PHE B 191 22.07 31.58 6.03
C PHE B 191 21.47 30.95 4.77
N ILE B 192 20.19 30.53 4.83
CA ILE B 192 19.53 29.93 3.68
C ILE B 192 19.55 30.91 2.51
N GLU B 193 19.06 32.14 2.75
CA GLU B 193 18.96 33.16 1.71
C GLU B 193 20.34 33.42 1.10
N ASP B 194 21.33 33.61 1.98
CA ASP B 194 22.71 33.86 1.61
C ASP B 194 23.31 32.72 0.79
N ASN B 195 22.86 31.47 0.96
CA ASN B 195 23.60 30.37 0.38
C ASN B 195 22.77 29.52 -0.57
N ALA B 196 21.44 29.62 -0.51
CA ALA B 196 20.60 28.84 -1.39
C ALA B 196 20.94 29.22 -2.83
N VAL B 197 21.13 28.21 -3.67
CA VAL B 197 21.15 28.37 -5.11
C VAL B 197 19.92 27.65 -5.64
N TYR B 198 18.87 28.42 -5.92
CA TYR B 198 17.67 27.91 -6.57
C TYR B 198 17.97 27.58 -8.04
N ALA B 199 17.15 26.71 -8.63
CA ALA B 199 17.21 26.47 -10.08
C ALA B 199 16.65 27.68 -10.82
N ASN B 200 17.15 27.91 -12.06
CA ASN B 200 16.76 29.06 -12.86
C ASN B 200 15.23 29.15 -12.94
N ILE B 211 40.73 7.05 3.53
CA ILE B 211 40.03 7.96 4.50
C ILE B 211 40.44 9.42 4.23
N ASN B 212 39.51 10.18 3.63
CA ASN B 212 39.62 11.61 3.51
C ASN B 212 39.02 12.30 4.73
N GLU B 213 39.57 13.48 5.03
CA GLU B 213 39.07 14.32 6.10
C GLU B 213 37.95 15.19 5.55
N ARG B 214 36.98 15.47 6.40
CA ARG B 214 35.87 16.33 6.06
C ARG B 214 35.71 17.28 7.22
N ASN B 215 35.77 18.59 6.96
CA ASN B 215 35.62 19.59 8.00
C ASN B 215 34.20 19.58 8.58
N ILE B 216 34.08 19.47 9.91
CA ILE B 216 32.76 19.31 10.54
C ILE B 216 31.85 20.51 10.25
N THR B 217 32.42 21.70 10.10
CA THR B 217 31.65 22.90 9.82
C THR B 217 31.19 22.83 8.36
N SER B 218 32.09 22.39 7.47
CA SER B 218 31.76 22.26 6.07
C SER B 218 30.56 21.35 5.90
N GLU B 219 30.68 20.15 6.48
CA GLU B 219 29.65 19.11 6.49
C GLU B 219 28.32 19.62 7.03
N MET B 220 28.32 20.29 8.19
CA MET B 220 27.08 20.76 8.77
C MET B 220 26.39 21.75 7.83
N ARG B 221 27.11 22.75 7.33
CA ARG B 221 26.48 23.76 6.49
C ARG B 221 25.98 23.13 5.18
N GLU B 222 26.75 22.23 4.57
CA GLU B 222 26.31 21.63 3.31
C GLU B 222 25.14 20.67 3.55
N SER B 223 25.27 19.80 4.55
CA SER B 223 24.20 18.87 4.85
C SER B 223 22.93 19.66 5.20
N PHE B 224 23.07 20.65 6.07
CA PHE B 224 21.91 21.37 6.60
C PHE B 224 21.21 22.08 5.45
N LEU B 225 21.98 22.79 4.61
CA LEU B 225 21.39 23.57 3.53
C LEU B 225 20.68 22.65 2.52
N ASP B 226 21.28 21.49 2.25
CA ASP B 226 20.67 20.50 1.40
C ASP B 226 19.26 20.16 1.91
N TYR B 227 19.14 19.91 3.22
CA TYR B 227 17.85 19.56 3.83
C TYR B 227 16.88 20.73 3.70
N ALA B 228 17.33 21.90 4.16
CA ALA B 228 16.55 23.12 4.26
C ALA B 228 15.98 23.49 2.90
N MET B 229 16.81 23.47 1.86
CA MET B 229 16.34 23.86 0.56
C MET B 229 15.29 22.87 0.06
N SER B 230 15.54 21.61 0.37
CA SER B 230 14.66 20.52 -0.05
C SER B 230 13.27 20.68 0.57
N VAL B 231 13.22 21.08 1.84
CA VAL B 231 11.95 21.22 2.52
C VAL B 231 11.19 22.44 1.98
N ILE B 232 11.97 23.46 1.63
CA ILE B 232 11.42 24.73 1.19
C ILE B 232 10.78 24.62 -0.20
N VAL B 233 11.52 24.06 -1.18
CA VAL B 233 11.08 24.07 -2.56
C VAL B 233 10.27 22.81 -2.86
N ALA B 234 10.40 21.78 -2.01
CA ALA B 234 9.97 20.44 -2.38
C ALA B 234 9.35 19.71 -1.18
N ARG B 235 8.67 20.46 -0.32
CA ARG B 235 7.93 19.78 0.73
C ARG B 235 6.82 20.67 1.27
N ALA B 236 7.21 21.76 1.94
CA ALA B 236 6.32 22.34 2.92
C ALA B 236 5.57 23.54 2.38
N LEU B 237 6.07 24.16 1.29
CA LEU B 237 5.48 25.37 0.75
C LEU B 237 4.69 25.06 -0.52
N PRO B 238 3.52 25.70 -0.71
CA PRO B 238 2.72 25.58 -1.93
C PRO B 238 3.24 26.50 -3.03
N ASP B 239 2.94 26.15 -4.28
CA ASP B 239 3.35 26.90 -5.45
C ASP B 239 2.31 27.98 -5.70
N VAL B 240 2.76 29.18 -6.05
CA VAL B 240 1.82 30.29 -6.15
C VAL B 240 0.78 30.04 -7.26
N ARG B 241 1.09 29.18 -8.23
CA ARG B 241 0.27 29.03 -9.43
C ARG B 241 -0.90 28.08 -9.23
N ASP B 242 -0.68 26.92 -8.61
CA ASP B 242 -1.75 25.94 -8.45
C ASP B 242 -2.13 25.73 -6.99
N GLY B 243 -1.34 26.29 -6.07
CA GLY B 243 -1.70 26.27 -4.65
C GLY B 243 -1.33 24.97 -3.95
N LEU B 244 -0.51 24.13 -4.58
CA LEU B 244 -0.28 22.80 -4.05
C LEU B 244 1.15 22.59 -3.58
N LYS B 245 1.29 21.67 -2.63
CA LYS B 245 2.60 21.13 -2.29
C LYS B 245 2.82 19.85 -3.08
N PRO B 246 4.09 19.45 -3.28
CA PRO B 246 4.42 18.26 -4.06
C PRO B 246 3.53 17.06 -3.77
N VAL B 247 3.28 16.80 -2.50
CA VAL B 247 2.54 15.60 -2.18
C VAL B 247 1.14 15.72 -2.78
N HIS B 248 0.49 16.88 -2.66
CA HIS B 248 -0.91 16.98 -3.09
C HIS B 248 -1.00 16.88 -4.61
N ARG B 249 0.05 17.39 -5.27
CA ARG B 249 0.11 17.44 -6.73
C ARG B 249 0.22 16.01 -7.26
N ARG B 250 1.08 15.21 -6.64
CA ARG B 250 1.35 13.88 -7.08
C ARG B 250 0.17 12.96 -6.79
N ILE B 251 -0.53 13.22 -5.67
CA ILE B 251 -1.79 12.55 -5.38
C ILE B 251 -2.81 12.85 -6.48
N LEU B 252 -3.15 14.13 -6.68
CA LEU B 252 -4.18 14.42 -7.65
C LEU B 252 -3.80 13.88 -9.03
N TYR B 253 -2.53 14.03 -9.41
CA TYR B 253 -2.03 13.59 -10.70
C TYR B 253 -2.11 12.07 -10.87
N GLY B 254 -1.89 11.33 -9.78
CA GLY B 254 -2.09 9.89 -9.76
C GLY B 254 -3.56 9.53 -9.96
N LEU B 255 -4.47 10.18 -9.23
CA LEU B 255 -5.90 10.00 -9.45
C LEU B 255 -6.21 10.14 -10.93
N ASN B 256 -5.47 11.03 -11.58
CA ASN B 256 -5.77 11.41 -12.94
C ASN B 256 -5.23 10.37 -13.93
N GLU B 257 -3.97 9.96 -13.75
CA GLU B 257 -3.32 8.97 -14.58
C GLU B 257 -4.01 7.61 -14.48
N GLN B 258 -4.74 7.36 -13.38
CA GLN B 258 -5.44 6.10 -13.19
C GLN B 258 -6.93 6.27 -13.48
N GLY B 259 -7.33 7.41 -14.06
CA GLY B 259 -8.71 7.61 -14.51
C GLY B 259 -9.71 7.45 -13.36
N MET B 260 -9.50 8.17 -12.27
CA MET B 260 -10.36 8.04 -11.10
C MET B 260 -11.26 9.28 -11.02
N THR B 261 -12.01 9.51 -12.09
CA THR B 261 -12.89 10.67 -12.24
C THR B 261 -14.15 10.42 -11.43
N PRO B 262 -14.97 11.46 -11.10
CA PRO B 262 -16.19 11.27 -10.30
C PRO B 262 -17.29 10.41 -10.93
N ASP B 263 -17.31 10.34 -12.27
CA ASP B 263 -18.22 9.48 -13.00
C ASP B 263 -17.91 8.01 -12.69
N LYS B 264 -16.63 7.64 -12.81
CA LYS B 264 -16.16 6.30 -12.49
C LYS B 264 -16.32 6.04 -10.99
N SER B 265 -15.85 4.87 -10.50
CA SER B 265 -16.09 4.45 -9.13
C SER B 265 -14.87 4.66 -8.22
N TYR B 266 -15.14 4.65 -6.91
CA TYR B 266 -14.11 4.84 -5.91
C TYR B 266 -13.13 3.67 -5.95
N LYS B 267 -11.82 3.90 -5.81
CA LYS B 267 -10.82 2.83 -5.73
C LYS B 267 -10.10 2.82 -4.36
N LYS B 268 -9.58 1.64 -3.99
CA LYS B 268 -9.00 1.46 -2.66
C LYS B 268 -7.89 2.50 -2.51
N SER B 269 -7.90 3.14 -1.34
CA SER B 269 -6.88 4.10 -1.00
C SER B 269 -5.50 3.46 -1.12
N ALA B 270 -5.42 2.18 -0.79
CA ALA B 270 -4.12 1.52 -0.79
C ALA B 270 -3.57 1.45 -2.20
N ARG B 271 -4.44 1.25 -3.19
CA ARG B 271 -4.02 1.26 -4.58
C ARG B 271 -3.43 2.63 -4.93
N ILE B 272 -4.22 3.67 -4.61
CA ILE B 272 -3.84 5.04 -4.92
C ILE B 272 -2.50 5.36 -4.28
N VAL B 273 -2.41 5.09 -2.98
CA VAL B 273 -1.20 5.39 -2.25
C VAL B 273 -0.01 4.58 -2.78
N GLY B 274 -0.23 3.27 -3.03
CA GLY B 274 0.83 2.41 -3.52
C GLY B 274 1.43 3.01 -4.79
N ASP B 275 0.52 3.46 -5.66
CA ASP B 275 0.84 3.91 -7.00
C ASP B 275 1.67 5.19 -6.90
N VAL B 276 1.17 6.16 -6.11
CA VAL B 276 1.75 7.47 -5.95
C VAL B 276 3.16 7.30 -5.37
N MET B 277 3.25 6.53 -4.28
CA MET B 277 4.53 6.19 -3.69
C MET B 277 5.52 5.65 -4.73
N GLY B 278 5.03 4.74 -5.59
CA GLY B 278 5.91 4.08 -6.53
C GLY B 278 6.42 5.02 -7.62
N LYS B 279 5.48 5.65 -8.33
CA LYS B 279 5.84 6.42 -9.51
C LYS B 279 6.41 7.79 -9.14
N TYR B 280 5.91 8.45 -8.08
CA TYR B 280 6.14 9.89 -7.97
C TYR B 280 6.74 10.34 -6.63
N HIS B 281 6.42 9.68 -5.51
CA HIS B 281 6.62 10.32 -4.20
C HIS B 281 7.37 9.39 -3.23
N PRO B 282 8.71 9.38 -3.26
CA PRO B 282 9.46 8.37 -2.52
C PRO B 282 9.52 8.64 -1.03
N HIS B 283 8.38 8.46 -0.36
CA HIS B 283 8.24 8.84 1.04
C HIS B 283 7.24 7.92 1.75
N GLY B 284 7.08 8.12 3.06
CA GLY B 284 6.30 7.19 3.85
C GLY B 284 4.84 7.17 3.42
N ASP B 285 4.21 6.00 3.62
CA ASP B 285 2.82 5.78 3.29
C ASP B 285 1.91 6.75 4.03
N SER B 286 2.21 7.09 5.28
CA SER B 286 1.25 7.86 6.08
C SER B 286 1.26 9.34 5.69
N SER B 287 2.38 9.86 5.16
CA SER B 287 2.42 11.22 4.68
C SER B 287 1.46 11.34 3.48
N ILE B 288 1.51 10.36 2.59
CA ILE B 288 0.67 10.40 1.40
C ILE B 288 -0.81 10.26 1.78
N TYR B 289 -1.14 9.24 2.59
CA TYR B 289 -2.51 8.90 2.88
C TYR B 289 -3.10 10.03 3.71
N GLU B 290 -2.28 10.59 4.60
CA GLU B 290 -2.84 11.63 5.45
C GLU B 290 -3.12 12.90 4.63
N ALA B 291 -2.20 13.25 3.71
CA ALA B 291 -2.45 14.36 2.81
C ALA B 291 -3.75 14.11 2.04
N MET B 292 -3.90 12.90 1.52
CA MET B 292 -5.09 12.62 0.74
C MET B 292 -6.31 12.79 1.62
N VAL B 293 -6.23 12.33 2.87
CA VAL B 293 -7.37 12.41 3.76
C VAL B 293 -7.82 13.86 3.96
N ARG B 294 -6.89 14.77 4.30
CA ARG B 294 -7.26 16.15 4.56
C ARG B 294 -8.06 16.70 3.38
N MET B 295 -7.56 16.45 2.15
CA MET B 295 -8.16 16.95 0.92
C MET B 295 -9.60 16.43 0.77
N ALA B 296 -9.97 15.38 1.51
CA ALA B 296 -11.32 14.85 1.47
C ALA B 296 -12.22 15.46 2.56
N GLN B 297 -11.65 16.24 3.49
CA GLN B 297 -12.39 16.67 4.66
C GLN B 297 -13.05 18.02 4.42
N ASP B 298 -14.37 18.04 4.43
CA ASP B 298 -15.03 19.31 4.19
C ASP B 298 -14.90 20.27 5.39
N PHE B 299 -14.30 19.82 6.50
CA PHE B 299 -13.99 20.76 7.56
C PHE B 299 -12.57 21.29 7.44
N SER B 300 -11.78 20.81 6.47
CA SER B 300 -10.41 21.29 6.29
C SER B 300 -10.30 22.06 4.98
N TYR B 301 -10.88 21.52 3.91
CA TYR B 301 -10.84 22.14 2.60
C TYR B 301 -12.16 22.85 2.30
N ARG B 302 -12.05 24.12 1.90
CA ARG B 302 -13.17 24.94 1.53
C ARG B 302 -13.79 24.46 0.21
N TYR B 303 -12.91 24.01 -0.70
CA TYR B 303 -13.31 23.31 -1.91
C TYR B 303 -12.59 21.97 -1.91
N PRO B 304 -13.20 20.90 -1.37
CA PRO B 304 -12.50 19.62 -1.26
C PRO B 304 -12.06 19.09 -2.62
N LEU B 305 -10.83 18.53 -2.66
CA LEU B 305 -10.21 18.05 -3.87
C LEU B 305 -10.34 16.55 -4.03
N VAL B 306 -10.59 15.83 -2.92
CA VAL B 306 -10.89 14.41 -2.96
C VAL B 306 -12.31 14.11 -2.43
N ASP B 307 -12.91 13.08 -3.05
CA ASP B 307 -14.20 12.49 -2.70
C ASP B 307 -13.93 11.13 -2.05
N GLY B 308 -14.10 11.05 -0.74
CA GLY B 308 -13.77 9.86 0.01
C GLY B 308 -15.00 9.00 0.31
N GLN B 309 -14.81 7.68 0.39
CA GLN B 309 -15.84 6.74 0.78
C GLN B 309 -15.36 6.11 2.08
N GLY B 310 -16.14 6.27 3.14
CA GLY B 310 -15.75 5.69 4.42
C GLY B 310 -15.34 6.74 5.44
N ASN B 311 -14.53 6.31 6.40
CA ASN B 311 -14.31 7.11 7.58
C ASN B 311 -13.08 7.96 7.30
N PHE B 312 -13.32 9.24 7.01
CA PHE B 312 -12.23 10.13 6.67
C PHE B 312 -11.96 11.10 7.82
N GLY B 313 -12.43 10.78 9.04
CA GLY B 313 -12.11 11.50 10.27
C GLY B 313 -13.17 12.56 10.60
N SER B 314 -13.05 13.25 11.75
CA SER B 314 -14.04 14.19 12.23
C SER B 314 -13.39 15.50 12.71
N MET B 315 -14.23 16.47 13.06
CA MET B 315 -13.81 17.70 13.70
C MET B 315 -13.26 17.46 15.11
N ASP B 316 -13.42 16.24 15.66
CA ASP B 316 -12.96 15.92 17.01
C ASP B 316 -11.61 15.21 16.98
N GLY B 317 -10.87 15.35 15.88
CA GLY B 317 -9.49 14.93 15.87
C GLY B 317 -9.36 13.43 15.62
N ASP B 318 -10.49 12.73 15.41
CA ASP B 318 -10.46 11.35 14.96
C ASP B 318 -9.61 11.22 13.70
N GLY B 319 -8.84 10.14 13.65
CA GLY B 319 -8.15 9.80 12.42
C GLY B 319 -9.14 9.23 11.41
N ALA B 320 -8.72 9.13 10.15
CA ALA B 320 -9.48 8.37 9.18
C ALA B 320 -9.34 6.91 9.56
N ALA B 321 -10.17 6.03 8.99
CA ALA B 321 -9.91 4.61 9.01
C ALA B 321 -8.59 4.38 8.31
N ALA B 322 -7.93 3.27 8.64
CA ALA B 322 -6.72 2.86 7.95
C ALA B 322 -6.99 2.68 6.46
N MET B 323 -5.95 2.96 5.66
CA MET B 323 -6.10 3.08 4.22
C MET B 323 -6.62 1.77 3.60
N ARG B 324 -6.44 0.60 4.24
CA ARG B 324 -7.07 -0.60 3.72
C ARG B 324 -8.61 -0.55 3.79
N PHE B 325 -9.27 0.44 4.44
CA PHE B 325 -10.72 0.43 4.46
C PHE B 325 -11.33 1.46 3.51
N THR B 326 -10.67 2.59 3.28
CA THR B 326 -11.35 3.71 2.63
C THR B 326 -11.16 3.57 1.14
N GLU B 327 -11.87 4.41 0.36
CA GLU B 327 -11.67 4.49 -1.08
C GLU B 327 -11.90 5.94 -1.49
N ALA B 328 -11.50 6.30 -2.72
CA ALA B 328 -11.48 7.70 -3.11
C ALA B 328 -11.44 7.89 -4.62
N ARG B 329 -11.80 9.13 -5.03
CA ARG B 329 -11.77 9.58 -6.40
C ARG B 329 -11.60 11.10 -6.40
N MET B 330 -11.47 11.70 -7.58
CA MET B 330 -11.54 13.14 -7.73
C MET B 330 -12.94 13.65 -7.41
N THR B 331 -13.03 14.91 -6.94
CA THR B 331 -14.27 15.67 -6.93
C THR B 331 -14.39 16.32 -8.30
N LYS B 332 -15.58 16.86 -8.61
CA LYS B 332 -15.75 17.53 -9.90
C LYS B 332 -14.75 18.66 -10.07
N ILE B 333 -14.50 19.39 -8.99
CA ILE B 333 -13.70 20.60 -9.10
C ILE B 333 -12.22 20.26 -9.28
N THR B 334 -11.79 19.04 -8.95
CA THR B 334 -10.40 18.69 -9.21
C THR B 334 -10.15 18.56 -10.71
N LEU B 335 -11.18 18.14 -11.45
CA LEU B 335 -11.17 18.21 -12.90
C LEU B 335 -10.69 19.57 -13.41
N GLU B 336 -11.06 20.66 -12.73
CA GLU B 336 -10.69 22.00 -13.19
C GLU B 336 -9.22 22.26 -12.93
N LEU B 337 -8.65 21.61 -11.89
CA LEU B 337 -7.23 21.67 -11.61
C LEU B 337 -6.39 20.97 -12.67
N LEU B 338 -6.95 19.93 -13.30
CA LEU B 338 -6.19 19.05 -14.20
C LEU B 338 -6.48 19.29 -15.68
N ARG B 339 -7.43 20.17 -16.01
CA ARG B 339 -7.97 20.30 -17.35
C ARG B 339 -6.86 20.70 -18.31
N ASP B 340 -6.65 19.89 -19.37
CA ASP B 340 -5.75 20.22 -20.45
C ASP B 340 -4.32 20.05 -19.97
N ILE B 341 -4.12 19.12 -19.03
CA ILE B 341 -2.79 18.81 -18.56
C ILE B 341 -2.03 18.06 -19.66
N ASN B 342 -2.78 17.43 -20.57
CA ASN B 342 -2.14 16.73 -21.66
C ASN B 342 -2.36 17.47 -22.97
N LYS B 343 -2.21 18.81 -22.91
CA LYS B 343 -2.31 19.66 -24.09
C LYS B 343 -1.14 20.60 -24.03
N ASP B 344 0.02 20.06 -23.65
CA ASP B 344 1.24 20.81 -23.56
C ASP B 344 1.00 22.16 -22.88
N THR B 345 0.20 22.19 -21.80
CA THR B 345 -0.13 23.41 -21.06
C THR B 345 0.94 23.74 -20.04
N ILE B 346 1.65 22.73 -19.54
CA ILE B 346 2.51 22.83 -18.37
C ILE B 346 3.65 21.85 -18.60
N ASP B 347 4.81 22.12 -18.01
CA ASP B 347 6.00 21.30 -18.29
C ASP B 347 6.08 20.10 -17.36
N PHE B 348 6.27 18.91 -17.93
CA PHE B 348 6.55 17.71 -17.16
C PHE B 348 8.04 17.65 -16.85
N ILE B 349 8.41 16.90 -15.80
CA ILE B 349 9.81 16.66 -15.48
C ILE B 349 10.02 15.18 -15.12
N ASP B 350 11.29 14.79 -14.98
CA ASP B 350 11.60 13.45 -14.51
C ASP B 350 11.10 13.28 -13.07
N ASN B 351 10.50 12.11 -12.80
CA ASN B 351 10.23 11.65 -11.45
C ASN B 351 11.55 11.33 -10.78
N TYR B 352 11.47 10.92 -9.50
CA TYR B 352 12.64 10.83 -8.63
C TYR B 352 13.71 9.88 -9.18
N ASP B 353 13.34 8.93 -10.04
CA ASP B 353 14.27 7.86 -10.33
C ASP B 353 14.53 7.66 -11.81
N GLY B 354 13.93 8.49 -12.67
CA GLY B 354 14.17 8.39 -14.10
C GLY B 354 13.05 7.69 -14.84
N ASN B 355 12.26 6.82 -14.19
CA ASN B 355 11.39 5.94 -14.95
C ASN B 355 9.98 6.48 -15.16
N GLU B 356 9.70 7.73 -14.73
CA GLU B 356 8.39 8.32 -14.95
C GLU B 356 8.49 9.82 -15.24
N ARG B 357 7.38 10.36 -15.75
CA ARG B 357 7.22 11.79 -15.96
C ARG B 357 6.11 12.28 -15.03
N GLU B 358 6.39 13.42 -14.38
CA GLU B 358 5.43 14.05 -13.50
C GLU B 358 5.30 15.53 -13.89
N PRO B 359 4.08 16.06 -13.66
CA PRO B 359 3.82 17.49 -13.84
C PRO B 359 4.58 18.32 -12.82
N SER B 360 5.15 19.44 -13.28
CA SER B 360 5.81 20.40 -12.39
C SER B 360 4.78 21.35 -11.81
N VAL B 361 3.68 21.59 -12.53
CA VAL B 361 2.58 22.32 -11.93
C VAL B 361 1.31 21.92 -12.66
N LEU B 362 0.15 22.23 -12.08
CA LEU B 362 -1.11 21.92 -12.70
C LEU B 362 -1.67 23.15 -13.41
N PRO B 363 -2.47 22.91 -14.46
CA PRO B 363 -3.25 23.95 -15.11
C PRO B 363 -4.02 24.85 -14.14
N ALA B 364 -4.74 24.23 -13.21
CA ALA B 364 -5.33 24.99 -12.13
C ALA B 364 -6.18 26.12 -12.67
N ARG B 365 -7.35 25.76 -13.22
CA ARG B 365 -8.22 26.68 -13.95
C ARG B 365 -9.15 27.46 -13.01
N PHE B 366 -9.06 27.23 -11.69
CA PHE B 366 -9.57 28.15 -10.67
C PHE B 366 -8.44 28.46 -9.67
N PRO B 367 -8.47 29.61 -8.93
CA PRO B 367 -7.33 30.06 -8.10
C PRO B 367 -7.21 29.39 -6.72
N ASN B 368 -6.47 28.27 -6.68
CA ASN B 368 -6.48 27.28 -5.62
C ASN B 368 -5.60 27.68 -4.42
N LEU B 369 -4.50 28.39 -4.65
CA LEU B 369 -3.68 28.85 -3.53
C LEU B 369 -4.58 29.50 -2.49
N LEU B 370 -5.40 30.46 -2.92
CA LEU B 370 -6.25 31.20 -2.00
C LEU B 370 -7.55 30.45 -1.70
N ALA B 371 -8.10 29.70 -2.65
CA ALA B 371 -9.42 29.15 -2.42
C ALA B 371 -9.43 28.25 -1.20
N ASN B 372 -8.42 27.38 -1.12
CA ASN B 372 -8.31 26.36 -0.09
C ASN B 372 -7.28 26.77 0.96
N GLY B 373 -6.41 27.72 0.61
CA GLY B 373 -5.41 28.18 1.55
C GLY B 373 -4.31 27.14 1.64
N ALA B 374 -3.41 27.31 2.61
CA ALA B 374 -2.24 26.45 2.78
C ALA B 374 -1.68 26.67 4.16
N SER B 375 -0.97 25.67 4.66
CA SER B 375 -0.19 25.83 5.88
C SER B 375 0.98 24.88 5.76
N GLY B 376 2.14 25.25 6.29
CA GLY B 376 3.32 24.42 6.13
C GLY B 376 4.46 24.93 6.98
N ILE B 377 5.17 24.03 7.66
CA ILE B 377 6.32 24.40 8.46
C ILE B 377 7.57 23.99 7.70
N ALA B 378 8.38 24.94 7.29
CA ALA B 378 9.52 24.54 6.50
C ALA B 378 10.78 24.58 7.35
N VAL B 379 11.83 25.25 6.87
CA VAL B 379 13.03 25.48 7.64
C VAL B 379 13.45 26.94 7.39
N GLY B 380 13.62 27.70 8.48
CA GLY B 380 13.89 29.11 8.35
C GLY B 380 12.62 29.92 8.10
N MET B 381 11.49 29.22 7.87
CA MET B 381 10.23 29.88 7.54
C MET B 381 9.05 28.91 7.55
N ALA B 382 7.84 29.49 7.49
CA ALA B 382 6.59 28.77 7.48
C ALA B 382 5.60 29.55 6.62
N THR B 383 4.41 28.99 6.38
CA THR B 383 3.42 29.66 5.56
C THR B 383 2.09 29.43 6.23
N ASN B 384 1.16 30.37 6.02
CA ASN B 384 -0.16 30.21 6.60
C ASN B 384 -1.15 31.08 5.85
N ILE B 385 -1.88 30.50 4.92
CA ILE B 385 -2.72 31.24 4.02
C ILE B 385 -4.16 30.78 4.24
N PRO B 386 -5.10 31.65 4.62
CA PRO B 386 -6.44 31.17 4.88
C PRO B 386 -7.19 30.87 3.59
N PRO B 387 -8.27 30.05 3.62
CA PRO B 387 -9.13 29.85 2.47
C PRO B 387 -10.10 31.00 2.24
N HIS B 388 -10.66 31.02 1.04
CA HIS B 388 -11.41 32.16 0.52
C HIS B 388 -12.63 31.72 -0.29
N ASN B 389 -13.60 32.61 -0.42
CA ASN B 389 -14.72 32.34 -1.30
C ASN B 389 -14.30 32.41 -2.77
N LEU B 390 -14.62 31.33 -3.51
CA LEU B 390 -14.20 31.20 -4.89
C LEU B 390 -14.94 32.19 -5.80
N THR B 391 -16.23 32.51 -5.47
CA THR B 391 -17.00 33.48 -6.24
C THR B 391 -16.33 34.83 -6.14
N GLU B 392 -15.91 35.17 -4.92
CA GLU B 392 -15.17 36.41 -4.65
C GLU B 392 -13.79 36.41 -5.32
N LEU B 393 -13.07 35.28 -5.31
CA LEU B 393 -11.71 35.27 -5.82
C LEU B 393 -11.72 35.53 -7.32
N ILE B 394 -12.65 34.86 -8.02
CA ILE B 394 -12.71 34.92 -9.47
C ILE B 394 -13.17 36.32 -9.89
N ASN B 395 -14.14 36.89 -9.17
CA ASN B 395 -14.48 38.29 -9.37
C ASN B 395 -13.25 39.19 -9.20
N GLY B 396 -12.41 38.90 -8.21
CA GLY B 396 -11.15 39.61 -8.05
C GLY B 396 -10.25 39.45 -9.28
N VAL B 397 -10.12 38.22 -9.82
CA VAL B 397 -9.22 38.03 -10.95
C VAL B 397 -9.81 38.75 -12.18
N LEU B 398 -11.14 38.74 -12.31
CA LEU B 398 -11.80 39.48 -13.36
C LEU B 398 -11.45 40.98 -13.30
N SER B 399 -11.68 41.63 -12.14
CA SER B 399 -11.35 43.04 -12.01
C SER B 399 -9.89 43.31 -12.35
N LEU B 400 -9.00 42.45 -11.85
CA LEU B 400 -7.57 42.60 -12.09
C LEU B 400 -7.23 42.50 -13.58
N SER B 401 -8.03 41.72 -14.32
CA SER B 401 -7.73 41.41 -15.70
C SER B 401 -8.09 42.61 -16.57
N LYS B 402 -9.10 43.36 -16.12
CA LYS B 402 -9.53 44.59 -16.77
C LYS B 402 -8.71 45.80 -16.32
N ASN B 403 -7.74 45.65 -15.40
CA ASN B 403 -7.08 46.80 -14.80
C ASN B 403 -5.81 46.35 -14.10
N PRO B 404 -4.64 46.38 -14.77
CA PRO B 404 -3.39 45.97 -14.14
C PRO B 404 -3.04 46.77 -12.90
N ASP B 405 -3.60 47.98 -12.78
CA ASP B 405 -3.15 48.92 -11.77
C ASP B 405 -4.14 49.02 -10.60
N ILE B 406 -5.03 48.03 -10.45
CA ILE B 406 -6.01 48.02 -9.37
C ILE B 406 -5.28 47.99 -8.02
N SER B 407 -5.91 48.53 -6.99
CA SER B 407 -5.30 48.63 -5.66
C SER B 407 -5.83 47.50 -4.77
N ILE B 408 -5.16 47.23 -3.64
CA ILE B 408 -5.68 46.23 -2.74
C ILE B 408 -7.04 46.69 -2.24
N ALA B 409 -7.21 47.99 -1.96
CA ALA B 409 -8.52 48.42 -1.48
C ALA B 409 -9.59 48.08 -2.49
N GLU B 410 -9.34 48.33 -3.78
CA GLU B 410 -10.34 48.03 -4.81
C GLU B 410 -10.60 46.53 -4.90
N LEU B 411 -9.55 45.69 -4.78
CA LEU B 411 -9.68 44.23 -4.85
C LEU B 411 -10.58 43.76 -3.72
N MET B 412 -10.39 44.33 -2.54
CA MET B 412 -11.24 44.02 -1.40
C MET B 412 -12.72 44.39 -1.61
N GLU B 413 -13.03 45.21 -2.63
CA GLU B 413 -14.42 45.45 -2.97
C GLU B 413 -15.07 44.11 -3.35
N ASP B 414 -14.32 43.24 -4.04
CA ASP B 414 -14.73 41.87 -4.36
C ASP B 414 -14.37 40.83 -3.28
N ILE B 415 -13.12 40.80 -2.80
CA ILE B 415 -12.63 39.78 -1.86
C ILE B 415 -12.74 40.36 -0.45
N GLU B 416 -13.85 40.10 0.26
CA GLU B 416 -14.12 40.71 1.57
C GLU B 416 -13.12 40.25 2.64
N GLY B 417 -12.55 39.06 2.45
CA GLY B 417 -11.64 38.48 3.42
C GLY B 417 -11.85 36.97 3.43
N PRO B 418 -11.20 36.24 4.34
CA PRO B 418 -11.21 34.79 4.27
C PRO B 418 -12.62 34.23 4.44
N ASP B 419 -12.79 32.97 3.99
CA ASP B 419 -14.02 32.22 4.06
C ASP B 419 -13.67 30.79 4.43
N PHE B 420 -13.88 30.47 5.71
CA PHE B 420 -13.46 29.23 6.33
C PHE B 420 -14.51 28.17 6.05
N PRO B 421 -14.10 26.90 5.87
CA PRO B 421 -15.06 25.79 5.74
C PRO B 421 -15.98 25.65 6.95
N THR B 422 -15.43 25.93 8.13
CA THR B 422 -16.15 25.83 9.40
C THR B 422 -17.00 27.07 9.72
N ALA B 423 -17.03 28.06 8.83
CA ALA B 423 -17.82 29.29 8.92
C ALA B 423 -17.37 30.14 10.12
N GLY B 424 -18.27 30.44 11.05
CA GLY B 424 -17.93 31.32 12.17
C GLY B 424 -17.98 32.82 11.82
N LEU B 425 -17.29 33.63 12.66
CA LEU B 425 -17.19 35.09 12.55
C LEU B 425 -15.73 35.52 12.51
N ILE B 426 -15.44 36.51 11.66
CA ILE B 426 -14.25 37.32 11.78
C ILE B 426 -14.60 38.70 12.35
N LEU B 427 -13.75 39.19 13.27
CA LEU B 427 -13.94 40.46 13.93
C LEU B 427 -13.08 41.53 13.30
N GLY B 428 -13.69 42.44 12.54
CA GLY B 428 -12.97 43.58 12.04
C GLY B 428 -12.24 43.29 10.73
N LYS B 429 -12.08 44.36 9.94
CA LYS B 429 -11.60 44.22 8.60
C LYS B 429 -10.13 44.58 8.64
N SER B 430 -9.56 44.74 9.84
CA SER B 430 -8.30 45.49 9.91
C SER B 430 -7.08 44.56 9.88
N GLY B 431 -7.21 43.36 10.46
CA GLY B 431 -6.17 42.34 10.32
C GLY B 431 -6.14 41.83 8.88
N ILE B 432 -7.33 41.69 8.33
CA ILE B 432 -7.55 41.24 6.97
C ILE B 432 -6.81 42.19 6.04
N ARG B 433 -6.88 43.48 6.36
CA ARG B 433 -6.39 44.50 5.45
C ARG B 433 -4.88 44.47 5.45
N ARG B 434 -4.30 44.34 6.64
CA ARG B 434 -2.85 44.29 6.79
C ARG B 434 -2.26 43.09 6.06
N ALA B 435 -2.88 41.93 6.26
CA ALA B 435 -2.46 40.68 5.65
C ALA B 435 -2.48 40.76 4.11
N TYR B 436 -3.57 41.30 3.54
CA TYR B 436 -3.65 41.50 2.10
C TYR B 436 -2.68 42.59 1.65
N GLU B 437 -2.24 43.48 2.54
CA GLU B 437 -1.32 44.51 2.10
C GLU B 437 0.13 44.09 2.30
N THR B 438 0.48 43.37 3.36
CA THR B 438 1.88 43.20 3.70
C THR B 438 2.30 41.78 3.47
N GLY B 439 1.28 40.92 3.38
CA GLY B 439 1.43 39.49 3.54
C GLY B 439 1.34 39.01 4.99
N ARG B 440 1.23 39.90 5.99
CA ARG B 440 1.07 39.45 7.38
C ARG B 440 -0.02 40.23 8.12
N GLY B 441 -0.61 39.60 9.12
CA GLY B 441 -1.77 40.13 9.81
C GLY B 441 -2.35 39.05 10.71
N SER B 442 -2.90 39.46 11.86
CA SER B 442 -3.64 38.56 12.76
C SER B 442 -5.13 38.70 12.52
N ILE B 443 -5.85 37.58 12.43
CA ILE B 443 -7.27 37.63 12.14
C ILE B 443 -8.03 36.97 13.29
N GLN B 444 -8.97 37.71 13.87
CA GLN B 444 -9.63 37.25 15.08
C GLN B 444 -10.89 36.52 14.68
N MET B 445 -10.99 35.26 15.08
CA MET B 445 -12.10 34.42 14.69
C MET B 445 -12.89 34.05 15.94
N ARG B 446 -14.22 34.03 15.82
CA ARG B 446 -15.03 33.63 16.95
C ARG B 446 -15.99 32.57 16.48
N SER B 447 -16.54 31.82 17.43
CA SER B 447 -17.62 30.89 17.15
C SER B 447 -18.91 31.66 16.94
N ARG B 448 -19.89 30.94 16.40
CA ARG B 448 -21.23 31.46 16.31
C ARG B 448 -21.91 30.90 17.54
N ALA B 449 -22.25 31.79 18.46
CA ALA B 449 -22.87 31.44 19.71
C ALA B 449 -24.03 32.41 19.91
N VAL B 450 -25.16 31.88 20.37
CA VAL B 450 -26.30 32.68 20.77
C VAL B 450 -26.69 32.33 22.20
N ILE B 451 -27.50 33.17 22.83
CA ILE B 451 -28.00 32.87 24.15
C ILE B 451 -29.52 32.67 24.04
N GLU B 452 -30.06 31.66 24.73
CA GLU B 452 -31.45 31.32 24.52
C GLU B 452 -32.02 30.74 25.80
N GLU B 453 -33.33 30.97 25.99
CA GLU B 453 -34.08 30.36 27.07
C GLU B 453 -34.03 28.84 26.93
N ARG B 454 -34.09 28.15 28.08
CA ARG B 454 -34.31 26.72 28.07
C ARG B 454 -35.48 26.31 28.98
N GLY B 455 -36.05 27.25 29.75
CA GLY B 455 -37.16 26.93 30.64
C GLY B 455 -36.93 27.43 32.06
N GLY B 456 -38.03 27.57 32.82
CA GLY B 456 -37.98 28.05 34.19
C GLY B 456 -37.01 29.21 34.38
N GLY B 457 -37.03 30.18 33.46
CA GLY B 457 -36.21 31.38 33.56
C GLY B 457 -34.71 31.12 33.52
N ARG B 458 -34.26 29.89 33.25
CA ARG B 458 -32.85 29.58 33.06
C ARG B 458 -32.47 29.75 31.59
N GLN B 459 -31.17 29.89 31.32
CA GLN B 459 -30.67 30.08 29.96
C GLN B 459 -29.53 29.14 29.65
N ARG B 460 -29.17 29.06 28.37
CA ARG B 460 -27.94 28.42 27.94
C ARG B 460 -27.29 29.16 26.78
N ILE B 461 -26.03 28.80 26.53
CA ILE B 461 -25.30 29.24 25.36
C ILE B 461 -25.33 28.08 24.36
N VAL B 462 -25.54 28.38 23.08
CA VAL B 462 -25.51 27.38 22.02
C VAL B 462 -24.44 27.79 21.02
N VAL B 463 -23.41 26.95 20.85
CA VAL B 463 -22.42 27.17 19.82
C VAL B 463 -22.81 26.28 18.65
N THR B 464 -22.94 26.83 17.43
CA THR B 464 -23.30 26.04 16.26
C THR B 464 -22.22 26.09 15.18
N GLU B 465 -21.11 26.77 15.41
CA GLU B 465 -20.02 26.83 14.44
C GLU B 465 -18.78 27.23 15.21
N ILE B 466 -17.67 26.57 14.93
CA ILE B 466 -16.48 26.82 15.71
C ILE B 466 -15.43 27.37 14.75
N PRO B 467 -14.32 27.95 15.26
CA PRO B 467 -13.30 28.53 14.41
C PRO B 467 -12.56 27.45 13.65
N PHE B 468 -12.05 27.83 12.50
CA PHE B 468 -11.21 26.99 11.67
C PHE B 468 -10.07 26.43 12.50
N GLN B 469 -9.80 25.15 12.25
CA GLN B 469 -8.64 24.41 12.74
C GLN B 469 -8.68 24.14 14.24
N VAL B 470 -9.85 24.36 14.85
CA VAL B 470 -10.10 24.06 16.25
C VAL B 470 -10.75 22.68 16.36
N ASN B 471 -10.09 21.83 17.13
CA ASN B 471 -10.61 20.53 17.52
C ASN B 471 -11.79 20.73 18.49
N LYS B 472 -12.97 20.24 18.12
CA LYS B 472 -14.19 20.54 18.87
C LYS B 472 -14.14 19.85 20.23
N ALA B 473 -13.67 18.60 20.28
CA ALA B 473 -13.49 17.86 21.53
C ALA B 473 -12.52 18.55 22.48
N ARG B 474 -11.26 18.78 22.04
CA ARG B 474 -10.26 19.43 22.88
C ARG B 474 -10.84 20.74 23.40
N MET B 475 -11.62 21.44 22.57
CA MET B 475 -12.18 22.70 22.98
C MET B 475 -13.13 22.47 24.15
N ILE B 476 -13.97 21.44 24.05
CA ILE B 476 -14.97 21.18 25.08
C ILE B 476 -14.30 20.70 26.38
N GLU B 477 -13.20 19.95 26.26
CA GLU B 477 -12.48 19.47 27.42
C GLU B 477 -11.96 20.67 28.19
N LYS B 478 -11.46 21.66 27.44
CA LYS B 478 -10.89 22.85 28.03
C LYS B 478 -11.93 23.52 28.93
N ILE B 479 -13.17 23.62 28.47
CA ILE B 479 -14.22 24.31 29.21
C ILE B 479 -14.51 23.54 30.50
N ALA B 480 -14.61 22.21 30.38
CA ALA B 480 -14.83 21.32 31.52
C ALA B 480 -13.72 21.54 32.56
N GLU B 481 -12.48 21.67 32.08
CA GLU B 481 -11.28 21.77 32.90
C GLU B 481 -11.19 23.16 33.50
N LEU B 482 -12.01 24.09 33.03
CA LEU B 482 -12.18 25.39 33.65
C LEU B 482 -13.26 25.34 34.71
N VAL B 483 -14.30 24.53 34.48
CA VAL B 483 -15.43 24.43 35.38
C VAL B 483 -15.02 23.63 36.62
N ARG B 484 -14.14 22.63 36.42
CA ARG B 484 -13.60 21.77 37.45
C ARG B 484 -12.53 22.48 38.30
N ASP B 485 -11.56 23.16 37.67
CA ASP B 485 -10.60 23.99 38.41
C ASP B 485 -11.27 25.28 38.90
N LYS B 486 -12.61 25.27 39.02
CA LYS B 486 -13.40 26.36 39.56
C LYS B 486 -12.93 27.71 39.01
N LYS B 487 -12.46 27.76 37.76
CA LYS B 487 -11.77 28.91 37.17
C LYS B 487 -12.67 29.69 36.21
N ILE B 488 -13.97 29.40 36.21
CA ILE B 488 -14.94 30.20 35.48
C ILE B 488 -16.26 29.99 36.20
N ASP B 489 -17.06 31.05 36.33
CA ASP B 489 -18.28 30.97 37.12
C ASP B 489 -19.49 30.79 36.20
N GLY B 490 -20.52 30.06 36.68
CA GLY B 490 -21.88 30.18 36.16
C GLY B 490 -22.36 28.97 35.35
N ILE B 491 -21.46 28.02 35.08
CA ILE B 491 -21.75 26.96 34.15
C ILE B 491 -22.27 25.74 34.90
N THR B 492 -23.48 25.28 34.58
CA THR B 492 -24.04 24.12 35.27
C THR B 492 -24.08 22.87 34.39
N ASP B 493 -23.69 22.92 33.12
CA ASP B 493 -23.64 21.73 32.27
C ASP B 493 -22.96 22.04 30.91
N LEU B 494 -22.48 20.98 30.25
CA LEU B 494 -21.74 21.09 29.01
C LEU B 494 -21.99 19.80 28.24
N ARG B 495 -22.43 19.90 26.99
CA ARG B 495 -22.91 18.77 26.19
C ARG B 495 -22.66 19.02 24.71
N ASP B 496 -22.10 18.03 24.02
CA ASP B 496 -21.95 18.07 22.58
C ASP B 496 -23.19 17.39 22.04
N GLU B 497 -24.13 18.15 21.47
CA GLU B 497 -25.32 17.57 20.84
C GLU B 497 -25.15 17.53 19.33
N THR B 498 -23.90 17.67 18.86
CA THR B 498 -23.56 17.60 17.45
C THR B 498 -24.15 16.32 16.89
N SER B 499 -24.57 16.32 15.63
CA SER B 499 -25.16 15.14 15.05
C SER B 499 -25.20 15.36 13.55
N LEU B 500 -25.14 14.29 12.77
CA LEU B 500 -25.28 14.42 11.34
C LEU B 500 -26.59 15.13 11.00
N ARG B 501 -27.65 14.89 11.76
CA ARG B 501 -28.96 15.41 11.41
C ARG B 501 -29.08 16.91 11.69
N THR B 502 -28.38 17.44 12.71
CA THR B 502 -28.64 18.79 13.17
C THR B 502 -27.42 19.70 13.05
N GLY B 503 -26.28 19.24 12.54
CA GLY B 503 -25.07 20.05 12.49
C GLY B 503 -24.38 20.16 13.86
N VAL B 504 -23.27 20.89 13.90
CA VAL B 504 -22.56 21.15 15.13
C VAL B 504 -23.49 21.85 16.13
N ARG B 505 -23.42 21.47 17.41
CA ARG B 505 -24.28 22.04 18.43
C ARG B 505 -23.71 21.66 19.80
N VAL B 506 -23.07 22.63 20.46
CA VAL B 506 -22.39 22.44 21.73
C VAL B 506 -23.18 23.32 22.68
N VAL B 507 -23.69 22.76 23.79
CA VAL B 507 -24.59 23.47 24.68
C VAL B 507 -23.93 23.66 26.05
N ILE B 508 -24.03 24.91 26.57
CA ILE B 508 -23.51 25.29 27.87
C ILE B 508 -24.64 25.89 28.70
N ASP B 509 -25.14 25.13 29.69
CA ASP B 509 -26.17 25.64 30.59
C ASP B 509 -25.57 26.63 31.58
N VAL B 510 -26.40 27.59 32.00
CA VAL B 510 -25.96 28.71 32.82
C VAL B 510 -26.77 28.66 34.11
N ARG B 511 -26.13 28.98 35.25
CA ARG B 511 -26.82 28.97 36.52
C ARG B 511 -27.96 30.00 36.46
N LYS B 512 -29.10 29.69 37.08
CA LYS B 512 -30.22 30.64 37.08
C LYS B 512 -29.73 32.00 37.61
N ASP B 513 -30.15 33.06 36.91
CA ASP B 513 -29.91 34.43 37.33
C ASP B 513 -28.49 34.91 37.07
N ALA B 514 -27.53 34.00 36.77
CA ALA B 514 -26.21 34.37 36.27
C ALA B 514 -26.34 35.07 34.92
N ASN B 515 -25.44 36.01 34.63
CA ASN B 515 -25.47 36.71 33.36
C ASN B 515 -24.72 35.90 32.30
N ALA B 516 -25.47 35.50 31.26
CA ALA B 516 -24.98 34.56 30.27
C ALA B 516 -24.03 35.25 29.31
N SER B 517 -24.37 36.47 28.90
CA SER B 517 -23.44 37.26 28.10
C SER B 517 -22.04 37.35 28.72
N VAL B 518 -21.95 37.48 30.05
CA VAL B 518 -20.66 37.63 30.72
C VAL B 518 -19.89 36.33 30.64
N ILE B 519 -20.59 35.23 30.92
CA ILE B 519 -20.00 33.91 30.86
C ILE B 519 -19.41 33.67 29.47
N LEU B 520 -20.14 34.08 28.42
CA LEU B 520 -19.71 33.90 27.05
C LEU B 520 -18.38 34.64 26.81
N ASN B 521 -18.33 35.92 27.20
CA ASN B 521 -17.11 36.71 27.10
C ASN B 521 -15.95 36.02 27.80
N ASN B 522 -16.23 35.41 28.96
CA ASN B 522 -15.20 34.69 29.68
C ASN B 522 -14.68 33.51 28.85
N LEU B 523 -15.58 32.76 28.21
CA LEU B 523 -15.18 31.64 27.39
C LEU B 523 -14.33 32.12 26.22
N TYR B 524 -14.75 33.24 25.60
CA TYR B 524 -14.02 33.81 24.48
C TYR B 524 -12.63 34.25 24.90
N LYS B 525 -12.45 34.61 26.18
CA LYS B 525 -11.13 35.02 26.66
C LYS B 525 -10.29 33.80 26.97
N GLN B 526 -10.91 32.74 27.47
CA GLN B 526 -10.17 31.69 28.15
C GLN B 526 -10.11 30.37 27.39
N THR B 527 -10.83 30.27 26.25
CA THR B 527 -10.92 29.04 25.48
C THR B 527 -10.76 29.36 23.99
N PRO B 528 -10.54 28.35 23.11
CA PRO B 528 -10.45 28.60 21.67
C PRO B 528 -11.76 28.97 20.99
N LEU B 529 -12.85 29.01 21.75
CA LEU B 529 -14.09 29.61 21.28
C LEU B 529 -13.80 30.93 20.55
N GLN B 530 -12.67 31.58 20.89
CA GLN B 530 -12.10 32.65 20.08
C GLN B 530 -10.65 32.25 19.80
N THR B 531 -10.20 32.48 18.58
CA THR B 531 -8.90 32.04 18.16
C THR B 531 -8.46 33.00 17.07
N SER B 532 -7.16 33.23 17.02
CA SER B 532 -6.59 34.08 16.00
C SER B 532 -6.10 33.21 14.86
N PHE B 533 -5.91 33.83 13.68
CA PHE B 533 -5.28 33.21 12.53
C PHE B 533 -4.19 34.15 12.03
N GLY B 534 -2.92 33.77 12.26
CA GLY B 534 -1.79 34.59 11.87
C GLY B 534 -1.42 34.35 10.42
N VAL B 535 -1.76 35.31 9.56
CA VAL B 535 -1.51 35.16 8.14
C VAL B 535 -0.03 35.40 7.89
N ASN B 536 0.52 34.58 7.01
CA ASN B 536 1.92 34.62 6.65
C ASN B 536 2.07 33.99 5.26
N MET B 537 1.79 34.79 4.20
CA MET B 537 1.58 34.30 2.84
C MET B 537 2.91 34.12 2.12
N ILE B 538 3.65 33.07 2.49
CA ILE B 538 4.86 32.68 1.78
C ILE B 538 4.46 31.59 0.79
N ALA B 539 4.96 31.69 -0.44
CA ALA B 539 4.75 30.68 -1.47
C ALA B 539 5.96 30.63 -2.42
N LEU B 540 5.98 29.59 -3.27
CA LEU B 540 6.99 29.46 -4.30
C LEU B 540 6.55 30.24 -5.54
N VAL B 541 7.38 31.22 -5.86
CA VAL B 541 7.30 32.02 -7.06
C VAL B 541 8.66 31.90 -7.76
N ASN B 542 8.66 31.44 -9.02
CA ASN B 542 9.87 30.95 -9.67
C ASN B 542 10.62 30.01 -8.74
N GLY B 543 9.86 29.08 -8.14
CA GLY B 543 10.36 28.17 -7.13
C GLY B 543 11.34 28.80 -6.13
N ARG B 544 11.13 30.06 -5.77
CA ARG B 544 11.82 30.64 -4.62
C ARG B 544 10.74 31.00 -3.62
N PRO B 545 10.99 30.92 -2.29
CA PRO B 545 10.01 31.40 -1.30
C PRO B 545 9.86 32.92 -1.30
N LYS B 546 8.64 33.42 -1.34
CA LYS B 546 8.45 34.86 -1.20
C LYS B 546 7.20 35.17 -0.39
N LEU B 547 7.33 36.16 0.49
CA LEU B 547 6.17 36.72 1.16
C LEU B 547 5.48 37.59 0.13
N ILE B 548 4.18 37.39 -0.04
CA ILE B 548 3.45 38.01 -1.12
C ILE B 548 2.16 38.58 -0.55
N ASN B 549 1.67 39.64 -1.19
CA ASN B 549 0.40 40.20 -0.77
C ASN B 549 -0.73 39.61 -1.63
N LEU B 550 -1.96 40.10 -1.42
CA LEU B 550 -3.15 39.59 -2.09
C LEU B 550 -3.00 39.82 -3.58
N LYS B 551 -2.51 40.99 -3.97
CA LYS B 551 -2.49 41.34 -5.38
C LYS B 551 -1.46 40.52 -6.15
N GLU B 552 -0.24 40.35 -5.62
CA GLU B 552 0.74 39.45 -6.22
C GLU B 552 0.21 38.03 -6.41
N ALA B 553 -0.56 37.54 -5.42
CA ALA B 553 -1.15 36.21 -5.51
C ALA B 553 -2.03 36.11 -6.76
N LEU B 554 -2.89 37.12 -6.98
CA LEU B 554 -3.77 37.14 -8.15
C LEU B 554 -3.03 37.40 -9.46
N VAL B 555 -1.99 38.23 -9.45
CA VAL B 555 -1.18 38.50 -10.64
C VAL B 555 -0.50 37.22 -11.12
N HIS B 556 0.20 36.52 -10.23
CA HIS B 556 0.91 35.29 -10.63
C HIS B 556 -0.10 34.26 -11.11
N TYR B 557 -1.30 34.25 -10.50
CA TYR B 557 -2.33 33.30 -10.87
C TYR B 557 -2.82 33.53 -12.29
N LEU B 558 -3.04 34.81 -12.63
CA LEU B 558 -3.55 35.23 -13.93
C LEU B 558 -2.45 35.04 -14.98
N GLU B 559 -1.19 35.32 -14.62
CA GLU B 559 -0.09 35.07 -15.55
C GLU B 559 -0.01 33.59 -15.91
N HIS B 560 -0.13 32.69 -14.94
CA HIS B 560 -0.26 31.25 -15.19
C HIS B 560 -1.40 30.96 -16.18
N GLN B 561 -2.65 31.36 -15.85
CA GLN B 561 -3.81 31.12 -16.71
C GLN B 561 -3.60 31.61 -18.15
N LYS B 562 -3.03 32.80 -18.33
CA LYS B 562 -2.75 33.29 -19.67
C LYS B 562 -1.87 32.28 -20.39
N THR B 563 -0.75 31.86 -19.78
CA THR B 563 0.17 30.93 -20.41
C THR B 563 -0.52 29.62 -20.76
N VAL B 564 -1.41 29.14 -19.87
CA VAL B 564 -2.04 27.85 -20.02
C VAL B 564 -3.01 27.94 -21.21
N VAL B 565 -3.80 29.02 -21.32
CA VAL B 565 -4.83 29.06 -22.35
C VAL B 565 -4.15 29.28 -23.71
N ARG B 566 -3.00 29.98 -23.73
CA ARG B 566 -2.19 30.15 -24.94
C ARG B 566 -1.56 28.83 -25.41
N ARG B 567 -0.87 28.14 -24.51
CA ARG B 567 -0.20 26.90 -24.87
C ARG B 567 -1.21 25.86 -25.33
N ARG B 568 -2.39 25.86 -24.73
CA ARG B 568 -3.46 24.91 -25.03
C ARG B 568 -4.02 25.17 -26.42
N THR B 569 -4.13 26.46 -26.73
CA THR B 569 -4.57 26.90 -28.04
C THR B 569 -3.49 26.59 -29.09
N GLN B 570 -2.20 26.88 -28.81
CA GLN B 570 -1.11 26.48 -29.69
C GLN B 570 -1.08 24.97 -29.92
N TYR B 571 -1.41 24.19 -28.88
CA TYR B 571 -1.33 22.74 -28.99
C TYR B 571 -2.46 22.28 -29.89
N ASN B 572 -3.68 22.75 -29.63
CA ASN B 572 -4.79 22.28 -30.45
C ASN B 572 -4.61 22.63 -31.93
N LEU B 573 -3.79 23.65 -32.24
CA LEU B 573 -3.49 24.12 -33.59
C LEU B 573 -2.56 23.12 -34.26
N ARG B 574 -1.39 22.88 -33.67
CA ARG B 574 -0.47 21.88 -34.23
C ARG B 574 -1.25 20.60 -34.51
N LYS B 575 -2.20 20.24 -33.64
CA LYS B 575 -2.76 18.91 -33.67
C LYS B 575 -3.83 18.80 -34.76
N ALA B 576 -4.66 19.84 -34.89
CA ALA B 576 -5.67 19.89 -35.93
C ALA B 576 -5.01 20.06 -37.31
N LYS B 577 -3.88 20.77 -37.37
CA LYS B 577 -3.05 20.85 -38.58
C LYS B 577 -2.45 19.49 -38.97
N ASP B 578 -1.91 18.74 -38.00
CA ASP B 578 -1.44 17.39 -38.26
C ASP B 578 -2.57 16.53 -38.83
N ARG B 579 -3.79 16.77 -38.35
CA ARG B 579 -4.88 15.86 -38.62
C ARG B 579 -5.51 16.19 -39.98
N ALA B 580 -5.54 17.48 -40.33
CA ALA B 580 -6.09 17.88 -41.62
C ALA B 580 -5.17 17.33 -42.70
N HIS B 581 -3.88 17.30 -42.39
CA HIS B 581 -2.85 16.77 -43.27
C HIS B 581 -3.16 15.32 -43.62
N ILE B 582 -3.57 14.53 -42.62
CA ILE B 582 -3.88 13.13 -42.86
C ILE B 582 -5.21 13.06 -43.61
N LEU B 583 -6.22 13.87 -43.24
CA LEU B 583 -7.48 13.84 -43.96
C LEU B 583 -7.26 14.27 -45.41
N GLU B 584 -6.22 15.08 -45.67
CA GLU B 584 -5.90 15.46 -47.05
C GLU B 584 -5.41 14.27 -47.87
N GLY B 585 -4.50 13.44 -47.31
CA GLY B 585 -4.10 12.19 -47.94
C GLY B 585 -5.29 11.26 -48.22
N LEU B 586 -6.22 11.12 -47.26
CA LEU B 586 -7.33 10.18 -47.35
C LEU B 586 -8.38 10.61 -48.37
N ARG B 587 -8.59 11.93 -48.54
CA ARG B 587 -9.52 12.44 -49.53
C ARG B 587 -8.93 12.27 -50.94
N ILE B 588 -7.61 12.30 -51.04
CA ILE B 588 -6.96 12.05 -52.32
C ILE B 588 -7.16 10.58 -52.66
N ALA B 589 -6.96 9.73 -51.66
CA ALA B 589 -7.19 8.31 -51.82
C ALA B 589 -8.58 8.05 -52.39
N LEU B 590 -9.61 8.64 -51.79
CA LEU B 590 -11.00 8.32 -52.09
C LEU B 590 -11.38 8.79 -53.49
N ASP B 591 -10.77 9.89 -53.91
CA ASP B 591 -10.95 10.42 -55.25
C ASP B 591 -10.23 9.58 -56.30
N HIS B 592 -9.26 8.75 -55.90
CA HIS B 592 -8.47 8.00 -56.88
C HIS B 592 -8.36 6.53 -56.45
N ILE B 593 -9.43 5.99 -55.85
CA ILE B 593 -9.36 4.73 -55.13
C ILE B 593 -8.88 3.62 -56.07
N ASP B 594 -9.38 3.57 -57.31
CA ASP B 594 -8.92 2.55 -58.26
C ASP B 594 -7.42 2.59 -58.45
N GLU B 595 -6.88 3.76 -58.81
CA GLU B 595 -5.44 3.91 -58.99
C GLU B 595 -4.70 3.66 -57.69
N ILE B 596 -5.33 3.94 -56.56
CA ILE B 596 -4.66 3.70 -55.29
C ILE B 596 -4.45 2.19 -55.12
N ILE B 597 -5.53 1.44 -55.32
CA ILE B 597 -5.52 -0.01 -55.20
C ILE B 597 -4.46 -0.56 -56.14
N SER B 598 -4.53 -0.14 -57.41
CA SER B 598 -3.54 -0.52 -58.40
C SER B 598 -2.12 -0.37 -57.87
N THR B 599 -1.78 0.77 -57.29
CA THR B 599 -0.38 1.04 -56.94
C THR B 599 0.10 0.02 -55.90
N ILE B 600 -0.78 -0.28 -54.92
CA ILE B 600 -0.44 -1.18 -53.83
C ILE B 600 -0.28 -2.60 -54.36
N ARG B 601 -1.28 -3.06 -55.14
CA ARG B 601 -1.31 -4.42 -55.68
C ARG B 601 -0.04 -4.73 -56.47
N GLU B 602 0.51 -3.73 -57.17
CA GLU B 602 1.65 -3.93 -58.06
C GLU B 602 2.95 -3.73 -57.29
N SER B 603 2.90 -3.82 -55.95
CA SER B 603 4.06 -3.62 -55.12
C SER B 603 4.29 -4.87 -54.29
N ASP B 604 5.56 -5.30 -54.18
CA ASP B 604 5.92 -6.46 -53.38
C ASP B 604 5.86 -6.15 -51.89
N THR B 605 6.69 -5.20 -51.44
CA THR B 605 6.88 -4.89 -50.04
C THR B 605 5.86 -3.82 -49.62
N ASP B 606 5.89 -3.42 -48.34
CA ASP B 606 5.16 -2.24 -47.88
C ASP B 606 6.00 -1.01 -48.17
N LYS B 607 7.32 -1.17 -48.22
CA LYS B 607 8.29 -0.12 -48.51
C LYS B 607 8.14 0.41 -49.94
N VAL B 608 7.82 -0.46 -50.88
CA VAL B 608 7.71 -0.08 -52.27
C VAL B 608 6.40 0.68 -52.47
N ALA B 609 5.33 0.17 -51.87
CA ALA B 609 4.02 0.82 -51.90
C ALA B 609 4.09 2.25 -51.38
N MET B 610 4.75 2.41 -50.23
CA MET B 610 4.89 3.71 -49.60
C MET B 610 5.54 4.67 -50.57
N GLU B 611 6.62 4.23 -51.25
CA GLU B 611 7.37 5.06 -52.18
C GLU B 611 6.54 5.37 -53.41
N SER B 612 5.78 4.36 -53.88
CA SER B 612 4.99 4.48 -55.08
C SER B 612 3.85 5.47 -54.88
N LEU B 613 3.21 5.46 -53.68
CA LEU B 613 2.08 6.34 -53.36
C LEU B 613 2.53 7.79 -53.13
N GLN B 614 3.72 7.99 -52.54
CA GLN B 614 4.33 9.31 -52.40
C GLN B 614 4.57 9.92 -53.78
N GLN B 615 5.28 9.18 -54.66
CA GLN B 615 5.58 9.63 -56.00
C GLN B 615 4.30 9.79 -56.83
N ARG B 616 3.51 8.74 -56.97
CA ARG B 616 2.38 8.83 -57.88
C ARG B 616 1.52 10.01 -57.47
N PHE B 617 1.15 10.15 -56.19
CA PHE B 617 0.11 11.10 -55.82
C PHE B 617 0.62 12.28 -54.99
N LYS B 618 1.95 12.46 -54.96
CA LYS B 618 2.59 13.59 -54.31
C LYS B 618 2.28 13.60 -52.82
N LEU B 619 2.13 12.42 -52.21
CA LEU B 619 1.80 12.32 -50.79
C LEU B 619 3.07 12.34 -49.96
N SER B 620 2.96 12.85 -48.72
CA SER B 620 4.00 12.71 -47.69
C SER B 620 4.04 11.28 -47.14
N GLU B 621 5.14 10.96 -46.45
CA GLU B 621 5.26 9.68 -45.80
C GLU B 621 4.09 9.41 -44.86
N LYS B 622 3.69 10.43 -44.09
CA LYS B 622 2.63 10.24 -43.11
C LYS B 622 1.29 10.03 -43.80
N GLN B 623 1.08 10.68 -44.93
CA GLN B 623 -0.16 10.46 -45.65
C GLN B 623 -0.16 9.05 -46.24
N ALA B 624 0.97 8.71 -46.88
CA ALA B 624 1.10 7.40 -47.49
C ALA B 624 0.81 6.32 -46.46
N GLN B 625 1.33 6.50 -45.25
CA GLN B 625 1.20 5.49 -44.21
C GLN B 625 -0.25 5.41 -43.73
N ALA B 626 -0.97 6.54 -43.71
CA ALA B 626 -2.33 6.57 -43.19
C ALA B 626 -3.31 5.95 -44.18
N ILE B 627 -2.94 6.06 -45.46
CA ILE B 627 -3.65 5.38 -46.54
C ILE B 627 -3.40 3.87 -46.50
N LEU B 628 -2.15 3.44 -46.31
CA LEU B 628 -1.86 2.03 -46.14
C LEU B 628 -2.56 1.48 -44.89
N ASP B 629 -2.92 2.34 -43.92
CA ASP B 629 -3.51 1.86 -42.68
C ASP B 629 -5.03 1.84 -42.77
N MET B 630 -5.59 2.54 -43.76
CA MET B 630 -7.03 2.57 -43.91
C MET B 630 -7.55 1.13 -43.97
N ARG B 631 -8.55 0.78 -43.15
CA ARG B 631 -9.28 -0.47 -43.32
C ARG B 631 -10.34 -0.33 -44.42
N LEU B 632 -10.78 -1.47 -44.95
CA LEU B 632 -11.65 -1.47 -46.11
C LEU B 632 -13.02 -0.90 -45.76
N ARG B 633 -13.47 -1.05 -44.51
CA ARG B 633 -14.81 -0.61 -44.13
C ARG B 633 -14.95 0.91 -44.29
N ARG B 634 -13.82 1.61 -44.45
CA ARG B 634 -13.79 3.06 -44.53
C ARG B 634 -14.11 3.55 -45.94
N LEU B 635 -14.45 2.62 -46.84
CA LEU B 635 -14.84 2.97 -48.19
C LEU B 635 -16.35 2.88 -48.32
N THR B 636 -17.08 2.54 -47.25
CA THR B 636 -18.54 2.54 -47.30
C THR B 636 -19.04 3.97 -47.42
N GLY B 637 -20.35 4.10 -47.71
CA GLY B 637 -21.00 5.39 -47.90
C GLY B 637 -20.74 6.33 -46.73
N LEU B 638 -21.12 5.90 -45.50
CA LEU B 638 -21.05 6.75 -44.32
C LEU B 638 -19.60 7.08 -43.95
N GLU B 639 -18.68 6.15 -44.20
CA GLU B 639 -17.28 6.34 -43.83
C GLU B 639 -16.58 7.35 -44.74
N ARG B 640 -16.99 7.40 -46.01
CA ARG B 640 -16.52 8.39 -46.94
C ARG B 640 -17.02 9.78 -46.50
N ASP B 641 -18.29 9.88 -46.09
CA ASP B 641 -18.84 11.15 -45.62
C ASP B 641 -18.12 11.68 -44.39
N LYS B 642 -17.84 10.79 -43.43
CA LYS B 642 -17.24 11.19 -42.17
C LYS B 642 -15.90 11.87 -42.39
N ILE B 643 -15.13 11.38 -43.37
CA ILE B 643 -13.81 11.91 -43.66
C ILE B 643 -13.93 13.35 -44.19
N GLU B 644 -14.91 13.59 -45.06
CA GLU B 644 -15.16 14.93 -45.60
C GLU B 644 -15.68 15.83 -44.47
N ALA B 645 -16.66 15.34 -43.70
CA ALA B 645 -17.23 16.04 -42.55
C ALA B 645 -16.16 16.39 -41.51
N GLU B 646 -15.35 15.40 -41.07
CA GLU B 646 -14.33 15.66 -40.06
C GLU B 646 -13.40 16.74 -40.59
N TYR B 647 -13.08 16.70 -41.89
CA TYR B 647 -12.16 17.65 -42.52
C TYR B 647 -12.72 19.08 -42.57
N ASN B 648 -14.01 19.22 -42.88
CA ASN B 648 -14.64 20.52 -42.99
C ASN B 648 -14.87 21.17 -41.63
N GLU B 649 -15.23 20.37 -40.62
CA GLU B 649 -15.35 20.85 -39.25
C GLU B 649 -13.98 21.36 -38.77
N LEU B 650 -12.91 20.69 -39.20
CA LEU B 650 -11.55 20.91 -38.70
C LEU B 650 -10.91 22.18 -39.29
N LEU B 651 -11.30 22.53 -40.53
CA LEU B 651 -10.79 23.76 -41.12
C LEU B 651 -11.37 24.94 -40.36
N ASN B 652 -12.67 24.86 -40.10
CA ASN B 652 -13.41 25.84 -39.34
C ASN B 652 -12.70 26.05 -37.99
N TYR B 653 -12.43 24.95 -37.28
CA TYR B 653 -11.76 25.01 -35.98
C TYR B 653 -10.35 25.61 -36.14
N ILE B 654 -9.63 25.27 -37.22
CA ILE B 654 -8.26 25.72 -37.33
C ILE B 654 -8.27 27.25 -37.37
N SER B 655 -9.28 27.86 -38.00
CA SER B 655 -9.22 29.30 -38.21
C SER B 655 -9.69 30.02 -36.95
N GLU B 656 -10.65 29.43 -36.20
CA GLU B 656 -10.98 29.90 -34.86
C GLU B 656 -9.73 30.02 -33.98
N LEU B 657 -8.90 28.95 -33.97
CA LEU B 657 -7.68 28.92 -33.16
C LEU B 657 -6.73 30.03 -33.60
N GLU B 658 -6.62 30.27 -34.91
CA GLU B 658 -5.69 31.24 -35.43
C GLU B 658 -6.13 32.65 -34.99
N THR B 659 -7.45 32.87 -34.85
CA THR B 659 -7.98 34.13 -34.37
C THR B 659 -7.42 34.45 -32.99
N ILE B 660 -7.45 33.44 -32.12
CA ILE B 660 -7.12 33.63 -30.72
C ILE B 660 -5.66 34.03 -30.59
N LEU B 661 -4.76 33.39 -31.37
CA LEU B 661 -3.32 33.54 -31.27
C LEU B 661 -2.81 34.85 -31.87
N ALA B 662 -3.57 35.45 -32.79
CA ALA B 662 -3.13 36.65 -33.49
C ALA B 662 -3.53 37.93 -32.74
N ASP B 663 -4.28 37.78 -31.62
CA ASP B 663 -4.97 38.87 -30.95
C ASP B 663 -4.95 38.65 -29.43
N GLU B 664 -4.05 39.37 -28.75
CA GLU B 664 -3.88 39.27 -27.30
C GLU B 664 -5.18 39.51 -26.54
N GLU B 665 -6.07 40.37 -27.04
CA GLU B 665 -7.28 40.70 -26.32
C GLU B 665 -8.33 39.59 -26.42
N VAL B 666 -8.36 38.83 -27.53
CA VAL B 666 -9.34 37.75 -27.65
C VAL B 666 -8.94 36.62 -26.70
N LEU B 667 -7.62 36.37 -26.59
CA LEU B 667 -7.08 35.37 -25.67
C LEU B 667 -7.47 35.68 -24.24
N LEU B 668 -7.11 36.87 -23.78
CA LEU B 668 -7.45 37.30 -22.43
C LEU B 668 -8.97 37.24 -22.23
N GLN B 669 -9.74 37.57 -23.27
CA GLN B 669 -11.18 37.48 -23.15
C GLN B 669 -11.62 36.02 -22.98
N LEU B 670 -10.87 35.09 -23.55
CA LEU B 670 -11.16 33.67 -23.40
C LEU B 670 -10.91 33.26 -21.94
N VAL B 671 -9.78 33.76 -21.39
CA VAL B 671 -9.41 33.50 -20.01
C VAL B 671 -10.57 33.94 -19.14
N ARG B 672 -11.12 35.12 -19.41
CA ARG B 672 -12.25 35.58 -18.61
C ARG B 672 -13.46 34.66 -18.75
N ASP B 673 -13.82 34.30 -19.99
CA ASP B 673 -15.07 33.58 -20.20
C ASP B 673 -14.99 32.24 -19.48
N GLU B 674 -13.78 31.66 -19.45
CA GLU B 674 -13.55 30.36 -18.82
C GLU B 674 -13.65 30.47 -17.28
N LEU B 675 -12.87 31.38 -16.69
CA LEU B 675 -13.05 31.71 -15.29
C LEU B 675 -14.54 31.89 -14.99
N THR B 676 -15.26 32.71 -15.78
CA THR B 676 -16.66 33.00 -15.47
C THR B 676 -17.46 31.72 -15.41
N GLU B 677 -17.26 30.81 -16.36
CA GLU B 677 -18.02 29.55 -16.38
C GLU B 677 -17.78 28.77 -15.08
N ILE B 678 -16.52 28.73 -14.60
CA ILE B 678 -16.15 28.02 -13.39
C ILE B 678 -16.82 28.68 -12.19
N ARG B 679 -16.86 30.00 -12.20
CA ARG B 679 -17.52 30.74 -11.15
C ARG B 679 -19.00 30.38 -11.12
N ASP B 680 -19.60 30.17 -12.29
CA ASP B 680 -21.03 29.89 -12.36
C ASP B 680 -21.33 28.49 -11.85
N ARG B 681 -20.42 27.53 -12.04
CA ARG B 681 -20.73 26.13 -11.76
C ARG B 681 -20.35 25.78 -10.33
N PHE B 682 -19.21 26.29 -9.85
CA PHE B 682 -18.65 25.96 -8.55
C PHE B 682 -18.75 27.06 -7.50
N GLY B 683 -19.11 28.29 -7.89
CA GLY B 683 -19.30 29.38 -6.94
C GLY B 683 -20.41 29.06 -5.94
N ASP B 684 -20.32 29.65 -4.74
CA ASP B 684 -21.20 29.34 -3.62
C ASP B 684 -21.22 30.50 -2.62
N ASP B 685 -22.12 30.40 -1.63
CA ASP B 685 -22.24 31.45 -0.63
C ASP B 685 -21.02 31.53 0.30
N ARG B 686 -20.76 32.76 0.77
CA ARG B 686 -19.83 32.99 1.86
C ARG B 686 -20.38 32.28 3.09
N ARG B 687 -19.46 31.68 3.85
CA ARG B 687 -19.87 30.99 5.05
C ARG B 687 -19.53 31.82 6.28
N THR B 688 -18.32 32.37 6.32
CA THR B 688 -17.82 33.17 7.42
C THR B 688 -18.37 34.61 7.34
N GLU B 689 -18.98 35.08 8.43
CA GLU B 689 -19.51 36.43 8.49
C GLU B 689 -18.45 37.37 9.06
N ILE B 690 -18.15 38.47 8.37
CA ILE B 690 -17.16 39.42 8.84
C ILE B 690 -17.86 40.58 9.54
N GLN B 691 -17.65 40.74 10.85
CA GLN B 691 -18.31 41.76 11.65
C GLN B 691 -17.37 42.93 11.91
N LEU B 692 -17.94 44.14 12.08
CA LEU B 692 -17.17 45.37 12.28
C LEU B 692 -16.34 45.33 13.56
MN MN E . -12.59 -6.31 10.53
MN MN F . 15.49 6.90 5.85
N1 A1BVQ G . -0.03 -0.36 2.11
N1 A1BVQ G . 0.66 0.64 2.60
N3 A1BVQ G . 3.74 -0.70 16.27
N3 A1BVQ G . 1.40 0.63 17.30
C4 A1BVQ G . 3.05 1.38 1.33
C4 A1BVQ G . -2.57 -1.05 2.66
C5 A1BVQ G . 1.77 0.85 1.24
C5 A1BVQ G . -1.37 -0.52 2.23
C6 A1BVQ G . 1.25 0.14 2.29
C6 A1BVQ G . -0.54 0.15 3.10
C7 A1BVQ G . 2.01 -0.05 3.46
C7 A1BVQ G . -0.91 0.33 4.44
C8 A1BVQ G . 0.28 -0.10 -0.33
C8 A1BVQ G . -0.05 0.14 0.29
C10 A1BVQ G . 3.74 0.21 7.21
C10 A1BVQ G . -1.90 0.28 8.57
C13 A1BVQ G . 4.37 0.31 11.14
C13 A1BVQ G . -0.49 0.84 12.51
C15 A1BVQ G . 3.30 -0.14 13.51
C15 A1BVQ G . 1.09 0.41 14.51
C17 A1BVQ G . 4.77 -0.70 15.37
C17 A1BVQ G . 0.18 0.67 16.75
C20 A1BVQ G . 0.25 0.79 16.06
C20 A1BVQ G . 4.74 -0.07 16.14
C21 A1BVQ G . -0.17 0.76 14.86
C21 A1BVQ G . 4.87 0.05 14.81
C22 A1BVQ G . -2.20 1.05 13.29
C22 A1BVQ G . 6.17 -0.85 12.83
C24 A1BVQ G . 2.21 -0.15 14.46
C24 A1BVQ G . 2.38 0.38 15.08
O3 A1BVQ G . -1.44 -1.43 0.66
O3 A1BVQ G . 1.85 1.36 0.83
C9 A1BVQ G . -0.47 -0.69 0.87
C9 A1BVQ G . 0.89 0.76 1.28
O2 A1BVQ G . 1.03 1.03 0.10
O2 A1BVQ G . -1.01 -0.71 0.93
C3 A1BVQ G . 3.82 1.21 2.47
C3 A1BVQ G . -2.94 -0.89 3.97
C2 A1BVQ G . 3.31 0.46 3.53
C2 A1BVQ G . -2.14 -0.18 4.84
C1 A1BVQ G . 4.14 0.32 4.76
C1 A1BVQ G . -2.64 -0.09 6.25
O1 A1BVQ G . 5.40 0.35 4.73
O1 A1BVQ G . -3.83 -0.34 6.49
N2 A1BVQ G . 3.35 0.24 5.82
N2 A1BVQ G . -1.70 0.22 7.12
C25 A1BVQ G . 5.00 -0.56 7.51
C25 A1BVQ G . -1.89 1.70 9.11
O6 A1BVQ G . 5.22 -0.10 8.84
O6 A1BVQ G . -1.75 1.61 10.53
C12 A1BVQ G . 4.15 -0.37 9.78
C12 A1BVQ G . -0.55 0.93 10.97
O4 A1BVQ G . 2.85 0.03 9.34
O4 A1BVQ G . -0.53 -0.41 10.47
C11 A1BVQ G . 2.60 -0.39 8.00
C11 A1BVQ G . -0.66 -0.48 9.05
C14 A1BVQ G . 3.09 0.17 11.99
C14 A1BVQ G . 0.90 0.33 13.01
C23 A1BVQ G . 0.81 0.27 13.99
C23 A1BVQ G . 3.64 0.21 14.25
O5 A1BVQ G . -1.49 1.33 14.51
O5 A1BVQ G . 6.15 -0.09 14.03
C19 A1BVQ G . 1.44 -0.12 16.73
C19 A1BVQ G . 3.70 0.50 16.79
C18 A1BVQ G . 2.50 -0.41 15.82
C18 A1BVQ G . 2.46 0.47 16.48
C16 A1BVQ G . 4.58 -0.43 13.99
C16 A1BVQ G . 0.00 0.56 15.36
#